data_6DKS
#
_entry.id   6DKS
#
_cell.length_a   54.450
_cell.length_b   231.570
_cell.length_c   90.260
_cell.angle_alpha   90.00
_cell.angle_beta   99.88
_cell.angle_gamma   90.00
#
_symmetry.space_group_name_H-M   'P 1 21 1'
#
loop_
_entity.id
_entity.type
_entity.pdbx_description
1 polymer "DNA (5'-D(*AP*AP*TP*CP*TP*TP*TP*CP*CP*CP*AP*CP*AP*GP*T)-3')"
2 polymer "DNA (5'-D(*TP*TP*AP*CP*TP*GP*TP*GP*GP*GP*AP*AP*AP*GP*A)-3')"
3 polymer 'Recombining binding protein suppressor of hairless'
4 polymer 'Maltose/maltodextrin-binding periplasmic protein'
5 branched alpha-D-glucopyranose-(1-4)-alpha-D-glucopyranose
#
loop_
_entity_poly.entity_id
_entity_poly.type
_entity_poly.pdbx_seq_one_letter_code
_entity_poly.pdbx_strand_id
1 'polydeoxyribonucleotide' (DA)(DA)(DT)(DC)(DT)(DT)(DT)(DC)(DC)(DC)(DA)(DC)(DA)(DG)(DT) A,E
2 'polydeoxyribonucleotide' (DT)(DT)(DA)(DC)(DT)(DG)(DT)(DG)(DG)(DG)(DA)(DA)(DA)(DG)(DA) B,F
3 'polypeptide(L)'
;PPKRLTREAMRNYLKERGDQTVLILHAKVAQKSYGNEKRFFCPPPCVYLMGSGWKKKKEQMERDGCSEQESQPCAFIGIG
NSDQEMQQLNLEGKNYCTAKTLYISDSDKRKHFMLSVKMFYGNSDDIGVFLSKRIKVISKPSKKKQSLKNADLCIASGTK
VALFNRLRSQTVSTRYLHVEGGNFHASSQQWGAFYIHLLDDDESEGEEFTVRDGYIHYGQTVKLVCSVTGMALPRLIIRK
VDKQTALLDADDPVSQLHKCAFYLKDTERMYLCLSQERIIQFQATPCPKEQNKEMINDGASWTIISTDKAEYTFYEGMGP
VLAPVTPVPVVESLQLNGGGDVAMLELTGQNFTPNLRVWFGDVEAETMYRCGESMLCVVPDISAFREGWRWVRQPVQVPV
TLVRNDGVIYSTSLTFTYTPEP
;
C,G
4 'polypeptide(L)'
;IEEGKLVIWINGDKGYNGLAEVGKKFEKDTGIKVTVEHPDKLEEKFPQVAATGDGPDIIFWAHDRFGGYAQSGLLAEITP
DKAFQDKLYPFTWDAVRYNGKLIAYPIAVEALSLIYNKDLLPNPPKTWEEIPALDKELKAKGKSALMFNLQEPYFTWPLI
AADGGYAFKYENGKYDIKDVGVDNAGAKAGLTFLVDLIKNKHMNADTDYSIAEAAFNKGETAMTINGPWAWSNIDTSKVN
YGVTVLPTFKGQPSKPFVGVLSAGINAASPNKELAKEFLENYLLTDEGLEAVNKDKPLGAVALKSYEEELAKDPRIAATM
ENAQKGEIMPNIPQMSAFWYAVRTAVINAASGRQTVDEALKDAQTNAAAGAGLRVNTSEGVVLLSYSGQKTEGPQRISAK
ISQIPPA
;
D,H
#
loop_
_chem_comp.id
_chem_comp.type
_chem_comp.name
_chem_comp.formula
DA DNA linking 2'-DEOXYADENOSINE-5'-MONOPHOSPHATE 'C10 H14 N5 O6 P'
DC DNA linking 2'-DEOXYCYTIDINE-5'-MONOPHOSPHATE 'C9 H14 N3 O7 P'
DG DNA linking 2'-DEOXYGUANOSINE-5'-MONOPHOSPHATE 'C10 H14 N5 O7 P'
DT DNA linking THYMIDINE-5'-MONOPHOSPHATE 'C10 H15 N2 O8 P'
GLC D-saccharide, alpha linking alpha-D-glucopyranose 'C6 H12 O6'
#
# COMPACT_ATOMS: atom_id res chain seq x y z
N PRO C 1 -26.08 -41.11 -23.61
CA PRO C 1 -26.37 -39.84 -22.91
C PRO C 1 -25.30 -38.77 -23.12
N PRO C 2 -25.67 -37.47 -23.20
CA PRO C 2 -24.66 -36.41 -23.40
C PRO C 2 -23.82 -36.17 -22.17
N LYS C 3 -22.52 -35.93 -22.39
CA LYS C 3 -21.56 -35.69 -21.31
C LYS C 3 -21.10 -34.25 -21.34
N ARG C 4 -21.11 -33.60 -20.17
CA ARG C 4 -20.61 -32.24 -20.03
C ARG C 4 -19.07 -32.28 -20.07
N LEU C 5 -18.44 -31.27 -20.67
CA LEU C 5 -16.98 -31.20 -20.81
C LEU C 5 -16.29 -31.14 -19.45
N THR C 6 -15.25 -31.98 -19.28
CA THR C 6 -14.44 -32.04 -18.08
C THR C 6 -13.20 -31.16 -18.25
N ARG C 7 -12.59 -30.76 -17.14
CA ARG C 7 -11.39 -29.91 -17.12
C ARG C 7 -10.22 -30.59 -17.77
N GLU C 8 -10.09 -31.93 -17.59
CA GLU C 8 -9.04 -32.75 -18.19
C GLU C 8 -9.21 -32.70 -19.71
N ALA C 9 -10.43 -33.00 -20.20
CA ALA C 9 -10.80 -32.97 -21.61
C ALA C 9 -10.52 -31.60 -22.24
N MET C 10 -10.83 -30.51 -21.51
CA MET C 10 -10.57 -29.13 -21.95
C MET C 10 -9.06 -28.86 -22.04
N ARG C 11 -8.29 -29.32 -21.04
CA ARG C 11 -6.84 -29.16 -20.99
C ARG C 11 -6.18 -29.81 -22.20
N ASN C 12 -6.65 -31.00 -22.58
CA ASN C 12 -6.15 -31.75 -23.74
C ASN C 12 -6.46 -30.99 -25.03
N TYR C 13 -7.72 -30.50 -25.18
CA TYR C 13 -8.10 -29.74 -26.35
C TYR C 13 -7.24 -28.47 -26.53
N LEU C 14 -7.02 -27.71 -25.44
CA LEU C 14 -6.26 -26.47 -25.51
C LEU C 14 -4.82 -26.71 -25.94
N LYS C 15 -4.25 -27.88 -25.64
CA LYS C 15 -2.90 -28.27 -26.02
C LYS C 15 -2.81 -28.67 -27.51
N GLU C 16 -3.80 -29.47 -27.99
CA GLU C 16 -3.84 -30.01 -29.35
C GLU C 16 -4.45 -29.05 -30.38
N ARG C 17 -5.71 -28.62 -30.19
CA ARG C 17 -6.44 -27.73 -31.11
C ARG C 17 -6.78 -28.41 -32.45
N GLY C 18 -7.11 -29.70 -32.38
CA GLY C 18 -7.51 -30.47 -33.54
C GLY C 18 -8.95 -30.18 -33.93
N ASP C 19 -9.23 -28.90 -34.23
CA ASP C 19 -10.55 -28.38 -34.60
C ASP C 19 -10.99 -28.76 -36.01
N GLN C 20 -12.30 -28.64 -36.25
CA GLN C 20 -12.93 -28.82 -37.53
C GLN C 20 -13.48 -27.44 -37.92
N THR C 21 -12.93 -26.85 -38.97
CA THR C 21 -13.36 -25.54 -39.46
C THR C 21 -14.08 -25.67 -40.81
N VAL C 22 -15.15 -24.87 -40.99
CA VAL C 22 -15.95 -24.78 -42.20
C VAL C 22 -15.89 -23.32 -42.64
N LEU C 23 -15.41 -23.09 -43.86
CA LEU C 23 -15.27 -21.79 -44.48
C LEU C 23 -16.18 -21.65 -45.66
N ILE C 24 -16.93 -20.55 -45.73
CA ILE C 24 -17.79 -20.25 -46.87
C ILE C 24 -17.32 -18.93 -47.42
N LEU C 25 -16.63 -18.99 -48.58
CA LEU C 25 -16.08 -17.84 -49.27
C LEU C 25 -17.02 -17.51 -50.42
N HIS C 26 -17.50 -16.26 -50.45
CA HIS C 26 -18.48 -15.82 -51.44
C HIS C 26 -18.36 -14.32 -51.68
N ALA C 27 -19.09 -13.84 -52.69
CA ALA C 27 -19.16 -12.43 -53.05
C ALA C 27 -20.24 -11.76 -52.19
N LYS C 28 -20.04 -10.46 -51.88
CA LYS C 28 -20.95 -9.65 -51.08
C LYS C 28 -22.25 -9.31 -51.82
N VAL C 29 -22.23 -9.38 -53.16
CA VAL C 29 -23.39 -9.07 -54.01
C VAL C 29 -23.68 -10.19 -55.02
N ALA C 30 -24.92 -10.24 -55.54
CA ALA C 30 -25.37 -11.19 -56.55
C ALA C 30 -26.31 -10.49 -57.51
N GLN C 31 -26.11 -10.70 -58.83
CA GLN C 31 -26.93 -10.09 -59.86
C GLN C 31 -28.21 -10.91 -60.10
N LYS C 32 -29.36 -10.22 -60.13
CA LYS C 32 -30.67 -10.83 -60.34
C LYS C 32 -30.80 -11.41 -61.73
N SER C 33 -31.51 -12.54 -61.83
CA SER C 33 -31.82 -13.21 -63.09
C SER C 33 -33.26 -12.88 -63.40
N TYR C 34 -33.51 -12.34 -64.61
CA TYR C 34 -34.85 -11.98 -65.08
C TYR C 34 -35.37 -13.07 -66.00
N GLY C 35 -36.69 -13.14 -66.16
CA GLY C 35 -37.37 -14.12 -67.00
C GLY C 35 -36.99 -15.55 -66.66
N ASN C 36 -36.59 -16.32 -67.69
CA ASN C 36 -36.15 -17.70 -67.53
C ASN C 36 -34.62 -17.84 -67.59
N GLU C 37 -33.91 -16.70 -67.63
CA GLU C 37 -32.45 -16.67 -67.69
C GLU C 37 -31.82 -17.10 -66.35
N LYS C 38 -30.61 -17.68 -66.42
CA LYS C 38 -29.85 -18.14 -65.26
C LYS C 38 -28.52 -17.42 -65.21
N ARG C 39 -28.41 -16.38 -64.36
CA ARG C 39 -27.18 -15.60 -64.19
C ARG C 39 -26.48 -16.13 -62.94
N PHE C 40 -25.50 -17.03 -63.16
CA PHE C 40 -24.77 -17.69 -62.07
C PHE C 40 -23.91 -16.76 -61.24
N PHE C 41 -23.90 -16.98 -59.91
CA PHE C 41 -23.10 -16.20 -58.98
C PHE C 41 -21.63 -16.36 -59.30
N CYS C 42 -20.94 -15.25 -59.54
CA CYS C 42 -19.54 -15.27 -59.89
C CYS C 42 -18.75 -14.34 -58.95
N PRO C 43 -17.62 -14.79 -58.37
CA PRO C 43 -17.02 -16.13 -58.49
C PRO C 43 -17.88 -17.19 -57.78
N PRO C 44 -17.74 -18.49 -58.08
CA PRO C 44 -18.61 -19.48 -57.44
C PRO C 44 -18.38 -19.57 -55.92
N PRO C 45 -19.45 -19.55 -55.10
CA PRO C 45 -19.27 -19.70 -53.65
C PRO C 45 -18.49 -20.98 -53.35
N CYS C 46 -17.46 -20.84 -52.51
CA CYS C 46 -16.57 -21.93 -52.15
C CYS C 46 -16.79 -22.41 -50.71
N VAL C 47 -16.68 -23.72 -50.51
CA VAL C 47 -16.79 -24.32 -49.18
C VAL C 47 -15.48 -25.05 -48.92
N TYR C 48 -14.73 -24.60 -47.89
CA TYR C 48 -13.44 -25.16 -47.50
C TYR C 48 -13.55 -25.81 -46.13
N LEU C 49 -12.90 -26.96 -45.98
CA LEU C 49 -12.82 -27.68 -44.71
C LEU C 49 -11.38 -27.59 -44.22
N MET C 50 -11.13 -26.78 -43.18
CA MET C 50 -9.81 -26.55 -42.57
C MET C 50 -9.74 -27.25 -41.22
N GLY C 51 -8.53 -27.51 -40.76
CA GLY C 51 -8.28 -28.12 -39.46
C GLY C 51 -7.97 -29.60 -39.47
N SER C 52 -7.15 -30.04 -38.48
CA SER C 52 -6.76 -31.44 -38.31
C SER C 52 -7.88 -32.34 -37.72
N GLY C 53 -8.99 -31.71 -37.31
CA GLY C 53 -10.15 -32.41 -36.78
C GLY C 53 -10.81 -33.33 -37.79
N TRP C 54 -10.90 -32.90 -39.07
CA TRP C 54 -11.50 -33.68 -40.16
C TRP C 54 -10.85 -35.05 -40.29
N LYS C 55 -9.50 -35.10 -40.35
CA LYS C 55 -8.74 -36.35 -40.44
C LYS C 55 -8.93 -37.19 -39.17
N LYS C 56 -8.99 -36.53 -37.98
CA LYS C 56 -9.19 -37.20 -36.70
C LYS C 56 -10.55 -37.89 -36.68
N LYS C 57 -11.61 -37.15 -37.13
CA LYS C 57 -12.97 -37.67 -37.21
C LYS C 57 -13.06 -38.82 -38.20
N LYS C 58 -12.38 -38.71 -39.37
CA LYS C 58 -12.34 -39.74 -40.41
C LYS C 58 -11.78 -41.01 -39.83
N GLU C 59 -10.62 -40.91 -39.13
CA GLU C 59 -9.91 -42.03 -38.51
C GLU C 59 -10.71 -42.67 -37.38
N GLN C 60 -11.48 -41.88 -36.63
CA GLN C 60 -12.34 -42.36 -35.54
C GLN C 60 -13.51 -43.17 -36.11
N MET C 61 -14.19 -42.60 -37.11
CA MET C 61 -15.33 -43.20 -37.79
C MET C 61 -14.95 -44.52 -38.46
N GLU C 62 -13.74 -44.58 -39.05
CA GLU C 62 -13.22 -45.78 -39.71
C GLU C 62 -12.85 -46.90 -38.71
N ARG C 63 -12.55 -46.53 -37.44
CA ARG C 63 -12.29 -47.48 -36.35
C ARG C 63 -13.64 -48.05 -35.88
N ASP C 64 -14.75 -47.41 -36.29
CA ASP C 64 -16.12 -47.83 -35.98
C ASP C 64 -16.70 -48.70 -37.10
N GLY C 65 -15.89 -48.95 -38.12
CA GLY C 65 -16.25 -49.79 -39.26
C GLY C 65 -16.70 -49.08 -40.53
N CYS C 66 -16.71 -47.73 -40.52
CA CYS C 66 -17.11 -46.94 -41.70
C CYS C 66 -16.15 -47.11 -42.86
N SER C 67 -16.70 -47.10 -44.07
CA SER C 67 -15.96 -47.15 -45.32
C SER C 67 -15.52 -45.69 -45.61
N GLU C 68 -14.69 -45.47 -46.67
CA GLU C 68 -14.29 -44.11 -47.02
C GLU C 68 -15.49 -43.28 -47.46
N GLN C 69 -16.50 -43.90 -48.11
CA GLN C 69 -17.73 -43.21 -48.54
C GLN C 69 -18.56 -42.78 -47.34
N GLU C 70 -18.67 -43.67 -46.32
CA GLU C 70 -19.42 -43.43 -45.09
C GLU C 70 -18.80 -42.34 -44.20
N SER C 71 -17.45 -42.26 -44.18
CA SER C 71 -16.71 -41.28 -43.37
C SER C 71 -16.52 -39.94 -44.09
N GLN C 72 -16.80 -39.90 -45.40
CA GLN C 72 -16.62 -38.72 -46.25
C GLN C 72 -17.60 -37.59 -45.94
N PRO C 73 -17.12 -36.38 -45.58
CA PRO C 73 -18.05 -35.27 -45.39
C PRO C 73 -18.73 -34.90 -46.72
N CYS C 74 -20.05 -34.74 -46.67
CA CYS C 74 -20.93 -34.37 -47.78
C CYS C 74 -21.50 -33.02 -47.49
N ALA C 75 -21.71 -32.21 -48.53
CA ALA C 75 -22.28 -30.88 -48.39
C ALA C 75 -23.22 -30.53 -49.54
N PHE C 76 -24.28 -29.80 -49.21
CA PHE C 76 -25.27 -29.27 -50.14
C PHE C 76 -25.35 -27.79 -49.92
N ILE C 77 -25.48 -27.01 -50.98
CA ILE C 77 -25.55 -25.56 -50.91
C ILE C 77 -26.77 -25.06 -51.63
N GLY C 78 -27.39 -24.06 -51.04
CA GLY C 78 -28.55 -23.39 -51.60
C GLY C 78 -28.76 -22.05 -50.95
N ILE C 79 -29.85 -21.40 -51.29
CA ILE C 79 -30.23 -20.13 -50.69
C ILE C 79 -31.34 -20.51 -49.66
N GLY C 80 -31.77 -19.57 -48.82
CA GLY C 80 -32.81 -19.84 -47.83
C GLY C 80 -34.21 -19.86 -48.40
N ASN C 81 -34.47 -20.71 -49.43
CA ASN C 81 -35.75 -20.81 -50.14
C ASN C 81 -36.30 -22.24 -50.26
N SER C 82 -37.59 -22.41 -49.87
CA SER C 82 -38.34 -23.67 -49.92
C SER C 82 -39.14 -23.78 -51.23
N ASP C 83 -38.42 -23.62 -52.35
CA ASP C 83 -38.89 -23.67 -53.74
C ASP C 83 -37.71 -23.98 -54.68
N GLN C 84 -36.49 -23.53 -54.29
CA GLN C 84 -35.25 -23.76 -55.05
C GLN C 84 -34.54 -24.99 -54.46
N GLU C 85 -34.00 -25.84 -55.33
CA GLU C 85 -33.30 -27.06 -54.91
C GLU C 85 -31.88 -26.77 -54.43
N MET C 86 -31.42 -27.55 -53.44
CA MET C 86 -30.06 -27.44 -52.94
C MET C 86 -29.16 -28.28 -53.84
N GLN C 87 -27.98 -27.75 -54.16
CA GLN C 87 -27.00 -28.38 -55.04
C GLN C 87 -25.94 -29.13 -54.25
N GLN C 88 -25.62 -30.36 -54.67
CA GLN C 88 -24.57 -31.16 -54.04
C GLN C 88 -23.22 -30.63 -54.47
N LEU C 89 -22.28 -30.59 -53.52
CA LEU C 89 -20.89 -30.19 -53.74
C LEU C 89 -20.04 -31.45 -53.56
N ASN C 90 -19.08 -31.68 -54.46
CA ASN C 90 -18.22 -32.87 -54.36
C ASN C 90 -16.85 -32.57 -53.72
N LEU C 91 -16.72 -32.82 -52.41
CA LEU C 91 -15.48 -32.60 -51.65
C LEU C 91 -14.52 -33.78 -51.75
N GLU C 92 -15.04 -35.01 -52.00
CA GLU C 92 -14.29 -36.27 -52.16
C GLU C 92 -12.95 -36.11 -52.90
N GLY C 93 -11.86 -36.31 -52.15
CA GLY C 93 -10.50 -36.17 -52.65
C GLY C 93 -9.83 -34.88 -52.19
N LYS C 94 -10.55 -33.75 -52.35
CA LYS C 94 -10.10 -32.40 -51.98
C LYS C 94 -10.70 -31.96 -50.62
N ASN C 95 -10.40 -30.71 -50.20
CA ASN C 95 -10.86 -30.12 -48.93
C ASN C 95 -11.81 -28.96 -49.21
N TYR C 96 -11.98 -28.61 -50.49
CA TYR C 96 -12.83 -27.50 -50.94
C TYR C 96 -13.71 -27.92 -52.12
N CYS C 97 -14.74 -27.10 -52.42
CA CYS C 97 -15.66 -27.25 -53.55
C CYS C 97 -16.35 -25.93 -53.86
N THR C 98 -16.50 -25.62 -55.15
CA THR C 98 -17.17 -24.42 -55.63
C THR C 98 -18.56 -24.74 -56.17
N ALA C 99 -19.51 -23.84 -55.95
CA ALA C 99 -20.89 -23.95 -56.42
C ALA C 99 -21.01 -23.10 -57.69
N LYS C 100 -20.68 -23.70 -58.83
CA LYS C 100 -20.61 -23.07 -60.14
C LYS C 100 -21.95 -22.71 -60.82
N THR C 101 -23.08 -23.31 -60.36
CA THR C 101 -24.38 -23.05 -61.02
C THR C 101 -25.49 -22.59 -60.05
N LEU C 102 -25.22 -21.56 -59.22
CA LEU C 102 -26.21 -20.97 -58.31
C LEU C 102 -26.74 -19.67 -58.91
N TYR C 103 -28.03 -19.39 -58.74
CA TYR C 103 -28.66 -18.17 -59.28
C TYR C 103 -29.88 -17.76 -58.45
N ILE C 104 -30.22 -16.46 -58.50
CA ILE C 104 -31.41 -15.92 -57.83
C ILE C 104 -32.39 -15.39 -58.89
N SER C 105 -33.60 -15.99 -58.91
CA SER C 105 -34.66 -15.67 -59.88
C SER C 105 -35.44 -14.39 -59.55
N ASP C 106 -36.15 -13.85 -60.57
CA ASP C 106 -37.00 -12.65 -60.46
C ASP C 106 -38.16 -12.90 -59.49
N SER C 107 -38.63 -14.17 -59.41
CA SER C 107 -39.67 -14.67 -58.51
C SER C 107 -39.26 -14.48 -57.04
N ASP C 108 -37.96 -14.65 -56.72
CA ASP C 108 -37.42 -14.44 -55.37
C ASP C 108 -37.31 -12.92 -55.16
N LYS C 109 -38.28 -12.33 -54.44
CA LYS C 109 -38.36 -10.89 -54.22
C LYS C 109 -37.50 -10.35 -53.05
N ARG C 110 -36.58 -11.18 -52.49
CA ARG C 110 -35.71 -10.77 -51.39
C ARG C 110 -34.63 -9.81 -51.85
N LYS C 111 -34.38 -8.76 -51.04
CA LYS C 111 -33.39 -7.73 -51.34
C LYS C 111 -31.99 -8.16 -50.89
N HIS C 112 -31.92 -9.24 -50.13
CA HIS C 112 -30.71 -9.86 -49.63
C HIS C 112 -31.01 -11.29 -49.19
N PHE C 113 -29.95 -12.07 -49.03
CA PHE C 113 -30.03 -13.49 -48.66
C PHE C 113 -28.69 -14.00 -48.16
N MET C 114 -28.70 -15.19 -47.52
CA MET C 114 -27.49 -15.91 -47.08
C MET C 114 -27.51 -17.29 -47.71
N LEU C 115 -26.33 -17.81 -48.04
CA LEU C 115 -26.20 -19.17 -48.58
C LEU C 115 -26.31 -20.14 -47.41
N SER C 116 -27.02 -21.24 -47.61
CA SER C 116 -27.22 -22.27 -46.60
C SER C 116 -26.44 -23.52 -47.03
N VAL C 117 -25.45 -23.93 -46.21
CA VAL C 117 -24.62 -25.11 -46.48
C VAL C 117 -24.99 -26.21 -45.48
N LYS C 118 -25.68 -27.26 -45.95
CA LYS C 118 -26.08 -28.40 -45.13
C LYS C 118 -25.03 -29.50 -45.23
N MET C 119 -24.32 -29.75 -44.13
CA MET C 119 -23.25 -30.74 -44.08
C MET C 119 -23.62 -31.98 -43.27
N PHE C 120 -23.10 -33.14 -43.69
CA PHE C 120 -23.31 -34.43 -43.04
C PHE C 120 -22.26 -35.41 -43.55
N TYR C 121 -22.07 -36.55 -42.86
CA TYR C 121 -21.15 -37.61 -43.30
C TYR C 121 -21.92 -38.55 -44.21
N GLY C 122 -21.21 -39.25 -45.10
CA GLY C 122 -21.78 -40.19 -46.05
C GLY C 122 -22.72 -41.22 -45.46
N ASN C 123 -22.52 -41.57 -44.17
CA ASN C 123 -23.34 -42.56 -43.46
C ASN C 123 -24.64 -41.94 -42.91
N SER C 124 -24.96 -40.71 -43.37
CA SER C 124 -26.13 -39.87 -43.07
C SER C 124 -26.04 -39.11 -41.73
N ASP C 125 -24.94 -39.29 -40.95
CA ASP C 125 -24.73 -38.59 -39.69
C ASP C 125 -24.66 -37.09 -39.96
N ASP C 126 -25.60 -36.32 -39.40
CA ASP C 126 -25.72 -34.88 -39.62
C ASP C 126 -24.68 -34.03 -38.87
N ILE C 127 -23.89 -33.23 -39.64
CA ILE C 127 -22.90 -32.29 -39.11
C ILE C 127 -23.67 -31.02 -38.68
N GLY C 128 -24.42 -30.43 -39.63
CA GLY C 128 -25.23 -29.25 -39.38
C GLY C 128 -25.39 -28.29 -40.54
N VAL C 129 -26.00 -27.13 -40.25
CA VAL C 129 -26.25 -26.06 -41.24
C VAL C 129 -25.36 -24.84 -40.96
N PHE C 130 -24.61 -24.42 -41.98
CA PHE C 130 -23.68 -23.30 -41.90
C PHE C 130 -24.10 -22.22 -42.90
N LEU C 131 -24.46 -21.02 -42.41
CA LEU C 131 -24.87 -19.92 -43.29
C LEU C 131 -23.69 -19.05 -43.71
N SER C 132 -23.82 -18.37 -44.85
CA SER C 132 -22.79 -17.46 -45.31
C SER C 132 -23.05 -16.09 -44.65
N LYS C 133 -22.32 -15.07 -45.10
CA LYS C 133 -22.56 -13.72 -44.67
C LYS C 133 -23.69 -13.19 -45.60
N ARG C 134 -24.24 -12.00 -45.30
CA ARG C 134 -25.31 -11.42 -46.11
C ARG C 134 -24.84 -11.07 -47.52
N ILE C 135 -25.62 -11.51 -48.53
CA ILE C 135 -25.40 -11.24 -49.95
C ILE C 135 -26.53 -10.32 -50.40
N LYS C 136 -26.19 -9.13 -50.92
CA LYS C 136 -27.15 -8.16 -51.39
C LYS C 136 -27.48 -8.43 -52.84
N VAL C 137 -28.77 -8.40 -53.19
CA VAL C 137 -29.22 -8.62 -54.56
C VAL C 137 -29.13 -7.30 -55.32
N ILE C 138 -28.50 -7.32 -56.50
CA ILE C 138 -28.36 -6.16 -57.39
C ILE C 138 -29.01 -6.46 -58.75
N SER C 139 -29.63 -5.45 -59.37
CA SER C 139 -30.29 -5.60 -60.67
C SER C 139 -29.28 -5.75 -61.81
N LYS C 140 -28.25 -4.87 -61.84
CA LYS C 140 -27.15 -4.81 -62.81
C LYS C 140 -26.03 -3.90 -62.26
N PRO C 141 -24.75 -4.03 -62.68
CA PRO C 141 -23.71 -3.12 -62.15
C PRO C 141 -23.92 -1.66 -62.57
N SER C 142 -23.86 -0.72 -61.60
CA SER C 142 -24.07 0.72 -61.80
C SER C 142 -22.91 1.38 -62.54
N LYS C 143 -23.16 1.97 -63.72
CA LYS C 143 -22.11 2.69 -64.45
C LYS C 143 -22.08 4.19 -64.05
N LYS C 144 -22.19 4.47 -62.73
CA LYS C 144 -22.20 5.82 -62.15
C LYS C 144 -20.85 6.54 -62.26
N LEU C 148 -21.70 7.94 -54.70
CA LEU C 148 -21.74 8.73 -53.48
C LEU C 148 -22.92 8.35 -52.57
N LYS C 149 -24.08 7.99 -53.16
CA LYS C 149 -25.30 7.63 -52.42
C LYS C 149 -25.24 6.25 -51.73
N ASN C 150 -24.68 5.22 -52.40
CA ASN C 150 -24.58 3.87 -51.84
C ASN C 150 -23.13 3.43 -51.61
N ALA C 151 -22.79 3.17 -50.34
CA ALA C 151 -21.46 2.72 -49.91
C ALA C 151 -21.36 1.18 -49.93
N ASP C 152 -22.51 0.50 -49.98
CA ASP C 152 -22.65 -0.96 -50.04
C ASP C 152 -22.16 -1.51 -51.39
N LEU C 153 -22.28 -0.69 -52.45
CA LEU C 153 -21.85 -1.03 -53.80
C LEU C 153 -20.42 -0.57 -54.13
N CYS C 154 -19.81 0.24 -53.23
CA CYS C 154 -18.44 0.76 -53.39
C CYS C 154 -17.39 -0.20 -52.80
N ILE C 155 -16.11 -0.02 -53.18
CA ILE C 155 -14.97 -0.82 -52.71
C ILE C 155 -14.01 0.07 -51.89
N ALA C 156 -13.74 -0.31 -50.63
CA ALA C 156 -12.86 0.43 -49.73
C ALA C 156 -11.44 -0.15 -49.64
N SER C 157 -10.44 0.72 -49.34
CA SER C 157 -9.03 0.34 -49.20
C SER C 157 -8.84 -0.63 -48.01
N GLY C 158 -8.16 -1.75 -48.28
CA GLY C 158 -7.89 -2.78 -47.29
C GLY C 158 -8.92 -3.90 -47.23
N THR C 159 -9.96 -3.83 -48.08
CA THR C 159 -11.02 -4.84 -48.16
C THR C 159 -10.71 -5.91 -49.21
N LYS C 160 -11.28 -7.11 -49.05
CA LYS C 160 -11.05 -8.22 -49.98
C LYS C 160 -11.93 -8.12 -51.22
N VAL C 161 -11.34 -8.40 -52.38
CA VAL C 161 -12.00 -8.44 -53.70
C VAL C 161 -11.58 -9.69 -54.50
N ALA C 162 -12.43 -10.10 -55.43
CA ALA C 162 -12.15 -11.21 -56.33
C ALA C 162 -12.06 -10.64 -57.71
N LEU C 163 -11.08 -11.11 -58.49
CA LEU C 163 -10.88 -10.65 -59.85
C LEU C 163 -11.03 -11.77 -60.87
N PHE C 164 -12.16 -11.76 -61.60
CA PHE C 164 -12.41 -12.76 -62.62
C PHE C 164 -12.38 -12.17 -64.02
N ASN C 165 -12.18 -13.01 -65.02
CA ASN C 165 -12.08 -12.60 -66.41
C ASN C 165 -13.03 -13.42 -67.28
N ARG C 166 -13.97 -12.72 -67.94
CA ARG C 166 -14.93 -13.34 -68.86
C ARG C 166 -14.26 -13.44 -70.23
N LEU C 167 -14.20 -14.66 -70.77
CA LEU C 167 -13.59 -14.98 -72.06
C LEU C 167 -14.62 -15.75 -72.92
N ARG C 168 -15.46 -15.00 -73.66
CA ARG C 168 -16.53 -15.53 -74.51
C ARG C 168 -16.02 -16.42 -75.67
N SER C 169 -14.89 -16.02 -76.31
CA SER C 169 -14.28 -16.73 -77.44
C SER C 169 -13.49 -17.99 -77.03
N GLN C 170 -13.06 -18.06 -75.75
CA GLN C 170 -12.28 -19.18 -75.20
C GLN C 170 -13.13 -20.34 -74.64
N THR C 171 -12.58 -21.57 -74.69
CA THR C 171 -13.21 -22.83 -74.22
C THR C 171 -13.63 -22.72 -72.75
N VAL C 172 -12.73 -22.14 -71.91
CA VAL C 172 -12.98 -21.86 -70.51
C VAL C 172 -13.55 -20.44 -70.54
N SER C 173 -14.89 -20.36 -70.40
CA SER C 173 -15.68 -19.13 -70.46
C SER C 173 -15.30 -18.07 -69.42
N THR C 174 -14.76 -18.48 -68.25
CA THR C 174 -14.39 -17.56 -67.17
C THR C 174 -13.20 -18.09 -66.35
N ARG C 175 -12.18 -17.23 -66.17
CA ARG C 175 -10.96 -17.52 -65.38
C ARG C 175 -10.87 -16.59 -64.17
N TYR C 176 -10.21 -17.05 -63.11
CA TYR C 176 -10.13 -16.31 -61.86
C TYR C 176 -8.71 -16.11 -61.40
N LEU C 177 -8.38 -14.92 -60.87
CA LEU C 177 -7.05 -14.64 -60.33
C LEU C 177 -6.89 -15.43 -59.04
N HIS C 178 -5.82 -16.24 -58.98
CA HIS C 178 -5.51 -17.13 -57.87
C HIS C 178 -4.00 -17.25 -57.70
N VAL C 179 -3.55 -17.65 -56.50
CA VAL C 179 -2.13 -17.85 -56.20
C VAL C 179 -1.91 -19.32 -55.83
N GLU C 180 -1.09 -20.03 -56.62
CA GLU C 180 -0.74 -21.43 -56.42
C GLU C 180 0.75 -21.61 -56.58
N GLY C 181 1.37 -22.20 -55.56
CA GLY C 181 2.82 -22.44 -55.52
C GLY C 181 3.63 -21.16 -55.56
N GLY C 182 3.19 -20.16 -54.81
CA GLY C 182 3.82 -18.85 -54.71
C GLY C 182 3.89 -18.07 -56.01
N ASN C 183 2.90 -18.30 -56.91
CA ASN C 183 2.83 -17.65 -58.21
C ASN C 183 1.40 -17.32 -58.60
N PHE C 184 1.22 -16.15 -59.25
CA PHE C 184 -0.07 -15.67 -59.74
C PHE C 184 -0.43 -16.36 -61.05
N HIS C 185 -1.69 -16.80 -61.17
CA HIS C 185 -2.21 -17.48 -62.36
C HIS C 185 -3.72 -17.26 -62.52
N ALA C 186 -4.25 -17.54 -63.73
CA ALA C 186 -5.66 -17.42 -64.06
C ALA C 186 -6.32 -18.80 -64.02
N SER C 187 -6.74 -19.22 -62.81
CA SER C 187 -7.36 -20.52 -62.55
C SER C 187 -8.78 -20.63 -63.09
N SER C 188 -9.13 -21.82 -63.58
CA SER C 188 -10.46 -22.12 -64.10
C SER C 188 -11.36 -22.68 -62.99
N GLN C 189 -10.73 -23.26 -61.94
CA GLN C 189 -11.41 -23.90 -60.81
C GLN C 189 -11.40 -23.07 -59.52
N GLN C 190 -10.24 -22.47 -59.17
CA GLN C 190 -10.05 -21.71 -57.93
C GLN C 190 -9.99 -20.21 -58.10
N TRP C 191 -10.34 -19.48 -57.04
CA TRP C 191 -10.27 -18.02 -57.01
C TRP C 191 -9.80 -17.53 -55.66
N GLY C 192 -8.98 -16.48 -55.71
CA GLY C 192 -8.43 -15.86 -54.52
C GLY C 192 -9.12 -14.58 -54.11
N ALA C 193 -9.03 -14.28 -52.82
CA ALA C 193 -9.55 -13.07 -52.20
C ALA C 193 -8.33 -12.16 -52.00
N PHE C 194 -8.37 -10.96 -52.58
CA PHE C 194 -7.24 -10.05 -52.52
C PHE C 194 -7.58 -8.74 -51.84
N TYR C 195 -6.74 -8.33 -50.86
CA TYR C 195 -6.88 -7.06 -50.17
C TYR C 195 -6.46 -6.00 -51.16
N ILE C 196 -7.38 -5.10 -51.51
CA ILE C 196 -7.08 -4.04 -52.46
C ILE C 196 -6.67 -2.80 -51.65
N HIS C 197 -5.35 -2.59 -51.52
CA HIS C 197 -4.84 -1.46 -50.74
C HIS C 197 -4.56 -0.26 -51.61
N LEU C 198 -4.97 0.92 -51.13
CA LEU C 198 -4.73 2.18 -51.81
C LEU C 198 -3.41 2.77 -51.27
N LEU C 199 -2.54 3.27 -52.16
CA LEU C 199 -1.25 3.90 -51.79
C LEU C 199 -1.10 5.25 -52.50
N ASP C 200 -0.22 6.11 -51.96
CA ASP C 200 0.07 7.44 -52.54
C ASP C 200 0.76 7.27 -53.91
N ASP C 201 0.44 8.15 -54.87
CA ASP C 201 0.97 8.14 -56.24
C ASP C 201 2.51 8.19 -56.33
N ASP C 202 3.18 8.60 -55.23
CA ASP C 202 4.65 8.70 -55.15
C ASP C 202 5.32 7.51 -54.43
N GLU C 203 4.51 6.54 -53.92
CA GLU C 203 4.98 5.34 -53.24
C GLU C 203 5.72 4.41 -54.21
N SER C 204 7.02 4.21 -53.99
CA SER C 204 7.88 3.37 -54.83
C SER C 204 7.59 1.88 -54.66
N GLU C 205 7.98 1.06 -55.67
CA GLU C 205 7.81 -0.40 -55.69
C GLU C 205 8.70 -1.06 -54.66
N GLY C 206 8.13 -2.00 -53.90
CA GLY C 206 8.85 -2.71 -52.85
C GLY C 206 8.01 -3.62 -51.99
N GLU C 207 8.67 -4.48 -51.21
CA GLU C 207 8.05 -5.44 -50.29
C GLU C 207 7.32 -4.76 -49.14
N GLU C 208 7.82 -3.59 -48.69
CA GLU C 208 7.23 -2.77 -47.63
C GLU C 208 6.57 -1.53 -48.27
N PHE C 209 5.26 -1.32 -47.99
CA PHE C 209 4.51 -0.19 -48.53
C PHE C 209 3.49 0.38 -47.54
N THR C 210 3.34 1.72 -47.52
CA THR C 210 2.39 2.42 -46.65
C THR C 210 1.04 2.53 -47.34
N VAL C 211 -0.02 2.00 -46.67
CA VAL C 211 -1.39 1.97 -47.19
C VAL C 211 -2.26 3.11 -46.67
N ARG C 212 -2.80 3.92 -47.61
CA ARG C 212 -3.71 5.03 -47.34
C ARG C 212 -5.15 4.50 -47.29
N ASP C 213 -6.05 5.23 -46.61
CA ASP C 213 -7.46 4.85 -46.47
C ASP C 213 -8.38 5.62 -47.44
N GLY C 214 -9.57 5.07 -47.67
CA GLY C 214 -10.59 5.64 -48.55
C GLY C 214 -11.13 4.68 -49.59
N TYR C 215 -12.22 5.07 -50.27
CA TYR C 215 -12.81 4.24 -51.32
C TYR C 215 -11.96 4.29 -52.58
N ILE C 216 -11.81 3.15 -53.27
CA ILE C 216 -11.00 3.05 -54.47
C ILE C 216 -11.73 3.65 -55.68
N HIS C 217 -11.05 4.60 -56.34
CA HIS C 217 -11.50 5.31 -57.54
C HIS C 217 -10.58 4.88 -58.67
N TYR C 218 -11.01 5.10 -59.93
CA TYR C 218 -10.18 4.78 -61.08
C TYR C 218 -9.02 5.77 -61.17
N GLY C 219 -7.88 5.29 -61.65
CA GLY C 219 -6.65 6.08 -61.76
C GLY C 219 -5.74 5.99 -60.55
N GLN C 220 -6.29 5.46 -59.43
CA GLN C 220 -5.55 5.32 -58.17
C GLN C 220 -4.57 4.13 -58.23
N THR C 221 -3.45 4.23 -57.49
CA THR C 221 -2.44 3.18 -57.44
C THR C 221 -2.83 2.16 -56.37
N VAL C 222 -3.11 0.92 -56.80
CA VAL C 222 -3.54 -0.18 -55.94
C VAL C 222 -2.47 -1.26 -55.77
N LYS C 223 -2.49 -1.92 -54.59
CA LYS C 223 -1.61 -3.03 -54.23
C LYS C 223 -2.51 -4.22 -53.86
N LEU C 224 -2.52 -5.27 -54.71
CA LEU C 224 -3.36 -6.43 -54.50
C LEU C 224 -2.59 -7.52 -53.75
N VAL C 225 -2.91 -7.69 -52.46
CA VAL C 225 -2.24 -8.66 -51.60
C VAL C 225 -3.16 -9.85 -51.33
N CYS C 226 -2.66 -11.08 -51.59
CA CYS C 226 -3.38 -12.33 -51.39
C CYS C 226 -3.63 -12.57 -49.90
N SER C 227 -4.91 -12.68 -49.52
CA SER C 227 -5.36 -12.88 -48.14
C SER C 227 -4.90 -14.21 -47.53
N VAL C 228 -4.49 -15.18 -48.37
CA VAL C 228 -4.05 -16.50 -47.92
C VAL C 228 -2.51 -16.60 -47.86
N THR C 229 -1.82 -16.35 -48.99
CA THR C 229 -0.36 -16.46 -49.11
C THR C 229 0.42 -15.20 -48.73
N GLY C 230 -0.21 -14.04 -48.80
CA GLY C 230 0.44 -12.77 -48.51
C GLY C 230 1.23 -12.23 -49.68
N MET C 231 1.14 -12.89 -50.84
CA MET C 231 1.80 -12.51 -52.08
C MET C 231 1.13 -11.30 -52.70
N ALA C 232 1.93 -10.33 -53.17
CA ALA C 232 1.41 -9.11 -53.78
C ALA C 232 1.92 -8.90 -55.19
N LEU C 233 1.07 -8.33 -56.05
CA LEU C 233 1.44 -8.00 -57.42
C LEU C 233 2.17 -6.65 -57.40
N PRO C 234 3.07 -6.35 -58.36
CA PRO C 234 3.72 -5.01 -58.34
C PRO C 234 2.70 -3.89 -58.51
N ARG C 235 2.99 -2.68 -57.97
CA ARG C 235 2.11 -1.50 -58.04
C ARG C 235 1.36 -1.38 -59.37
N LEU C 236 0.04 -1.25 -59.32
CA LEU C 236 -0.81 -1.16 -60.51
C LEU C 236 -1.87 -0.06 -60.41
N ILE C 237 -2.23 0.53 -61.56
CA ILE C 237 -3.23 1.60 -61.63
C ILE C 237 -4.53 1.02 -62.19
N ILE C 238 -5.58 0.99 -61.34
CA ILE C 238 -6.90 0.48 -61.71
C ILE C 238 -7.61 1.44 -62.67
N ARG C 239 -7.87 0.97 -63.90
CA ARG C 239 -8.50 1.77 -64.95
C ARG C 239 -9.84 1.17 -65.40
N LYS C 240 -10.78 2.02 -65.83
CA LYS C 240 -12.10 1.59 -66.29
C LYS C 240 -12.01 1.02 -67.71
N VAL C 241 -12.83 -0.02 -68.01
CA VAL C 241 -12.85 -0.66 -69.32
C VAL C 241 -14.21 -0.43 -70.01
N ASP C 242 -14.17 0.23 -71.18
CA ASP C 242 -15.34 0.49 -72.02
C ASP C 242 -15.19 -0.32 -73.30
N LYS C 243 -16.07 -1.33 -73.49
CA LYS C 243 -16.13 -2.29 -74.60
C LYS C 243 -14.83 -3.12 -74.71
N GLN C 244 -13.75 -2.54 -75.28
CA GLN C 244 -12.44 -3.18 -75.43
C GLN C 244 -11.30 -2.14 -75.37
N THR C 245 -11.47 -1.09 -74.54
CA THR C 245 -10.49 -0.01 -74.36
C THR C 245 -10.28 0.40 -72.91
N ALA C 246 -9.01 0.63 -72.53
CA ALA C 246 -8.57 1.09 -71.23
C ALA C 246 -8.65 2.62 -71.19
N LEU C 247 -9.40 3.14 -70.20
CA LEU C 247 -9.63 4.58 -70.02
C LEU C 247 -8.64 5.17 -69.01
N LEU C 248 -7.69 6.02 -69.48
CA LEU C 248 -6.72 6.65 -68.59
C LEU C 248 -7.36 7.84 -67.85
N ASP C 249 -8.31 8.54 -68.50
CA ASP C 249 -9.01 9.71 -67.96
C ASP C 249 -10.29 9.34 -67.19
N ALA C 250 -10.17 8.43 -66.21
CA ALA C 250 -11.28 7.99 -65.36
C ALA C 250 -10.94 8.19 -63.88
N ASP C 251 -11.85 8.86 -63.14
CA ASP C 251 -11.68 9.20 -61.73
C ASP C 251 -12.84 8.69 -60.86
N ASP C 252 -13.89 8.14 -61.50
CA ASP C 252 -15.10 7.60 -60.87
C ASP C 252 -14.82 6.52 -59.80
N PRO C 253 -15.65 6.37 -58.74
CA PRO C 253 -15.39 5.31 -57.75
C PRO C 253 -15.67 3.93 -58.35
N VAL C 254 -14.81 2.96 -58.04
CA VAL C 254 -14.91 1.57 -58.52
C VAL C 254 -16.08 0.90 -57.81
N SER C 255 -17.03 0.34 -58.57
CA SER C 255 -18.20 -0.34 -58.02
C SER C 255 -18.22 -1.86 -58.32
N GLN C 256 -19.16 -2.59 -57.69
CA GLN C 256 -19.35 -4.03 -57.81
C GLN C 256 -19.69 -4.45 -59.24
N LEU C 257 -19.07 -5.57 -59.70
CA LEU C 257 -19.24 -6.22 -61.01
C LEU C 257 -18.90 -5.30 -62.20
N HIS C 258 -17.84 -4.48 -62.01
CA HIS C 258 -17.33 -3.54 -63.01
C HIS C 258 -16.19 -4.11 -63.83
N LYS C 259 -16.24 -3.88 -65.16
CA LYS C 259 -15.18 -4.29 -66.09
C LYS C 259 -14.03 -3.27 -65.92
N CYS C 260 -12.81 -3.75 -65.62
CA CYS C 260 -11.64 -2.91 -65.34
C CYS C 260 -10.30 -3.52 -65.78
N ALA C 261 -9.28 -2.68 -65.99
CA ALA C 261 -7.92 -3.07 -66.38
C ALA C 261 -6.91 -2.70 -65.29
N PHE C 262 -5.71 -3.32 -65.33
CA PHE C 262 -4.67 -3.08 -64.33
C PHE C 262 -3.31 -2.80 -64.96
N TYR C 263 -3.02 -1.51 -65.25
CA TYR C 263 -1.76 -1.04 -65.83
C TYR C 263 -0.65 -1.16 -64.78
N LEU C 264 0.48 -1.80 -65.14
CA LEU C 264 1.62 -1.95 -64.25
C LEU C 264 2.31 -0.58 -64.09
N LYS C 265 2.50 -0.11 -62.84
CA LYS C 265 3.13 1.19 -62.57
C LYS C 265 4.54 1.27 -63.13
N ASP C 266 4.82 2.39 -63.86
CA ASP C 266 6.09 2.72 -64.52
C ASP C 266 6.53 1.64 -65.54
N THR C 267 5.68 1.40 -66.57
CA THR C 267 5.93 0.46 -67.69
C THR C 267 5.47 1.07 -69.02
N GLU C 268 5.98 0.52 -70.14
CA GLU C 268 5.64 0.95 -71.50
C GLU C 268 4.27 0.37 -71.92
N ARG C 269 3.18 1.00 -71.44
CA ARG C 269 1.76 0.64 -71.69
C ARG C 269 1.41 -0.84 -71.37
N MET C 270 2.08 -1.44 -70.37
CA MET C 270 1.86 -2.85 -70.00
C MET C 270 0.74 -3.01 -68.99
N TYR C 271 -0.18 -3.95 -69.27
CA TYR C 271 -1.36 -4.23 -68.44
C TYR C 271 -1.40 -5.68 -67.95
N LEU C 272 -2.14 -5.93 -66.86
CA LEU C 272 -2.32 -7.27 -66.30
C LEU C 272 -3.29 -8.04 -67.22
N CYS C 273 -2.75 -9.02 -67.97
CA CYS C 273 -3.45 -9.86 -68.94
C CYS C 273 -3.27 -11.36 -68.60
N LEU C 274 -3.90 -12.24 -69.40
CA LEU C 274 -3.79 -13.68 -69.28
C LEU C 274 -3.67 -14.37 -70.64
N SER C 275 -2.95 -15.49 -70.66
CA SER C 275 -2.74 -16.37 -71.81
C SER C 275 -2.99 -17.75 -71.24
N GLN C 276 -4.25 -18.24 -71.39
CA GLN C 276 -4.76 -19.50 -70.85
C GLN C 276 -4.68 -19.46 -69.31
N GLU C 277 -4.07 -20.47 -68.66
CA GLU C 277 -3.93 -20.54 -67.20
C GLU C 277 -2.89 -19.56 -66.62
N ARG C 278 -1.97 -19.04 -67.47
CA ARG C 278 -0.91 -18.13 -67.03
C ARG C 278 -1.24 -16.65 -67.21
N ILE C 279 -0.80 -15.82 -66.24
CA ILE C 279 -0.98 -14.36 -66.31
C ILE C 279 0.33 -13.72 -66.79
N ILE C 280 0.22 -12.82 -67.78
CA ILE C 280 1.36 -12.13 -68.37
C ILE C 280 1.02 -10.65 -68.62
N GLN C 281 1.95 -9.88 -69.23
CA GLN C 281 1.69 -8.46 -69.52
C GLN C 281 1.40 -8.23 -71.00
N PHE C 282 0.45 -7.31 -71.28
CA PHE C 282 -0.02 -6.98 -72.61
C PHE C 282 0.29 -5.52 -72.96
N GLN C 283 0.87 -5.27 -74.14
CA GLN C 283 1.17 -3.91 -74.57
C GLN C 283 -0.06 -3.31 -75.25
N ALA C 284 -0.57 -2.20 -74.69
CA ALA C 284 -1.74 -1.51 -75.21
C ALA C 284 -1.40 -0.51 -76.32
N THR C 285 -2.09 -0.65 -77.47
CA THR C 285 -1.92 0.23 -78.63
C THR C 285 -2.78 1.49 -78.41
N PRO C 286 -2.18 2.71 -78.36
CA PRO C 286 -3.00 3.92 -78.14
C PRO C 286 -3.80 4.30 -79.40
N CYS C 287 -5.08 4.67 -79.23
CA CYS C 287 -5.94 5.03 -80.36
C CYS C 287 -6.35 6.51 -80.34
N GLU C 290 -8.14 9.41 -79.81
CA GLU C 290 -8.17 9.84 -78.40
C GLU C 290 -6.90 9.41 -77.66
N GLN C 291 -6.15 10.41 -77.14
CA GLN C 291 -4.90 10.21 -76.38
C GLN C 291 -5.14 9.68 -74.96
N ASN C 292 -6.40 9.69 -74.50
CA ASN C 292 -6.84 9.23 -73.18
C ASN C 292 -7.31 7.77 -73.18
N LYS C 293 -7.42 7.14 -74.37
CA LYS C 293 -7.86 5.75 -74.54
C LYS C 293 -6.77 4.87 -75.14
N GLU C 294 -6.69 3.61 -74.68
CA GLU C 294 -5.72 2.61 -75.14
C GLU C 294 -6.44 1.29 -75.44
N MET C 295 -6.13 0.66 -76.59
CA MET C 295 -6.74 -0.61 -77.01
C MET C 295 -6.22 -1.79 -76.16
N ILE C 296 -7.15 -2.55 -75.55
CA ILE C 296 -6.84 -3.70 -74.69
C ILE C 296 -7.79 -4.88 -74.98
N ASN C 297 -7.22 -6.08 -75.17
CA ASN C 297 -7.98 -7.31 -75.47
C ASN C 297 -8.83 -7.83 -74.27
N ASP C 298 -9.67 -8.85 -74.53
CA ASP C 298 -10.55 -9.50 -73.55
C ASP C 298 -9.82 -10.02 -72.31
N GLY C 299 -8.59 -10.51 -72.50
CA GLY C 299 -7.74 -11.05 -71.45
C GLY C 299 -7.23 -10.01 -70.46
N ALA C 300 -7.23 -8.73 -70.86
CA ALA C 300 -6.80 -7.59 -70.07
C ALA C 300 -7.99 -6.95 -69.33
N SER C 301 -9.23 -7.33 -69.73
CA SER C 301 -10.49 -6.85 -69.14
C SER C 301 -10.92 -7.79 -68.01
N TRP C 302 -10.78 -7.32 -66.75
CA TRP C 302 -11.11 -8.05 -65.52
C TRP C 302 -12.44 -7.56 -64.92
N THR C 303 -12.97 -8.27 -63.92
CA THR C 303 -14.22 -7.90 -63.23
C THR C 303 -13.99 -7.95 -61.73
N ILE C 304 -14.23 -6.82 -61.07
CA ILE C 304 -14.04 -6.64 -59.64
C ILE C 304 -15.34 -6.87 -58.89
N ILE C 305 -15.25 -7.53 -57.73
CA ILE C 305 -16.38 -7.85 -56.86
C ILE C 305 -15.86 -8.06 -55.43
N SER C 306 -16.47 -7.37 -54.46
CA SER C 306 -16.11 -7.48 -53.06
C SER C 306 -16.50 -8.84 -52.52
N THR C 307 -15.60 -9.48 -51.76
CA THR C 307 -15.86 -10.81 -51.20
C THR C 307 -15.93 -10.80 -49.67
N ASP C 308 -16.64 -11.80 -49.12
CA ASP C 308 -16.78 -12.03 -47.70
C ASP C 308 -16.38 -13.48 -47.34
N LYS C 309 -16.29 -13.76 -46.03
CA LYS C 309 -15.88 -15.05 -45.50
C LYS C 309 -16.66 -15.37 -44.21
N ALA C 310 -17.34 -16.53 -44.22
CA ALA C 310 -18.03 -17.07 -43.04
C ALA C 310 -17.15 -18.22 -42.52
N GLU C 311 -16.82 -18.19 -41.23
CA GLU C 311 -15.94 -19.17 -40.59
C GLU C 311 -16.64 -19.77 -39.36
N TYR C 312 -16.59 -21.10 -39.25
CA TYR C 312 -17.18 -21.82 -38.13
C TYR C 312 -16.23 -22.90 -37.67
N THR C 313 -15.83 -22.86 -36.40
CA THR C 313 -14.88 -23.81 -35.84
C THR C 313 -15.51 -24.56 -34.69
N PHE C 314 -15.42 -25.89 -34.72
CA PHE C 314 -15.96 -26.74 -33.67
C PHE C 314 -15.06 -27.95 -33.40
N TYR C 315 -15.24 -28.55 -32.21
CA TYR C 315 -14.52 -29.73 -31.78
C TYR C 315 -15.33 -30.57 -30.82
N GLU C 316 -15.48 -31.87 -31.09
CA GLU C 316 -16.20 -32.78 -30.20
C GLU C 316 -15.28 -33.13 -29.01
N GLY C 317 -15.31 -32.24 -28.00
CA GLY C 317 -14.51 -32.31 -26.78
C GLY C 317 -14.70 -33.53 -25.92
N MET C 318 -15.95 -34.07 -25.88
CA MET C 318 -16.30 -35.27 -25.11
C MET C 318 -16.71 -36.42 -26.03
N GLY C 319 -16.06 -36.49 -27.19
CA GLY C 319 -16.30 -37.54 -28.19
C GLY C 319 -17.50 -37.31 -29.07
N PRO C 320 -17.95 -38.35 -29.81
CA PRO C 320 -19.10 -38.16 -30.73
C PRO C 320 -20.39 -37.73 -30.05
N VAL C 321 -21.12 -36.82 -30.70
CA VAL C 321 -22.38 -36.24 -30.22
C VAL C 321 -23.51 -36.61 -31.19
N LEU C 322 -24.70 -36.91 -30.66
CA LEU C 322 -25.88 -37.27 -31.46
C LEU C 322 -26.40 -36.03 -32.22
N ALA C 323 -26.59 -34.90 -31.49
CA ALA C 323 -27.09 -33.64 -32.03
C ALA C 323 -26.11 -32.95 -32.98
N PRO C 324 -26.58 -32.23 -34.04
CA PRO C 324 -25.64 -31.51 -34.92
C PRO C 324 -24.86 -30.44 -34.16
N VAL C 325 -23.63 -30.15 -34.61
CA VAL C 325 -22.74 -29.15 -33.99
C VAL C 325 -23.19 -27.69 -34.21
N THR C 326 -24.21 -27.48 -35.06
CA THR C 326 -24.72 -26.17 -35.42
C THR C 326 -25.98 -25.77 -34.63
N PRO C 327 -26.31 -24.46 -34.50
CA PRO C 327 -25.56 -23.28 -34.99
C PRO C 327 -24.27 -23.05 -34.21
N VAL C 328 -23.17 -22.83 -34.94
CA VAL C 328 -21.85 -22.59 -34.34
C VAL C 328 -21.80 -21.13 -33.91
N PRO C 329 -21.67 -20.85 -32.60
CA PRO C 329 -21.58 -19.44 -32.15
C PRO C 329 -20.30 -18.76 -32.59
N VAL C 330 -20.40 -17.48 -32.98
CA VAL C 330 -19.28 -16.68 -33.46
C VAL C 330 -19.16 -15.45 -32.56
N VAL C 331 -17.98 -15.24 -31.94
CA VAL C 331 -17.76 -14.09 -31.04
C VAL C 331 -17.09 -12.92 -31.79
N GLU C 332 -17.85 -11.83 -31.97
CA GLU C 332 -17.41 -10.60 -32.65
C GLU C 332 -16.57 -9.74 -31.73
N SER C 333 -17.06 -9.45 -30.50
CA SER C 333 -16.39 -8.59 -29.53
C SER C 333 -16.67 -8.95 -28.08
N LEU C 334 -15.89 -8.32 -27.18
CA LEU C 334 -15.98 -8.44 -25.72
C LEU C 334 -16.01 -7.05 -25.10
N GLN C 335 -16.56 -6.95 -23.88
CA GLN C 335 -16.61 -5.75 -23.06
C GLN C 335 -16.80 -6.15 -21.61
N LEU C 336 -16.01 -5.56 -20.71
CA LEU C 336 -16.09 -5.81 -19.28
C LEU C 336 -17.11 -4.88 -18.67
N ASN C 337 -17.68 -5.25 -17.51
CA ASN C 337 -18.68 -4.43 -16.84
C ASN C 337 -18.44 -4.35 -15.34
N GLY C 338 -18.29 -3.12 -14.84
CA GLY C 338 -18.08 -2.84 -13.43
C GLY C 338 -19.25 -2.17 -12.75
N GLY C 339 -20.37 -2.05 -13.47
CA GLY C 339 -21.61 -1.45 -12.98
C GLY C 339 -22.38 -2.29 -11.97
N GLY C 340 -22.07 -3.59 -11.91
CA GLY C 340 -22.71 -4.55 -11.02
C GLY C 340 -21.92 -4.96 -9.80
N ASP C 341 -22.45 -5.93 -9.04
CA ASP C 341 -21.85 -6.47 -7.81
C ASP C 341 -20.51 -7.17 -8.06
N VAL C 342 -20.48 -8.04 -9.08
CA VAL C 342 -19.30 -8.81 -9.49
C VAL C 342 -18.95 -8.41 -10.93
N ALA C 343 -17.67 -8.57 -11.33
CA ALA C 343 -17.16 -8.29 -12.68
C ALA C 343 -17.77 -9.24 -13.70
N MET C 344 -18.37 -8.66 -14.75
CA MET C 344 -19.04 -9.39 -15.83
C MET C 344 -18.38 -9.16 -17.17
N LEU C 345 -18.36 -10.20 -18.02
CA LEU C 345 -17.84 -10.13 -19.38
C LEU C 345 -19.01 -10.31 -20.33
N GLU C 346 -19.26 -9.29 -21.17
CA GLU C 346 -20.35 -9.28 -22.15
C GLU C 346 -19.82 -9.67 -23.53
N LEU C 347 -20.34 -10.77 -24.08
CA LEU C 347 -19.99 -11.32 -25.38
C LEU C 347 -21.01 -10.89 -26.42
N THR C 348 -20.52 -10.34 -27.54
CA THR C 348 -21.34 -9.92 -28.67
C THR C 348 -20.93 -10.77 -29.86
N GLY C 349 -21.92 -11.26 -30.59
CA GLY C 349 -21.70 -12.09 -31.76
C GLY C 349 -22.99 -12.65 -32.32
N GLN C 350 -22.97 -13.92 -32.73
CA GLN C 350 -24.14 -14.59 -33.29
C GLN C 350 -24.18 -16.07 -32.94
N ASN C 351 -25.33 -16.72 -33.21
CA ASN C 351 -25.64 -18.14 -33.00
C ASN C 351 -25.44 -18.62 -31.56
N PHE C 352 -25.72 -17.72 -30.58
CA PHE C 352 -25.65 -17.99 -29.14
C PHE C 352 -26.91 -18.74 -28.72
N THR C 353 -26.76 -19.73 -27.81
CA THR C 353 -27.87 -20.57 -27.32
C THR C 353 -27.83 -20.71 -25.78
N PRO C 354 -28.94 -21.11 -25.10
CA PRO C 354 -28.88 -21.26 -23.64
C PRO C 354 -28.03 -22.43 -23.13
N ASN C 355 -27.60 -23.33 -24.05
CA ASN C 355 -26.79 -24.51 -23.75
C ASN C 355 -25.29 -24.22 -23.85
N LEU C 356 -24.91 -22.93 -23.89
CA LEU C 356 -23.52 -22.47 -23.99
C LEU C 356 -22.96 -21.96 -22.70
N ARG C 357 -21.65 -22.16 -22.50
CA ARG C 357 -20.92 -21.69 -21.33
C ARG C 357 -19.57 -21.15 -21.75
N VAL C 358 -19.20 -20.01 -21.19
CA VAL C 358 -17.91 -19.38 -21.48
C VAL C 358 -16.91 -20.04 -20.55
N TRP C 359 -15.75 -20.40 -21.10
CA TRP C 359 -14.66 -20.99 -20.34
C TRP C 359 -13.44 -20.08 -20.46
N PHE C 360 -12.78 -19.83 -19.33
CA PHE C 360 -11.55 -19.05 -19.23
C PHE C 360 -10.50 -20.12 -18.91
N GLY C 361 -9.80 -20.58 -19.94
CA GLY C 361 -8.87 -21.70 -19.82
C GLY C 361 -9.65 -22.97 -19.58
N ASP C 362 -9.38 -23.65 -18.46
CA ASP C 362 -10.08 -24.87 -18.04
C ASP C 362 -11.08 -24.54 -16.91
N VAL C 363 -11.47 -23.25 -16.81
CA VAL C 363 -12.38 -22.76 -15.77
C VAL C 363 -13.71 -22.36 -16.39
N GLU C 364 -14.75 -23.19 -16.11
CA GLU C 364 -16.12 -22.99 -16.57
C GLU C 364 -16.72 -21.79 -15.83
N ALA C 365 -17.27 -20.81 -16.57
CA ALA C 365 -17.87 -19.63 -15.97
C ALA C 365 -19.39 -19.70 -15.91
N GLU C 366 -19.99 -19.00 -14.92
CA GLU C 366 -21.45 -18.91 -14.77
C GLU C 366 -21.91 -18.03 -15.93
N THR C 367 -22.58 -18.64 -16.91
CA THR C 367 -23.03 -17.98 -18.14
C THR C 367 -24.54 -17.72 -18.13
N MET C 368 -24.93 -16.48 -18.51
CA MET C 368 -26.31 -16.01 -18.62
C MET C 368 -26.62 -15.70 -20.09
N TYR C 369 -27.68 -16.32 -20.61
CA TYR C 369 -28.14 -16.14 -21.98
C TYR C 369 -29.15 -15.01 -22.05
N ARG C 370 -28.85 -13.98 -22.88
CA ARG C 370 -29.75 -12.84 -23.07
C ARG C 370 -30.58 -13.09 -24.34
N CYS C 371 -29.89 -13.21 -25.48
CA CYS C 371 -30.44 -13.52 -26.81
C CYS C 371 -29.33 -14.17 -27.66
N GLY C 372 -29.63 -14.51 -28.91
CA GLY C 372 -28.68 -15.13 -29.83
C GLY C 372 -27.50 -14.26 -30.23
N GLU C 373 -27.55 -12.96 -29.88
CA GLU C 373 -26.51 -12.00 -30.22
C GLU C 373 -25.73 -11.49 -28.98
N SER C 374 -26.32 -11.63 -27.77
CA SER C 374 -25.69 -11.20 -26.53
C SER C 374 -25.58 -12.32 -25.52
N MET C 375 -24.43 -12.40 -24.84
CA MET C 375 -24.16 -13.40 -23.82
C MET C 375 -23.41 -12.74 -22.66
N LEU C 376 -23.74 -13.11 -21.42
CA LEU C 376 -23.03 -12.58 -20.25
C LEU C 376 -22.45 -13.72 -19.43
N CYS C 377 -21.35 -13.47 -18.73
CA CYS C 377 -20.72 -14.47 -17.87
C CYS C 377 -20.02 -13.82 -16.69
N VAL C 378 -19.91 -14.56 -15.58
CA VAL C 378 -19.25 -14.07 -14.38
C VAL C 378 -17.76 -14.39 -14.51
N VAL C 379 -16.92 -13.35 -14.63
CA VAL C 379 -15.47 -13.47 -14.74
C VAL C 379 -14.96 -14.25 -13.51
N PRO C 380 -14.27 -15.40 -13.70
CA PRO C 380 -13.79 -16.16 -12.54
C PRO C 380 -12.79 -15.38 -11.70
N ASP C 381 -12.73 -15.67 -10.39
CA ASP C 381 -11.75 -15.03 -9.53
C ASP C 381 -10.35 -15.59 -9.90
N ILE C 382 -9.30 -14.74 -9.79
CA ILE C 382 -7.90 -15.11 -10.07
C ILE C 382 -7.46 -16.40 -9.33
N SER C 383 -8.04 -16.67 -8.14
CA SER C 383 -7.76 -17.86 -7.33
C SER C 383 -8.02 -19.18 -8.09
N ALA C 384 -8.94 -19.14 -9.08
CA ALA C 384 -9.28 -20.28 -9.94
C ALA C 384 -8.08 -20.72 -10.80
N PHE C 385 -7.09 -19.81 -10.96
CA PHE C 385 -5.87 -20.01 -11.73
C PHE C 385 -4.61 -20.04 -10.84
N ARG C 386 -4.81 -20.36 -9.53
CA ARG C 386 -3.74 -20.46 -8.52
C ARG C 386 -3.89 -21.79 -7.75
N GLU C 387 -4.47 -22.81 -8.41
CA GLU C 387 -4.79 -24.11 -7.82
C GLU C 387 -3.61 -25.09 -7.59
N GLY C 388 -2.53 -24.97 -8.35
CA GLY C 388 -1.40 -25.88 -8.16
C GLY C 388 -0.15 -25.25 -7.58
N TRP C 389 0.95 -25.33 -8.36
CA TRP C 389 2.24 -24.71 -8.02
C TRP C 389 2.27 -23.27 -8.54
N ARG C 390 1.26 -22.91 -9.38
CA ARG C 390 1.06 -21.58 -9.97
C ARG C 390 0.26 -20.66 -9.01
N TRP C 391 0.44 -20.83 -7.67
CA TRP C 391 -0.25 -20.06 -6.64
C TRP C 391 0.33 -18.66 -6.40
N VAL C 392 1.59 -18.45 -6.83
CA VAL C 392 2.31 -17.17 -6.69
C VAL C 392 1.62 -16.08 -7.50
N ARG C 393 1.54 -14.88 -6.92
CA ARG C 393 0.96 -13.69 -7.53
C ARG C 393 1.78 -13.30 -8.78
N GLN C 394 1.25 -13.64 -9.97
CA GLN C 394 1.89 -13.41 -11.28
C GLN C 394 0.86 -13.21 -12.41
N PRO C 395 1.23 -12.57 -13.56
CA PRO C 395 0.23 -12.40 -14.65
C PRO C 395 -0.26 -13.74 -15.21
N VAL C 396 -1.57 -13.83 -15.48
CA VAL C 396 -2.21 -15.04 -16.00
C VAL C 396 -2.97 -14.70 -17.31
N GLN C 397 -2.64 -15.43 -18.40
CA GLN C 397 -3.31 -15.28 -19.69
C GLN C 397 -3.97 -16.61 -20.04
N VAL C 398 -5.28 -16.57 -20.37
CA VAL C 398 -6.06 -17.76 -20.68
C VAL C 398 -6.93 -17.57 -21.92
N PRO C 399 -7.19 -18.61 -22.75
CA PRO C 399 -8.10 -18.42 -23.90
C PRO C 399 -9.57 -18.33 -23.43
N VAL C 400 -10.40 -17.70 -24.27
CA VAL C 400 -11.85 -17.58 -24.05
C VAL C 400 -12.46 -18.58 -25.04
N THR C 401 -13.31 -19.48 -24.55
CA THR C 401 -13.90 -20.55 -25.35
C THR C 401 -15.35 -20.80 -24.97
N LEU C 402 -16.20 -21.08 -25.98
CA LEU C 402 -17.62 -21.38 -25.74
C LEU C 402 -17.79 -22.88 -25.77
N VAL C 403 -18.53 -23.43 -24.80
CA VAL C 403 -18.73 -24.88 -24.72
C VAL C 403 -20.20 -25.23 -24.56
N ARG C 404 -20.67 -26.22 -25.35
CA ARG C 404 -22.03 -26.72 -25.33
C ARG C 404 -22.14 -27.84 -24.28
N ASN C 405 -23.36 -28.03 -23.72
CA ASN C 405 -23.66 -29.02 -22.68
C ASN C 405 -23.32 -30.49 -23.06
N ASP C 406 -23.16 -30.78 -24.35
CA ASP C 406 -22.80 -32.12 -24.84
C ASP C 406 -21.30 -32.27 -25.10
N GLY C 407 -20.52 -31.28 -24.67
CA GLY C 407 -19.07 -31.27 -24.79
C GLY C 407 -18.48 -30.66 -26.05
N VAL C 408 -19.32 -30.13 -26.97
CA VAL C 408 -18.84 -29.50 -28.21
C VAL C 408 -18.13 -28.18 -27.86
N ILE C 409 -16.88 -28.05 -28.29
CA ILE C 409 -16.02 -26.89 -28.02
C ILE C 409 -15.99 -25.97 -29.21
N TYR C 410 -16.35 -24.71 -28.98
CA TYR C 410 -16.32 -23.64 -29.97
C TYR C 410 -15.21 -22.65 -29.63
N SER C 411 -14.09 -22.83 -30.34
CA SER C 411 -12.87 -22.04 -30.28
C SER C 411 -13.14 -20.56 -30.55
N THR C 412 -12.29 -19.71 -30.00
CA THR C 412 -12.36 -18.26 -30.14
C THR C 412 -10.91 -17.77 -30.35
N SER C 413 -10.72 -16.62 -31.03
CA SER C 413 -9.37 -16.08 -31.23
C SER C 413 -9.01 -15.10 -30.08
N LEU C 414 -9.89 -15.01 -29.06
CA LEU C 414 -9.75 -14.10 -27.93
C LEU C 414 -9.16 -14.74 -26.68
N THR C 415 -8.30 -13.98 -25.99
CA THR C 415 -7.68 -14.36 -24.73
C THR C 415 -8.14 -13.38 -23.65
N PHE C 416 -8.02 -13.79 -22.37
CA PHE C 416 -8.34 -13.01 -21.19
C PHE C 416 -7.10 -12.97 -20.30
N THR C 417 -6.83 -11.81 -19.68
CA THR C 417 -5.65 -11.59 -18.85
C THR C 417 -5.96 -11.01 -17.47
N TYR C 418 -5.36 -11.61 -16.43
CA TYR C 418 -5.43 -11.17 -15.04
C TYR C 418 -4.04 -10.61 -14.75
N THR C 419 -3.93 -9.31 -14.48
CA THR C 419 -2.64 -8.67 -14.21
C THR C 419 -2.56 -8.10 -12.80
N PRO C 420 -1.79 -8.72 -11.88
CA PRO C 420 -1.66 -8.18 -10.53
C PRO C 420 -1.04 -6.77 -10.53
N GLU C 421 -1.53 -5.90 -9.63
CA GLU C 421 -1.07 -4.53 -9.52
C GLU C 421 -0.76 -4.17 -8.06
N PRO C 422 0.30 -3.36 -7.80
CA PRO C 422 0.61 -2.97 -6.41
C PRO C 422 -0.44 -2.04 -5.78
N ILE D 1 -19.91 28.67 -45.00
CA ILE D 1 -18.97 29.67 -44.47
C ILE D 1 -18.74 30.74 -45.55
N GLU D 2 -19.12 31.99 -45.25
CA GLU D 2 -18.96 33.12 -46.16
C GLU D 2 -17.50 33.54 -46.33
N GLU D 3 -17.09 33.79 -47.59
CA GLU D 3 -15.74 34.24 -47.94
C GLU D 3 -15.66 35.75 -47.69
N GLY D 4 -14.54 36.19 -47.14
CA GLY D 4 -14.30 37.61 -46.86
C GLY D 4 -14.65 38.08 -45.47
N LYS D 5 -15.01 37.14 -44.57
CA LYS D 5 -15.38 37.42 -43.18
C LYS D 5 -14.96 36.27 -42.26
N LEU D 6 -14.35 36.61 -41.10
CA LEU D 6 -13.90 35.59 -40.13
C LEU D 6 -14.92 35.38 -39.01
N VAL D 7 -15.30 34.12 -38.79
CA VAL D 7 -16.20 33.70 -37.71
C VAL D 7 -15.35 32.95 -36.71
N ILE D 8 -15.33 33.42 -35.45
CA ILE D 8 -14.51 32.86 -34.39
C ILE D 8 -15.38 32.35 -33.23
N TRP D 9 -15.10 31.13 -32.76
CA TRP D 9 -15.77 30.52 -31.61
C TRP D 9 -14.78 30.40 -30.47
N ILE D 10 -15.17 30.92 -29.28
CA ILE D 10 -14.38 30.91 -28.05
C ILE D 10 -15.33 30.68 -26.87
N ASN D 11 -14.90 30.00 -25.80
CA ASN D 11 -15.75 29.73 -24.63
C ASN D 11 -16.11 31.02 -23.87
N GLY D 12 -17.33 31.06 -23.35
CA GLY D 12 -17.89 32.20 -22.62
C GLY D 12 -17.11 32.64 -21.40
N ASP D 13 -16.31 31.73 -20.81
CA ASP D 13 -15.48 32.02 -19.64
C ASP D 13 -14.15 32.70 -20.01
N LYS D 14 -13.90 32.93 -21.31
CA LYS D 14 -12.68 33.54 -21.83
C LYS D 14 -12.90 35.00 -22.22
N GLY D 15 -11.82 35.70 -22.54
CA GLY D 15 -11.86 37.12 -22.91
C GLY D 15 -12.31 37.37 -24.34
N TYR D 16 -13.61 37.09 -24.63
CA TYR D 16 -14.19 37.27 -25.96
C TYR D 16 -14.32 38.74 -26.38
N ASN D 17 -14.63 39.67 -25.46
CA ASN D 17 -14.72 41.09 -25.79
C ASN D 17 -13.32 41.65 -26.11
N GLY D 18 -12.31 41.13 -25.42
CA GLY D 18 -10.91 41.50 -25.65
C GLY D 18 -10.45 41.03 -27.01
N LEU D 19 -10.88 39.81 -27.41
CA LEU D 19 -10.63 39.19 -28.70
C LEU D 19 -11.40 39.96 -29.79
N ALA D 20 -12.58 40.52 -29.45
CA ALA D 20 -13.39 41.32 -30.37
C ALA D 20 -12.70 42.65 -30.72
N GLU D 21 -11.91 43.20 -29.76
CA GLU D 21 -11.11 44.43 -29.94
C GLU D 21 -10.03 44.16 -30.99
N VAL D 22 -9.44 42.92 -30.95
CA VAL D 22 -8.42 42.44 -31.90
C VAL D 22 -9.08 42.34 -33.31
N GLY D 23 -10.34 41.92 -33.34
CA GLY D 23 -11.14 41.80 -34.56
C GLY D 23 -11.46 43.14 -35.20
N LYS D 24 -11.67 44.17 -34.35
CA LYS D 24 -11.95 45.54 -34.77
C LYS D 24 -10.69 46.14 -35.41
N LYS D 25 -9.51 45.81 -34.86
CA LYS D 25 -8.20 46.27 -35.34
C LYS D 25 -7.92 45.69 -36.72
N PHE D 26 -8.22 44.36 -36.90
CA PHE D 26 -8.06 43.62 -38.16
C PHE D 26 -8.96 44.22 -39.24
N GLU D 27 -10.21 44.57 -38.85
CA GLU D 27 -11.22 45.18 -39.72
C GLU D 27 -10.82 46.57 -40.20
N LYS D 28 -10.15 47.37 -39.35
CA LYS D 28 -9.69 48.73 -39.67
C LYS D 28 -8.39 48.73 -40.50
N ASP D 29 -7.66 47.59 -40.50
CA ASP D 29 -6.40 47.42 -41.21
C ASP D 29 -6.55 46.77 -42.60
N THR D 30 -7.33 45.67 -42.69
CA THR D 30 -7.52 44.93 -43.95
C THR D 30 -8.90 45.12 -44.60
N GLY D 31 -9.91 45.47 -43.81
CA GLY D 31 -11.28 45.64 -44.30
C GLY D 31 -12.12 44.39 -44.17
N ILE D 32 -11.58 43.35 -43.53
CA ILE D 32 -12.26 42.06 -43.32
C ILE D 32 -12.96 42.04 -41.97
N LYS D 33 -14.30 41.91 -41.98
CA LYS D 33 -15.15 41.87 -40.80
C LYS D 33 -14.89 40.62 -39.98
N VAL D 34 -14.79 40.77 -38.64
CA VAL D 34 -14.53 39.68 -37.71
C VAL D 34 -15.67 39.57 -36.69
N THR D 35 -16.26 38.36 -36.56
CA THR D 35 -17.37 38.08 -35.65
C THR D 35 -16.92 37.07 -34.58
N VAL D 36 -16.88 37.52 -33.32
CA VAL D 36 -16.48 36.71 -32.17
C VAL D 36 -17.75 36.22 -31.46
N GLU D 37 -17.92 34.88 -31.38
CA GLU D 37 -19.09 34.25 -30.78
C GLU D 37 -18.69 33.30 -29.65
N HIS D 38 -19.56 33.15 -28.65
CA HIS D 38 -19.37 32.25 -27.51
C HIS D 38 -20.61 31.35 -27.30
N PRO D 39 -20.87 30.38 -28.20
CA PRO D 39 -22.05 29.52 -28.02
C PRO D 39 -21.87 28.47 -26.94
N ASP D 40 -22.99 28.07 -26.29
CA ASP D 40 -22.97 27.05 -25.23
C ASP D 40 -22.63 25.70 -25.84
N LYS D 41 -21.79 24.91 -25.12
CA LYS D 41 -21.33 23.57 -25.51
C LYS D 41 -20.68 23.55 -26.91
N LEU D 42 -19.79 24.53 -27.20
CA LEU D 42 -19.13 24.65 -28.51
C LEU D 42 -18.15 23.50 -28.80
N GLU D 43 -17.66 22.81 -27.74
CA GLU D 43 -16.76 21.65 -27.88
C GLU D 43 -17.52 20.46 -28.52
N GLU D 44 -18.84 20.40 -28.28
CA GLU D 44 -19.77 19.41 -28.80
C GLU D 44 -20.35 19.90 -30.12
N LYS D 45 -20.67 21.22 -30.20
CA LYS D 45 -21.25 21.86 -31.37
C LYS D 45 -20.33 21.81 -32.58
N PHE D 46 -19.09 22.33 -32.46
CA PHE D 46 -18.08 22.37 -33.52
C PHE D 46 -17.97 21.05 -34.35
N PRO D 47 -17.69 19.85 -33.77
CA PRO D 47 -17.59 18.64 -34.62
C PRO D 47 -18.85 18.28 -35.40
N GLN D 48 -20.03 18.75 -34.96
CA GLN D 48 -21.30 18.51 -35.64
C GLN D 48 -21.41 19.42 -36.87
N VAL D 49 -21.25 20.75 -36.67
CA VAL D 49 -21.31 21.73 -37.76
C VAL D 49 -20.15 21.59 -38.75
N ALA D 50 -18.92 21.31 -38.25
CA ALA D 50 -17.74 21.17 -39.10
C ALA D 50 -17.81 19.95 -40.03
N ALA D 51 -18.48 18.87 -39.59
CA ALA D 51 -18.67 17.63 -40.36
C ALA D 51 -19.42 17.89 -41.66
N THR D 52 -20.50 18.69 -41.60
CA THR D 52 -21.30 19.06 -42.77
C THR D 52 -20.54 20.04 -43.68
N GLY D 53 -19.56 20.74 -43.11
CA GLY D 53 -18.73 21.72 -43.80
C GLY D 53 -19.02 23.15 -43.39
N ASP D 54 -19.73 23.34 -42.26
CA ASP D 54 -20.11 24.65 -41.72
C ASP D 54 -19.36 24.94 -40.40
N GLY D 55 -19.82 25.93 -39.64
CA GLY D 55 -19.21 26.32 -38.37
C GLY D 55 -18.29 27.51 -38.46
N PRO D 56 -17.41 27.73 -37.45
CA PRO D 56 -16.50 28.89 -37.50
C PRO D 56 -15.29 28.68 -38.42
N ASP D 57 -14.54 29.75 -38.66
CA ASP D 57 -13.31 29.73 -39.43
C ASP D 57 -12.18 29.34 -38.46
N ILE D 58 -12.21 29.92 -37.25
CA ILE D 58 -11.24 29.71 -36.18
C ILE D 58 -11.98 29.15 -34.95
N ILE D 59 -11.42 28.12 -34.29
CA ILE D 59 -11.96 27.50 -33.07
C ILE D 59 -10.99 27.61 -31.89
N PHE D 60 -11.47 28.17 -30.76
CA PHE D 60 -10.72 28.30 -29.52
C PHE D 60 -11.22 27.32 -28.49
N TRP D 61 -10.32 26.46 -28.03
CA TRP D 61 -10.53 25.47 -26.98
C TRP D 61 -9.18 24.97 -26.50
N ALA D 62 -9.13 24.28 -25.36
CA ALA D 62 -7.90 23.66 -24.86
C ALA D 62 -7.50 22.55 -25.85
N HIS D 63 -6.19 22.33 -26.02
CA HIS D 63 -5.59 21.38 -26.96
C HIS D 63 -6.14 19.94 -26.94
N ASP D 64 -6.72 19.51 -25.79
CA ASP D 64 -7.20 18.14 -25.57
C ASP D 64 -8.29 17.67 -26.52
N ARG D 65 -9.13 18.59 -27.05
CA ARG D 65 -10.22 18.22 -27.97
C ARG D 65 -9.82 18.20 -29.44
N PHE D 66 -8.73 18.92 -29.79
CA PHE D 66 -8.21 19.12 -31.14
C PHE D 66 -7.72 17.84 -31.84
N GLY D 67 -7.27 16.85 -31.06
CA GLY D 67 -6.81 15.57 -31.59
C GLY D 67 -7.89 14.84 -32.34
N GLY D 68 -9.09 14.81 -31.75
CA GLY D 68 -10.28 14.21 -32.34
C GLY D 68 -10.77 14.95 -33.57
N TYR D 69 -10.71 16.30 -33.52
CA TYR D 69 -11.11 17.18 -34.62
C TYR D 69 -10.21 16.96 -35.83
N ALA D 70 -8.90 16.75 -35.56
CA ALA D 70 -7.87 16.49 -36.58
C ALA D 70 -8.10 15.13 -37.21
N GLN D 71 -8.39 14.09 -36.37
CA GLN D 71 -8.68 12.72 -36.79
C GLN D 71 -9.90 12.65 -37.72
N SER D 72 -10.94 13.47 -37.42
CA SER D 72 -12.17 13.57 -38.20
C SER D 72 -11.95 14.38 -39.50
N GLY D 73 -10.79 15.04 -39.61
CA GLY D 73 -10.38 15.86 -40.75
C GLY D 73 -11.01 17.24 -40.78
N LEU D 74 -11.44 17.74 -39.61
CA LEU D 74 -12.10 19.04 -39.47
C LEU D 74 -11.14 20.22 -39.38
N LEU D 75 -9.86 19.96 -39.11
CA LEU D 75 -8.86 21.02 -38.96
C LEU D 75 -7.87 21.09 -40.11
N ALA D 76 -7.45 22.32 -40.43
CA ALA D 76 -6.47 22.64 -41.46
C ALA D 76 -5.10 22.56 -40.83
N GLU D 77 -4.09 22.11 -41.60
CA GLU D 77 -2.72 21.98 -41.10
C GLU D 77 -2.06 23.34 -40.98
N ILE D 78 -1.47 23.59 -39.81
CA ILE D 78 -0.73 24.82 -39.45
C ILE D 78 0.72 24.65 -39.89
N THR D 79 1.18 25.57 -40.76
CA THR D 79 2.54 25.53 -41.29
C THR D 79 3.20 26.91 -41.12
N PRO D 80 3.57 27.31 -39.88
CA PRO D 80 4.19 28.64 -39.71
C PRO D 80 5.68 28.68 -40.05
N ASP D 81 6.19 29.89 -40.27
CA ASP D 81 7.61 30.12 -40.56
C ASP D 81 8.44 29.94 -39.29
N LYS D 82 9.74 29.61 -39.46
CA LYS D 82 10.71 29.41 -38.38
C LYS D 82 10.74 30.59 -37.41
N ALA D 83 10.76 31.83 -37.97
CA ALA D 83 10.76 33.10 -37.22
C ALA D 83 9.55 33.19 -36.32
N PHE D 84 8.38 32.68 -36.80
CA PHE D 84 7.16 32.69 -36.01
C PHE D 84 7.15 31.59 -34.95
N GLN D 85 7.52 30.36 -35.34
CA GLN D 85 7.56 29.19 -34.46
C GLN D 85 8.43 29.45 -33.22
N ASP D 86 9.58 30.15 -33.39
CA ASP D 86 10.52 30.49 -32.31
C ASP D 86 9.96 31.50 -31.30
N LYS D 87 8.95 32.30 -31.69
CA LYS D 87 8.31 33.31 -30.84
C LYS D 87 7.47 32.68 -29.71
N LEU D 88 7.08 31.40 -29.90
CA LEU D 88 6.27 30.62 -28.97
C LEU D 88 7.07 29.47 -28.36
N TYR D 89 6.77 29.10 -27.09
CA TYR D 89 7.47 28.03 -26.37
C TYR D 89 7.35 26.67 -27.06
N PRO D 90 8.46 25.90 -27.19
CA PRO D 90 8.37 24.59 -27.87
C PRO D 90 7.32 23.63 -27.30
N PHE D 91 7.13 23.61 -25.96
CA PHE D 91 6.15 22.73 -25.32
C PHE D 91 4.71 23.11 -25.67
N THR D 92 4.48 24.40 -26.01
CA THR D 92 3.15 24.86 -26.42
C THR D 92 2.84 24.32 -27.82
N TRP D 93 3.87 24.22 -28.68
CA TRP D 93 3.75 23.66 -30.03
C TRP D 93 3.57 22.13 -29.96
N ASP D 94 4.12 21.48 -28.91
CA ASP D 94 4.02 20.03 -28.71
C ASP D 94 2.59 19.63 -28.39
N ALA D 95 1.84 20.49 -27.67
CA ALA D 95 0.44 20.26 -27.29
C ALA D 95 -0.49 20.30 -28.51
N VAL D 96 -0.13 21.12 -29.53
CA VAL D 96 -0.91 21.29 -30.76
C VAL D 96 -0.40 20.39 -31.91
N ARG D 97 0.46 19.41 -31.59
CA ARG D 97 0.97 18.49 -32.60
C ARG D 97 0.24 17.15 -32.55
N TYR D 98 -0.30 16.72 -33.70
CA TYR D 98 -1.03 15.46 -33.86
C TYR D 98 -0.57 14.79 -35.14
N ASN D 99 0.04 13.58 -35.00
CA ASN D 99 0.59 12.76 -36.07
C ASN D 99 1.64 13.53 -36.90
N GLY D 100 2.55 14.20 -36.20
CA GLY D 100 3.64 14.97 -36.79
C GLY D 100 3.19 16.19 -37.59
N LYS D 101 1.99 16.71 -37.27
CA LYS D 101 1.41 17.87 -37.93
C LYS D 101 0.85 18.82 -36.88
N LEU D 102 1.06 20.12 -37.09
CA LEU D 102 0.56 21.17 -36.22
C LEU D 102 -0.88 21.44 -36.65
N ILE D 103 -1.83 21.25 -35.74
CA ILE D 103 -3.28 21.36 -36.04
C ILE D 103 -3.95 22.61 -35.48
N ALA D 104 -3.23 23.39 -34.66
CA ALA D 104 -3.72 24.63 -34.05
C ALA D 104 -2.55 25.53 -33.64
N TYR D 105 -2.84 26.78 -33.28
CA TYR D 105 -1.86 27.74 -32.79
C TYR D 105 -1.98 27.76 -31.27
N PRO D 106 -0.89 27.61 -30.49
CA PRO D 106 -1.05 27.70 -29.03
C PRO D 106 -1.16 29.15 -28.57
N ILE D 107 -1.98 29.42 -27.55
CA ILE D 107 -2.17 30.79 -27.07
C ILE D 107 -1.68 30.94 -25.64
N ALA D 108 -2.17 30.08 -24.71
CA ALA D 108 -1.80 30.19 -23.30
C ALA D 108 -1.94 28.86 -22.55
N VAL D 109 -1.12 28.70 -21.53
CA VAL D 109 -1.07 27.55 -20.64
C VAL D 109 -1.89 27.90 -19.40
N GLU D 110 -2.90 27.08 -19.09
CA GLU D 110 -3.81 27.30 -17.99
C GLU D 110 -3.95 26.08 -17.08
N ALA D 111 -3.94 26.34 -15.77
CA ALA D 111 -4.06 25.34 -14.71
C ALA D 111 -4.92 25.89 -13.58
N LEU D 112 -5.61 24.99 -12.86
CA LEU D 112 -6.44 25.37 -11.71
C LEU D 112 -5.56 25.65 -10.51
N SER D 113 -5.96 26.62 -9.69
CA SER D 113 -5.24 26.98 -8.48
C SER D 113 -6.25 27.17 -7.38
N LEU D 114 -5.77 27.23 -6.13
CA LEU D 114 -6.64 27.50 -5.00
C LEU D 114 -6.74 29.01 -4.86
N ILE D 115 -7.96 29.54 -5.01
CA ILE D 115 -8.23 30.96 -4.85
C ILE D 115 -8.87 31.14 -3.48
N TYR D 116 -8.18 31.82 -2.56
CA TYR D 116 -8.66 32.04 -1.18
C TYR D 116 -8.90 33.51 -0.84
N ASN D 117 -9.78 33.75 0.14
CA ASN D 117 -10.12 35.08 0.66
C ASN D 117 -9.19 35.35 1.85
N LYS D 118 -8.26 36.33 1.70
CA LYS D 118 -7.26 36.68 2.70
C LYS D 118 -7.84 37.23 4.01
N ASP D 119 -8.99 37.93 3.94
CA ASP D 119 -9.64 38.50 5.14
C ASP D 119 -10.25 37.40 5.99
N LEU D 120 -10.99 36.48 5.35
CA LEU D 120 -11.65 35.35 5.97
C LEU D 120 -10.65 34.27 6.39
N LEU D 121 -9.60 34.07 5.59
CA LEU D 121 -8.58 33.05 5.83
C LEU D 121 -7.19 33.55 5.39
N PRO D 122 -6.37 34.08 6.34
CA PRO D 122 -5.04 34.59 5.96
C PRO D 122 -4.04 33.50 5.57
N ASN D 123 -4.13 32.33 6.24
CA ASN D 123 -3.28 31.18 5.98
C ASN D 123 -4.13 30.07 5.36
N PRO D 124 -4.04 29.88 4.02
CA PRO D 124 -4.85 28.83 3.37
C PRO D 124 -4.42 27.41 3.75
N PRO D 125 -5.36 26.42 3.78
CA PRO D 125 -4.98 25.04 4.14
C PRO D 125 -4.00 24.39 3.17
N LYS D 126 -2.99 23.73 3.73
CA LYS D 126 -1.99 23.02 2.96
C LYS D 126 -2.51 21.65 2.52
N THR D 127 -3.54 21.10 3.22
CA THR D 127 -4.15 19.80 2.93
C THR D 127 -5.68 19.84 2.76
N TRP D 128 -6.23 18.84 2.04
CA TRP D 128 -7.69 18.70 1.81
C TRP D 128 -8.38 18.25 3.10
N GLU D 129 -7.69 17.38 3.87
CA GLU D 129 -8.14 16.79 5.13
C GLU D 129 -8.46 17.79 6.23
N GLU D 130 -7.87 19.00 6.20
CA GLU D 130 -8.09 20.02 7.23
C GLU D 130 -9.24 20.99 6.88
N ILE D 131 -9.80 20.89 5.64
CA ILE D 131 -10.90 21.75 5.17
C ILE D 131 -12.18 21.57 6.02
N PRO D 132 -12.65 20.32 6.37
CA PRO D 132 -13.87 20.20 7.21
C PRO D 132 -13.76 20.89 8.57
N ALA D 133 -12.55 20.93 9.17
CA ALA D 133 -12.28 21.60 10.44
C ALA D 133 -12.35 23.11 10.24
N LEU D 134 -11.83 23.61 9.10
CA LEU D 134 -11.88 25.03 8.73
C LEU D 134 -13.32 25.45 8.46
N ASP D 135 -14.15 24.51 7.95
CA ASP D 135 -15.57 24.71 7.66
C ASP D 135 -16.37 24.95 8.94
N LYS D 136 -16.13 24.15 10.02
CA LYS D 136 -16.79 24.32 11.32
C LYS D 136 -16.61 25.76 11.82
N GLU D 137 -15.36 26.26 11.78
CA GLU D 137 -14.96 27.62 12.17
C GLU D 137 -15.74 28.67 11.37
N LEU D 138 -15.74 28.54 10.03
CA LEU D 138 -16.41 29.46 9.11
C LEU D 138 -17.94 29.42 9.21
N LYS D 139 -18.53 28.22 9.41
CA LYS D 139 -19.99 28.05 9.55
C LYS D 139 -20.55 28.82 10.75
N ALA D 140 -19.74 28.94 11.83
CA ALA D 140 -20.05 29.69 13.04
C ALA D 140 -20.15 31.20 12.71
N LYS D 141 -19.30 31.67 11.77
CA LYS D 141 -19.26 33.06 11.27
C LYS D 141 -20.26 33.29 10.11
N GLY D 142 -21.13 32.30 9.88
CA GLY D 142 -22.15 32.34 8.84
C GLY D 142 -21.61 32.23 7.42
N LYS D 143 -20.42 31.63 7.27
CA LYS D 143 -19.74 31.45 5.98
C LYS D 143 -19.41 29.97 5.76
N SER D 144 -18.76 29.64 4.63
CA SER D 144 -18.33 28.27 4.31
C SER D 144 -16.86 28.24 3.87
N ALA D 145 -16.21 27.05 3.93
CA ALA D 145 -14.80 26.92 3.59
C ALA D 145 -14.52 26.87 2.09
N LEU D 146 -15.15 25.92 1.37
CA LEU D 146 -14.89 25.70 -0.05
C LEU D 146 -16.16 25.61 -0.91
N MET D 147 -16.05 26.11 -2.15
CA MET D 147 -17.11 26.10 -3.16
C MET D 147 -16.49 26.17 -4.54
N PHE D 148 -16.68 25.11 -5.34
CA PHE D 148 -16.20 25.04 -6.72
C PHE D 148 -17.16 24.24 -7.63
N ASN D 149 -16.98 24.36 -8.96
CA ASN D 149 -17.82 23.67 -9.95
C ASN D 149 -17.74 22.15 -9.81
N LEU D 150 -18.88 21.55 -9.46
CA LEU D 150 -19.00 20.10 -9.29
C LEU D 150 -19.73 19.43 -10.46
N GLN D 151 -20.03 20.20 -11.52
CA GLN D 151 -20.72 19.69 -12.72
C GLN D 151 -19.72 19.37 -13.83
N GLU D 152 -18.47 19.87 -13.71
CA GLU D 152 -17.40 19.68 -14.68
C GLU D 152 -16.20 18.92 -14.09
N PRO D 153 -15.91 17.70 -14.60
CA PRO D 153 -14.81 16.87 -14.04
C PRO D 153 -13.43 17.51 -13.96
N TYR D 154 -13.15 18.53 -14.80
CA TYR D 154 -11.90 19.29 -14.85
C TYR D 154 -11.46 19.78 -13.47
N PHE D 155 -12.44 20.25 -12.65
CA PHE D 155 -12.27 20.82 -11.32
C PHE D 155 -12.08 19.78 -10.22
N THR D 156 -12.62 18.57 -10.41
CA THR D 156 -12.55 17.48 -9.44
C THR D 156 -11.38 16.53 -9.74
N TRP D 157 -10.86 16.59 -10.99
CA TRP D 157 -9.72 15.80 -11.45
C TRP D 157 -8.44 16.00 -10.59
N PRO D 158 -8.07 17.25 -10.17
CA PRO D 158 -6.86 17.39 -9.32
C PRO D 158 -6.88 16.50 -8.07
N LEU D 159 -8.06 16.29 -7.47
CA LEU D 159 -8.24 15.44 -6.29
C LEU D 159 -8.16 13.93 -6.64
N ILE D 160 -8.83 13.54 -7.74
CA ILE D 160 -8.86 12.18 -8.28
C ILE D 160 -7.43 11.73 -8.66
N ALA D 161 -6.64 12.63 -9.27
CA ALA D 161 -5.27 12.33 -9.68
C ALA D 161 -4.28 12.22 -8.52
N ALA D 162 -4.37 13.13 -7.55
CA ALA D 162 -3.50 13.29 -6.39
C ALA D 162 -2.90 11.96 -5.83
N ASP D 163 -3.75 10.97 -5.47
CA ASP D 163 -3.30 9.72 -4.87
C ASP D 163 -2.89 8.60 -5.88
N GLY D 164 -3.36 8.64 -7.11
CA GLY D 164 -2.96 7.64 -8.09
C GLY D 164 -3.71 7.58 -9.40
N GLY D 165 -4.75 8.38 -9.53
CA GLY D 165 -5.60 8.42 -10.71
C GLY D 165 -4.96 9.06 -11.92
N TYR D 166 -5.20 8.48 -13.10
CA TYR D 166 -4.69 8.99 -14.37
C TYR D 166 -5.67 8.75 -15.53
N ALA D 167 -5.52 9.49 -16.63
CA ALA D 167 -6.37 9.31 -17.80
C ALA D 167 -5.83 8.13 -18.62
N PHE D 168 -4.70 8.33 -19.31
CA PHE D 168 -4.01 7.32 -20.12
C PHE D 168 -2.53 7.32 -19.75
N LYS D 169 -1.94 6.12 -19.58
CA LYS D 169 -0.52 5.97 -19.26
C LYS D 169 0.32 6.30 -20.48
N TYR D 170 1.48 6.95 -20.26
CA TYR D 170 2.40 7.26 -21.35
C TYR D 170 3.53 6.23 -21.38
N GLU D 171 3.41 5.26 -22.30
CA GLU D 171 4.38 4.18 -22.48
C GLU D 171 5.15 4.42 -23.77
N ASN D 172 6.50 4.36 -23.67
CA ASN D 172 7.48 4.59 -24.75
C ASN D 172 7.39 6.05 -25.25
N GLY D 173 6.87 6.24 -26.46
CA GLY D 173 6.67 7.57 -27.05
C GLY D 173 5.22 7.81 -27.44
N LYS D 174 4.29 7.09 -26.78
CA LYS D 174 2.86 7.16 -27.04
C LYS D 174 2.00 6.92 -25.79
N TYR D 175 0.69 7.18 -25.90
CA TYR D 175 -0.27 6.95 -24.84
C TYR D 175 -0.88 5.56 -25.07
N ASP D 176 -0.97 4.76 -24.01
CA ASP D 176 -1.57 3.42 -24.08
C ASP D 176 -3.07 3.60 -23.91
N ILE D 177 -3.79 3.60 -25.05
CA ILE D 177 -5.24 3.80 -25.16
C ILE D 177 -6.07 2.66 -24.53
N LYS D 178 -5.37 1.71 -23.87
CA LYS D 178 -5.93 0.56 -23.17
C LYS D 178 -5.67 0.68 -21.66
N ASP D 179 -4.59 1.40 -21.27
CA ASP D 179 -4.20 1.64 -19.88
C ASP D 179 -4.85 2.92 -19.36
N VAL D 180 -5.94 2.75 -18.62
CA VAL D 180 -6.77 3.81 -18.02
C VAL D 180 -6.71 3.67 -16.49
N GLY D 181 -6.41 4.78 -15.80
CA GLY D 181 -6.30 4.79 -14.35
C GLY D 181 -7.47 5.48 -13.66
N VAL D 182 -8.70 5.10 -14.04
CA VAL D 182 -9.92 5.69 -13.50
C VAL D 182 -10.47 4.86 -12.30
N ASP D 183 -10.30 3.53 -12.26
CA ASP D 183 -10.84 2.78 -11.11
C ASP D 183 -9.77 2.26 -10.11
N ASN D 184 -8.57 2.88 -10.09
CA ASN D 184 -7.51 2.49 -9.15
C ASN D 184 -7.80 3.01 -7.74
N ALA D 185 -6.99 2.59 -6.76
CA ALA D 185 -7.15 3.00 -5.36
C ALA D 185 -7.06 4.51 -5.18
N GLY D 186 -6.09 5.14 -5.85
CA GLY D 186 -5.85 6.57 -5.81
C GLY D 186 -7.02 7.41 -6.26
N ALA D 187 -7.61 7.03 -7.40
CA ALA D 187 -8.79 7.72 -7.94
C ALA D 187 -9.98 7.57 -7.00
N LYS D 188 -10.19 6.34 -6.44
CA LYS D 188 -11.25 5.96 -5.51
C LYS D 188 -11.19 6.77 -4.23
N ALA D 189 -9.98 6.95 -3.66
CA ALA D 189 -9.72 7.73 -2.44
C ALA D 189 -10.07 9.21 -2.63
N GLY D 190 -9.76 9.74 -3.83
CA GLY D 190 -10.01 11.11 -4.22
C GLY D 190 -11.49 11.43 -4.36
N LEU D 191 -12.23 10.57 -5.08
CA LEU D 191 -13.68 10.74 -5.24
C LEU D 191 -14.45 10.45 -3.94
N THR D 192 -13.97 9.48 -3.12
CA THR D 192 -14.58 9.17 -1.83
C THR D 192 -14.52 10.41 -0.94
N PHE D 193 -13.36 11.12 -0.94
CA PHE D 193 -13.17 12.33 -0.15
C PHE D 193 -14.14 13.45 -0.57
N LEU D 194 -14.34 13.64 -1.88
CA LEU D 194 -15.25 14.64 -2.43
C LEU D 194 -16.69 14.32 -2.02
N VAL D 195 -17.07 13.03 -2.14
CA VAL D 195 -18.39 12.53 -1.78
C VAL D 195 -18.63 12.69 -0.26
N ASP D 196 -17.58 12.51 0.54
CA ASP D 196 -17.63 12.69 1.99
C ASP D 196 -17.84 14.15 2.37
N LEU D 197 -17.24 15.09 1.60
CA LEU D 197 -17.41 16.53 1.80
C LEU D 197 -18.87 16.90 1.51
N ILE D 198 -19.49 16.24 0.50
CA ILE D 198 -20.88 16.46 0.10
C ILE D 198 -21.86 15.84 1.12
N LYS D 199 -21.62 14.56 1.50
CA LYS D 199 -22.43 13.81 2.48
C LYS D 199 -22.44 14.51 3.84
N ASN D 200 -21.32 15.16 4.22
CA ASN D 200 -21.19 15.86 5.50
C ASN D 200 -21.51 17.36 5.42
N LYS D 201 -22.22 17.77 4.35
CA LYS D 201 -22.74 19.12 4.09
C LYS D 201 -21.67 20.25 4.01
N HIS D 202 -20.39 19.90 3.72
CA HIS D 202 -19.32 20.89 3.55
C HIS D 202 -19.38 21.51 2.14
N MET D 203 -19.97 20.76 1.19
CA MET D 203 -20.17 21.15 -0.21
C MET D 203 -21.53 20.62 -0.70
N ASN D 204 -22.10 21.25 -1.75
CA ASN D 204 -23.40 20.85 -2.32
C ASN D 204 -23.21 20.29 -3.74
N ALA D 205 -23.74 19.08 -3.98
CA ALA D 205 -23.67 18.38 -5.28
C ALA D 205 -24.21 19.21 -6.45
N ASP D 206 -25.18 20.11 -6.20
CA ASP D 206 -25.80 20.97 -7.21
C ASP D 206 -24.98 22.21 -7.59
N THR D 207 -23.81 22.42 -6.94
CA THR D 207 -22.94 23.57 -7.21
C THR D 207 -22.29 23.50 -8.59
N ASP D 208 -22.50 24.56 -9.40
CA ASP D 208 -21.93 24.73 -10.73
C ASP D 208 -21.01 25.95 -10.73
N TYR D 209 -20.44 26.31 -11.91
CA TYR D 209 -19.51 27.43 -12.06
C TYR D 209 -20.05 28.75 -11.50
N SER D 210 -21.24 29.19 -11.97
CA SER D 210 -21.85 30.46 -11.55
C SER D 210 -22.19 30.53 -10.06
N ILE D 211 -22.73 29.44 -9.47
CA ILE D 211 -23.08 29.37 -8.04
C ILE D 211 -21.84 29.62 -7.15
N ALA D 212 -20.73 28.91 -7.43
CA ALA D 212 -19.47 29.02 -6.70
C ALA D 212 -18.80 30.40 -6.89
N GLU D 213 -18.88 30.95 -8.13
CA GLU D 213 -18.29 32.25 -8.48
C GLU D 213 -19.00 33.36 -7.70
N ALA D 214 -20.35 33.27 -7.61
CA ALA D 214 -21.18 34.23 -6.87
C ALA D 214 -20.80 34.21 -5.39
N ALA D 215 -20.78 33.01 -4.77
CA ALA D 215 -20.42 32.81 -3.37
C ALA D 215 -19.03 33.35 -3.00
N PHE D 216 -18.02 33.14 -3.86
CA PHE D 216 -16.68 33.63 -3.57
C PHE D 216 -16.60 35.15 -3.68
N ASN D 217 -17.03 35.71 -4.84
CA ASN D 217 -17.02 37.14 -5.11
C ASN D 217 -17.90 37.94 -4.16
N LYS D 218 -18.95 37.32 -3.57
CA LYS D 218 -19.82 37.96 -2.59
C LYS D 218 -19.27 37.81 -1.16
N GLY D 219 -18.18 37.07 -1.01
CA GLY D 219 -17.50 36.84 0.26
C GLY D 219 -18.16 35.81 1.17
N GLU D 220 -19.10 35.03 0.62
CA GLU D 220 -19.83 33.98 1.34
C GLU D 220 -18.96 32.74 1.60
N THR D 221 -18.06 32.39 0.65
CA THR D 221 -17.17 31.24 0.80
C THR D 221 -15.70 31.70 0.89
N ALA D 222 -14.90 31.00 1.71
CA ALA D 222 -13.48 31.34 1.95
C ALA D 222 -12.56 30.96 0.81
N MET D 223 -12.88 29.88 0.08
CA MET D 223 -12.04 29.36 -1.01
C MET D 223 -12.83 28.91 -2.22
N THR D 224 -12.16 28.89 -3.38
CA THR D 224 -12.66 28.40 -4.66
C THR D 224 -11.53 27.78 -5.49
N ILE D 225 -11.87 26.88 -6.40
CA ILE D 225 -10.91 26.26 -7.31
C ILE D 225 -11.31 26.76 -8.69
N ASN D 226 -10.41 27.52 -9.33
CA ASN D 226 -10.64 28.08 -10.66
C ASN D 226 -9.32 28.41 -11.37
N GLY D 227 -9.44 28.75 -12.64
CA GLY D 227 -8.30 29.10 -13.49
C GLY D 227 -8.08 30.59 -13.63
N PRO D 228 -7.06 30.99 -14.42
CA PRO D 228 -6.75 32.43 -14.57
C PRO D 228 -7.88 33.31 -15.08
N TRP D 229 -8.75 32.77 -15.94
CA TRP D 229 -9.91 33.47 -16.53
C TRP D 229 -10.86 34.07 -15.49
N ALA D 230 -10.93 33.46 -14.30
CA ALA D 230 -11.83 33.88 -13.21
C ALA D 230 -11.35 35.08 -12.40
N TRP D 231 -10.06 35.48 -12.52
CA TRP D 231 -9.45 36.57 -11.76
C TRP D 231 -10.06 37.95 -11.97
N SER D 232 -10.51 38.28 -13.21
CA SER D 232 -11.10 39.57 -13.57
C SER D 232 -12.37 39.93 -12.79
N ASN D 233 -13.28 38.96 -12.59
CA ASN D 233 -14.51 39.15 -11.86
C ASN D 233 -14.26 39.33 -10.37
N ILE D 234 -13.24 38.65 -9.82
CA ILE D 234 -12.84 38.78 -8.41
C ILE D 234 -12.22 40.17 -8.18
N ASP D 235 -11.54 40.74 -9.21
CA ASP D 235 -10.93 42.07 -9.19
C ASP D 235 -12.00 43.16 -9.09
N THR D 236 -13.14 43.01 -9.83
CA THR D 236 -14.25 43.96 -9.82
C THR D 236 -15.02 43.90 -8.50
N SER D 237 -15.06 42.70 -7.87
CA SER D 237 -15.72 42.49 -6.58
C SER D 237 -14.86 43.01 -5.42
N LYS D 238 -13.57 43.36 -5.70
CA LYS D 238 -12.58 43.90 -4.75
C LYS D 238 -12.41 43.04 -3.47
N VAL D 239 -12.45 41.69 -3.65
CA VAL D 239 -12.22 40.71 -2.59
C VAL D 239 -10.69 40.64 -2.46
N ASN D 240 -10.16 40.75 -1.22
CA ASN D 240 -8.71 40.65 -1.02
C ASN D 240 -8.38 39.16 -1.16
N TYR D 241 -8.18 38.73 -2.41
CA TYR D 241 -7.94 37.33 -2.71
C TYR D 241 -6.48 36.98 -2.92
N GLY D 242 -6.20 35.68 -2.81
CA GLY D 242 -4.91 35.08 -3.01
C GLY D 242 -5.03 33.88 -3.94
N VAL D 243 -4.02 33.68 -4.80
CA VAL D 243 -3.96 32.56 -5.72
C VAL D 243 -2.77 31.72 -5.26
N THR D 244 -3.02 30.48 -4.84
CA THR D 244 -1.97 29.63 -4.30
C THR D 244 -2.06 28.17 -4.80
N VAL D 245 -1.15 27.32 -4.28
CA VAL D 245 -1.04 25.90 -4.57
C VAL D 245 -2.32 25.21 -4.09
N LEU D 246 -2.82 24.23 -4.85
CA LEU D 246 -3.98 23.43 -4.45
C LEU D 246 -3.58 22.59 -3.22
N PRO D 247 -4.49 22.31 -2.26
CA PRO D 247 -4.08 21.54 -1.08
C PRO D 247 -3.70 20.10 -1.39
N THR D 248 -2.84 19.49 -0.57
CA THR D 248 -2.40 18.12 -0.80
C THR D 248 -3.43 17.09 -0.34
N PHE D 249 -3.50 15.93 -1.02
CA PHE D 249 -4.37 14.84 -0.61
C PHE D 249 -3.51 13.63 -0.25
N LYS D 250 -3.72 13.05 0.95
CA LYS D 250 -2.95 11.91 1.46
C LYS D 250 -1.43 12.18 1.41
N GLY D 251 -1.07 13.44 1.67
CA GLY D 251 0.32 13.93 1.67
C GLY D 251 0.92 14.20 0.30
N GLN D 252 0.18 13.86 -0.78
CA GLN D 252 0.63 14.02 -2.17
C GLN D 252 0.00 15.25 -2.85
N PRO D 253 0.69 15.92 -3.81
CA PRO D 253 0.09 17.10 -4.45
C PRO D 253 -1.11 16.83 -5.32
N SER D 254 -2.07 17.78 -5.33
CA SER D 254 -3.23 17.72 -6.22
C SER D 254 -2.66 17.94 -7.63
N LYS D 255 -3.02 17.05 -8.58
CA LYS D 255 -2.49 17.10 -9.94
C LYS D 255 -3.54 17.62 -10.93
N PRO D 256 -3.58 18.94 -11.20
CA PRO D 256 -4.55 19.45 -12.18
C PRO D 256 -4.17 19.06 -13.61
N PHE D 257 -5.17 18.99 -14.50
CA PHE D 257 -4.92 18.65 -15.91
C PHE D 257 -4.59 19.95 -16.64
N VAL D 258 -3.32 20.10 -17.04
CA VAL D 258 -2.84 21.32 -17.69
C VAL D 258 -3.38 21.44 -19.12
N GLY D 259 -4.03 22.56 -19.39
CA GLY D 259 -4.61 22.87 -20.68
C GLY D 259 -3.90 23.98 -21.40
N VAL D 260 -3.84 23.87 -22.73
CA VAL D 260 -3.20 24.85 -23.61
C VAL D 260 -4.29 25.40 -24.53
N LEU D 261 -4.78 26.63 -24.24
CA LEU D 261 -5.81 27.29 -25.07
C LEU D 261 -5.25 27.42 -26.47
N SER D 262 -5.89 26.76 -27.42
CA SER D 262 -5.41 26.73 -28.80
C SER D 262 -6.45 27.21 -29.78
N ALA D 263 -5.99 27.70 -30.94
CA ALA D 263 -6.84 28.18 -32.02
C ALA D 263 -6.56 27.40 -33.30
N GLY D 264 -7.54 26.60 -33.69
CA GLY D 264 -7.50 25.78 -34.90
C GLY D 264 -8.29 26.42 -36.01
N ILE D 265 -7.93 26.11 -37.26
CA ILE D 265 -8.59 26.65 -38.45
C ILE D 265 -9.40 25.53 -39.08
N ASN D 266 -10.69 25.78 -39.34
CA ASN D 266 -11.59 24.81 -39.95
C ASN D 266 -11.05 24.44 -41.34
N ALA D 267 -11.03 23.14 -41.66
CA ALA D 267 -10.58 22.59 -42.94
C ALA D 267 -11.51 23.00 -44.09
N ALA D 268 -12.81 23.22 -43.78
CA ALA D 268 -13.85 23.63 -44.72
C ALA D 268 -13.85 25.15 -44.99
N SER D 269 -13.14 25.93 -44.15
CA SER D 269 -13.06 27.38 -44.25
C SER D 269 -12.35 27.89 -45.52
N PRO D 270 -12.96 28.87 -46.24
CA PRO D 270 -12.30 29.41 -47.44
C PRO D 270 -11.37 30.60 -47.15
N ASN D 271 -11.26 31.01 -45.86
CA ASN D 271 -10.45 32.13 -45.40
C ASN D 271 -9.23 31.67 -44.58
N LYS D 272 -8.59 30.55 -44.98
CA LYS D 272 -7.44 30.00 -44.25
C LYS D 272 -6.27 30.98 -44.15
N GLU D 273 -5.99 31.73 -45.23
CA GLU D 273 -4.92 32.71 -45.23
C GLU D 273 -5.24 33.93 -44.38
N LEU D 274 -6.53 34.34 -44.38
CA LEU D 274 -7.04 35.46 -43.57
C LEU D 274 -7.00 35.09 -42.10
N ALA D 275 -7.24 33.80 -41.78
CA ALA D 275 -7.19 33.25 -40.43
C ALA D 275 -5.74 33.21 -39.95
N LYS D 276 -4.80 32.77 -40.81
CA LYS D 276 -3.36 32.72 -40.51
C LYS D 276 -2.83 34.13 -40.24
N GLU D 277 -3.26 35.12 -41.05
CA GLU D 277 -2.90 36.54 -40.95
C GLU D 277 -3.32 37.13 -39.59
N PHE D 278 -4.59 36.93 -39.21
CA PHE D 278 -5.17 37.41 -37.96
C PHE D 278 -4.52 36.77 -36.73
N LEU D 279 -4.31 35.45 -36.76
CA LEU D 279 -3.74 34.70 -35.65
C LEU D 279 -2.26 34.98 -35.39
N GLU D 280 -1.43 35.00 -36.46
CA GLU D 280 0.01 35.23 -36.36
C GLU D 280 0.42 36.70 -36.14
N ASN D 281 -0.12 37.62 -36.96
CA ASN D 281 0.28 39.04 -36.94
C ASN D 281 -0.61 39.97 -36.11
N TYR D 282 -1.75 39.49 -35.63
CA TYR D 282 -2.63 40.34 -34.84
C TYR D 282 -2.86 39.78 -33.43
N LEU D 283 -3.33 38.53 -33.28
CA LEU D 283 -3.56 37.94 -31.96
C LEU D 283 -2.26 37.57 -31.22
N LEU D 284 -1.39 36.77 -31.86
CA LEU D 284 -0.16 36.32 -31.22
C LEU D 284 0.94 37.40 -31.30
N THR D 285 0.65 38.55 -30.68
CA THR D 285 1.51 39.73 -30.53
C THR D 285 1.35 40.21 -29.08
N ASP D 286 2.30 41.03 -28.59
CA ASP D 286 2.25 41.58 -27.22
C ASP D 286 0.99 42.42 -27.05
N GLU D 287 0.65 43.24 -28.05
CA GLU D 287 -0.54 44.11 -28.08
C GLU D 287 -1.83 43.28 -28.23
N GLY D 288 -1.80 42.28 -29.10
CA GLY D 288 -2.92 41.38 -29.36
C GLY D 288 -3.32 40.54 -28.15
N LEU D 289 -2.32 39.88 -27.52
CA LEU D 289 -2.55 39.07 -26.33
C LEU D 289 -2.91 39.91 -25.11
N GLU D 290 -2.45 41.18 -25.06
CA GLU D 290 -2.76 42.12 -23.97
C GLU D 290 -4.25 42.42 -23.92
N ALA D 291 -4.87 42.63 -25.10
CA ALA D 291 -6.30 42.94 -25.27
C ALA D 291 -7.19 41.85 -24.68
N VAL D 292 -6.87 40.57 -24.96
CA VAL D 292 -7.61 39.41 -24.46
C VAL D 292 -7.41 39.26 -22.95
N ASN D 293 -6.15 39.36 -22.49
CA ASN D 293 -5.76 39.26 -21.07
C ASN D 293 -6.41 40.35 -20.22
N LYS D 294 -6.54 41.58 -20.77
CA LYS D 294 -7.17 42.73 -20.11
C LYS D 294 -8.65 42.41 -19.81
N ASP D 295 -9.33 41.66 -20.72
CA ASP D 295 -10.72 41.25 -20.54
C ASP D 295 -10.77 40.19 -19.44
N LYS D 296 -10.19 39.01 -19.70
CA LYS D 296 -10.10 37.87 -18.78
C LYS D 296 -8.70 37.24 -18.88
N PRO D 297 -7.92 37.14 -17.78
CA PRO D 297 -6.55 36.62 -17.87
C PRO D 297 -6.42 35.26 -18.54
N LEU D 298 -5.41 35.13 -19.41
CA LEU D 298 -5.13 33.94 -20.21
C LEU D 298 -4.29 32.89 -19.48
N GLY D 299 -3.45 33.35 -18.56
CA GLY D 299 -2.53 32.52 -17.79
C GLY D 299 -1.12 32.77 -18.27
N ALA D 300 -0.35 31.69 -18.49
CA ALA D 300 1.01 31.80 -19.01
C ALA D 300 0.93 31.70 -20.53
N VAL D 301 1.00 32.85 -21.21
CA VAL D 301 0.89 32.93 -22.68
C VAL D 301 2.05 32.21 -23.40
N ALA D 302 1.74 31.63 -24.57
CA ALA D 302 2.69 30.89 -25.41
C ALA D 302 3.76 31.79 -26.01
N LEU D 303 3.43 33.08 -26.26
CA LEU D 303 4.35 34.07 -26.82
C LEU D 303 5.38 34.46 -25.77
N LYS D 304 6.66 34.07 -26.01
CA LYS D 304 7.82 34.27 -25.14
C LYS D 304 7.98 35.72 -24.66
N SER D 305 7.84 36.69 -25.59
CA SER D 305 7.98 38.12 -25.31
C SER D 305 6.96 38.65 -24.29
N TYR D 306 5.69 38.24 -24.39
CA TYR D 306 4.64 38.67 -23.47
C TYR D 306 4.65 37.91 -22.16
N GLU D 307 5.04 36.61 -22.20
CA GLU D 307 5.13 35.75 -21.01
C GLU D 307 6.16 36.27 -20.02
N GLU D 308 7.31 36.76 -20.54
CA GLU D 308 8.40 37.34 -19.75
C GLU D 308 7.90 38.53 -18.91
N GLU D 309 7.05 39.40 -19.51
CA GLU D 309 6.46 40.57 -18.85
C GLU D 309 5.40 40.20 -17.81
N LEU D 310 4.71 39.06 -17.99
CA LEU D 310 3.67 38.58 -17.08
C LEU D 310 4.16 37.61 -15.99
N ALA D 311 5.38 37.03 -16.16
CA ALA D 311 5.98 36.06 -15.23
C ALA D 311 6.13 36.59 -13.78
N LYS D 312 6.36 37.91 -13.62
CA LYS D 312 6.54 38.59 -12.33
C LYS D 312 5.26 38.57 -11.45
N ASP D 313 4.09 38.35 -12.06
CA ASP D 313 2.77 38.26 -11.41
C ASP D 313 2.73 37.03 -10.47
N PRO D 314 2.44 37.21 -9.15
CA PRO D 314 2.38 36.04 -8.24
C PRO D 314 1.27 35.03 -8.55
N ARG D 315 0.16 35.48 -9.16
CA ARG D 315 -0.98 34.65 -9.55
C ARG D 315 -0.60 33.70 -10.68
N ILE D 316 0.20 34.19 -11.65
CA ILE D 316 0.68 33.39 -12.78
C ILE D 316 1.79 32.44 -12.28
N ALA D 317 2.58 32.90 -11.29
CA ALA D 317 3.65 32.13 -10.64
C ALA D 317 3.03 30.96 -9.87
N ALA D 318 1.82 31.16 -9.33
CA ALA D 318 1.05 30.14 -8.59
C ALA D 318 0.45 29.12 -9.56
N THR D 319 -0.05 29.61 -10.73
CA THR D 319 -0.64 28.79 -11.80
C THR D 319 0.42 27.81 -12.33
N MET D 320 1.66 28.30 -12.55
CA MET D 320 2.78 27.50 -13.05
C MET D 320 3.23 26.41 -12.06
N GLU D 321 3.21 26.72 -10.74
CA GLU D 321 3.56 25.77 -9.68
C GLU D 321 2.55 24.63 -9.69
N ASN D 322 1.25 24.96 -9.82
CA ASN D 322 0.18 23.97 -9.91
C ASN D 322 0.25 23.19 -11.21
N ALA D 323 0.64 23.86 -12.32
CA ALA D 323 0.81 23.20 -13.61
C ALA D 323 1.94 22.17 -13.54
N GLN D 324 3.10 22.56 -12.94
CA GLN D 324 4.30 21.71 -12.76
C GLN D 324 4.00 20.44 -11.94
N LYS D 325 3.12 20.54 -10.92
CA LYS D 325 2.69 19.41 -10.09
C LYS D 325 1.74 18.49 -10.87
N GLY D 326 0.98 19.07 -11.80
CA GLY D 326 0.06 18.35 -12.68
C GLY D 326 0.71 17.85 -13.97
N GLU D 327 -0.13 17.49 -14.96
CA GLU D 327 0.32 16.98 -16.26
C GLU D 327 -0.43 17.58 -17.46
N ILE D 328 0.30 17.85 -18.57
CA ILE D 328 -0.31 18.35 -19.80
C ILE D 328 -1.17 17.23 -20.34
N MET D 329 -2.43 17.56 -20.58
CA MET D 329 -3.47 16.66 -21.07
C MET D 329 -3.08 16.01 -22.40
N PRO D 330 -3.51 14.76 -22.64
CA PRO D 330 -3.28 14.15 -23.98
C PRO D 330 -4.22 14.82 -24.99
N ASN D 331 -3.86 14.80 -26.28
CA ASN D 331 -4.70 15.37 -27.34
C ASN D 331 -5.43 14.30 -28.15
N ILE D 332 -5.07 13.03 -27.90
CA ILE D 332 -5.58 11.81 -28.54
C ILE D 332 -7.12 11.79 -28.62
N PRO D 333 -7.72 11.26 -29.72
CA PRO D 333 -9.20 11.29 -29.86
C PRO D 333 -10.04 10.65 -28.75
N GLN D 334 -9.43 9.74 -27.97
CA GLN D 334 -10.07 9.06 -26.85
C GLN D 334 -10.40 10.00 -25.67
N MET D 335 -9.83 11.23 -25.65
CA MET D 335 -10.02 12.24 -24.59
C MET D 335 -11.47 12.64 -24.36
N SER D 336 -12.25 12.75 -25.43
CA SER D 336 -13.66 13.12 -25.38
C SER D 336 -14.48 12.05 -24.60
N ALA D 337 -14.29 10.76 -24.95
CA ALA D 337 -14.93 9.60 -24.30
C ALA D 337 -14.52 9.50 -22.84
N PHE D 338 -13.24 9.81 -22.54
CA PHE D 338 -12.68 9.82 -21.19
C PHE D 338 -13.43 10.83 -20.33
N TRP D 339 -13.52 12.09 -20.82
CA TRP D 339 -14.19 13.18 -20.11
C TRP D 339 -15.65 12.91 -19.81
N TYR D 340 -16.41 12.33 -20.77
CA TYR D 340 -17.83 12.00 -20.60
C TYR D 340 -18.02 10.97 -19.50
N ALA D 341 -17.10 10.00 -19.42
CA ALA D 341 -17.12 8.91 -18.44
C ALA D 341 -16.86 9.44 -17.03
N VAL D 342 -15.89 10.37 -16.88
CA VAL D 342 -15.53 10.93 -15.58
C VAL D 342 -16.63 11.91 -15.10
N ARG D 343 -17.25 12.67 -16.03
CA ARG D 343 -18.36 13.58 -15.74
C ARG D 343 -19.54 12.81 -15.11
N THR D 344 -19.89 11.66 -15.72
CA THR D 344 -20.97 10.78 -15.29
C THR D 344 -20.69 10.22 -13.90
N ALA D 345 -19.46 9.70 -13.69
CA ALA D 345 -19.01 9.13 -12.42
C ALA D 345 -19.08 10.14 -11.28
N VAL D 346 -18.51 11.34 -11.48
CA VAL D 346 -18.48 12.42 -10.50
C VAL D 346 -19.91 12.84 -10.10
N ILE D 347 -20.79 13.06 -11.09
CA ILE D 347 -22.20 13.45 -10.86
C ILE D 347 -22.97 12.36 -10.10
N ASN D 348 -22.89 11.10 -10.56
CA ASN D 348 -23.60 9.99 -9.92
C ASN D 348 -23.12 9.67 -8.52
N ALA D 349 -21.82 9.85 -8.25
CA ALA D 349 -21.25 9.61 -6.94
C ALA D 349 -21.66 10.72 -5.96
N ALA D 350 -21.65 11.99 -6.42
CA ALA D 350 -22.01 13.15 -5.62
C ALA D 350 -23.49 13.17 -5.26
N SER D 351 -24.36 12.79 -6.22
CA SER D 351 -25.82 12.75 -6.07
C SER D 351 -26.30 11.61 -5.17
N GLY D 352 -25.46 10.57 -5.02
CA GLY D 352 -25.79 9.39 -4.24
C GLY D 352 -26.44 8.31 -5.08
N ARG D 353 -26.59 8.59 -6.41
CA ARG D 353 -27.19 7.67 -7.39
C ARG D 353 -26.40 6.36 -7.49
N GLN D 354 -25.05 6.46 -7.42
CA GLN D 354 -24.14 5.32 -7.46
C GLN D 354 -23.07 5.49 -6.40
N THR D 355 -22.53 4.36 -5.88
CA THR D 355 -21.43 4.37 -4.92
C THR D 355 -20.14 4.78 -5.69
N VAL D 356 -19.09 5.23 -5.00
CA VAL D 356 -17.81 5.62 -5.61
C VAL D 356 -17.23 4.48 -6.46
N ASP D 357 -17.18 3.25 -5.90
CA ASP D 357 -16.68 2.05 -6.57
C ASP D 357 -17.42 1.76 -7.87
N GLU D 358 -18.77 1.71 -7.81
CA GLU D 358 -19.63 1.45 -8.98
C GLU D 358 -19.53 2.55 -10.04
N ALA D 359 -19.40 3.81 -9.63
CA ALA D 359 -19.30 4.96 -10.54
C ALA D 359 -17.97 4.94 -11.30
N LEU D 360 -16.85 4.77 -10.55
CA LEU D 360 -15.48 4.73 -11.09
C LEU D 360 -15.17 3.46 -11.89
N LYS D 361 -15.88 2.33 -11.61
CA LYS D 361 -15.72 1.08 -12.34
C LYS D 361 -16.40 1.20 -13.71
N ASP D 362 -17.61 1.80 -13.76
CA ASP D 362 -18.37 2.05 -15.00
C ASP D 362 -17.62 3.04 -15.87
N ALA D 363 -17.07 4.09 -15.25
CA ALA D 363 -16.29 5.14 -15.92
C ALA D 363 -15.06 4.57 -16.60
N GLN D 364 -14.37 3.62 -15.93
CA GLN D 364 -13.16 2.95 -16.41
C GLN D 364 -13.37 2.24 -17.76
N THR D 365 -14.44 1.41 -17.86
CA THR D 365 -14.76 0.65 -19.06
C THR D 365 -15.47 1.52 -20.12
N ASN D 366 -16.01 2.69 -19.72
CA ASN D 366 -16.66 3.62 -20.65
C ASN D 366 -15.68 4.66 -21.20
N ALA D 367 -14.53 4.85 -20.51
CA ALA D 367 -13.47 5.80 -20.89
C ALA D 367 -12.79 5.44 -22.20
N ALA D 368 -12.70 4.14 -22.54
CA ALA D 368 -12.05 3.67 -23.75
C ALA D 368 -12.56 2.31 -24.18
N ALA D 369 -12.64 2.09 -25.51
CA ALA D 369 -13.07 0.80 -26.06
C ALA D 369 -11.87 -0.15 -25.95
N GLY D 370 -11.98 -1.11 -25.05
CA GLY D 370 -10.91 -2.07 -24.78
C GLY D 370 -10.11 -1.72 -23.54
N ALA D 371 -10.75 -1.01 -22.60
CA ALA D 371 -10.13 -0.63 -21.36
C ALA D 371 -10.30 -1.77 -20.37
N GLY D 372 -9.35 -1.91 -19.45
CA GLY D 372 -9.41 -2.95 -18.44
C GLY D 372 -10.37 -2.64 -17.32
N LEU D 373 -10.37 -3.45 -16.27
CA LEU D 373 -11.20 -3.27 -15.08
C LEU D 373 -10.46 -3.84 -13.88
N ARG D 374 -10.31 -3.04 -12.84
CA ARG D 374 -9.64 -3.45 -11.62
C ARG D 374 -10.58 -4.14 -10.65
N VAL D 375 -10.08 -5.18 -10.00
CA VAL D 375 -10.86 -5.94 -9.01
C VAL D 375 -10.08 -6.13 -7.71
N ASN D 376 -10.79 -6.06 -6.58
CA ASN D 376 -10.19 -6.31 -5.27
C ASN D 376 -10.35 -7.80 -4.98
N THR D 377 -9.23 -8.48 -4.75
CA THR D 377 -9.20 -9.93 -4.46
C THR D 377 -8.50 -10.20 -3.13
N SER D 378 -8.65 -11.43 -2.62
CA SER D 378 -8.02 -11.93 -1.40
C SER D 378 -6.50 -11.90 -1.50
N GLU D 379 -5.94 -11.87 -2.73
CA GLU D 379 -4.51 -11.79 -3.00
C GLU D 379 -4.04 -10.38 -3.37
N GLY D 380 -4.98 -9.46 -3.58
CA GLY D 380 -4.70 -8.07 -3.90
C GLY D 380 -5.44 -7.54 -5.12
N VAL D 381 -5.02 -6.37 -5.61
CA VAL D 381 -5.63 -5.76 -6.78
C VAL D 381 -5.16 -6.46 -8.06
N VAL D 382 -6.14 -6.86 -8.89
CA VAL D 382 -5.91 -7.52 -10.18
C VAL D 382 -6.59 -6.70 -11.27
N LEU D 383 -5.88 -6.47 -12.38
CA LEU D 383 -6.40 -5.78 -13.55
C LEU D 383 -6.88 -6.82 -14.57
N LEU D 384 -8.18 -6.79 -14.88
CA LEU D 384 -8.82 -7.68 -15.85
C LEU D 384 -8.74 -7.00 -17.20
N SER D 385 -8.21 -7.70 -18.20
CA SER D 385 -8.08 -7.19 -19.56
C SER D 385 -8.25 -8.32 -20.56
N TYR D 386 -8.58 -7.97 -21.80
CA TYR D 386 -8.78 -8.93 -22.86
C TYR D 386 -8.02 -8.50 -24.09
N SER D 387 -7.27 -9.42 -24.69
CA SER D 387 -6.53 -9.16 -25.92
C SER D 387 -7.50 -9.55 -27.03
N GLY D 388 -8.43 -8.63 -27.28
CA GLY D 388 -9.49 -8.79 -28.26
C GLY D 388 -9.08 -8.39 -29.66
N GLN D 389 -9.90 -7.54 -30.28
CA GLN D 389 -9.69 -7.01 -31.62
C GLN D 389 -9.64 -5.47 -31.58
N LYS D 390 -8.49 -4.94 -31.13
CA LYS D 390 -8.23 -3.50 -31.06
C LYS D 390 -8.05 -2.97 -32.50
N THR D 391 -8.89 -1.98 -32.89
CA THR D 391 -8.94 -1.35 -34.22
C THR D 391 -7.56 -1.22 -34.88
N GLU D 392 -6.59 -0.59 -34.17
CA GLU D 392 -5.19 -0.35 -34.56
C GLU D 392 -5.02 0.25 -35.98
N GLY D 393 -5.07 -0.60 -37.01
CA GLY D 393 -4.93 -0.20 -38.41
C GLY D 393 -3.52 -0.38 -38.92
N PRO D 394 -3.19 -1.54 -39.54
CA PRO D 394 -1.82 -1.75 -40.05
C PRO D 394 -1.41 -0.73 -41.12
N GLN D 395 -0.39 0.08 -40.79
CA GLN D 395 0.09 1.15 -41.70
C GLN D 395 1.04 0.60 -42.74
N ARG D 396 1.94 -0.31 -42.34
CA ARG D 396 2.93 -0.94 -43.22
C ARG D 396 2.60 -2.42 -43.43
N ILE D 397 2.68 -2.88 -44.69
CA ILE D 397 2.43 -4.26 -45.08
C ILE D 397 3.70 -4.85 -45.72
N SER D 398 4.10 -6.04 -45.27
CA SER D 398 5.26 -6.76 -45.80
C SER D 398 4.73 -7.90 -46.70
N ALA D 399 5.05 -7.82 -47.99
CA ALA D 399 4.61 -8.81 -48.99
C ALA D 399 5.63 -8.98 -50.10
N LYS D 400 6.04 -10.22 -50.38
CA LYS D 400 6.99 -10.55 -51.45
C LYS D 400 6.30 -10.42 -52.81
N ILE D 401 6.89 -9.60 -53.71
CA ILE D 401 6.35 -9.34 -55.04
C ILE D 401 6.61 -10.51 -56.01
N SER D 402 5.55 -10.99 -56.67
CA SER D 402 5.62 -12.03 -57.69
C SER D 402 5.70 -11.28 -59.02
N GLN D 403 6.66 -11.65 -59.87
CA GLN D 403 6.87 -10.95 -61.14
C GLN D 403 5.95 -11.43 -62.28
N ILE D 404 5.42 -10.45 -63.04
CA ILE D 404 4.53 -10.64 -64.19
C ILE D 404 5.46 -10.82 -65.40
N PRO D 405 5.48 -12.02 -66.05
CA PRO D 405 6.41 -12.23 -67.18
C PRO D 405 6.19 -11.31 -68.39
N PRO D 406 7.27 -10.82 -69.03
CA PRO D 406 7.10 -9.92 -70.19
C PRO D 406 6.49 -10.57 -71.44
N ALA D 407 6.36 -11.92 -71.46
CA ALA D 407 5.79 -12.74 -72.54
C ALA D 407 6.46 -12.54 -73.91
N PRO G 1 -33.52 7.84 43.08
CA PRO G 1 -33.05 6.74 42.22
C PRO G 1 -31.70 7.03 41.55
N PRO G 2 -30.83 5.99 41.36
CA PRO G 2 -29.52 6.26 40.76
C PRO G 2 -29.61 6.49 39.27
N LYS G 3 -28.81 7.43 38.76
CA LYS G 3 -28.78 7.77 37.35
C LYS G 3 -27.45 7.34 36.73
N ARG G 4 -27.52 6.66 35.57
CA ARG G 4 -26.33 6.27 34.83
C ARG G 4 -25.76 7.52 34.16
N LEU G 5 -24.43 7.61 34.05
CA LEU G 5 -23.74 8.75 33.44
C LEU G 5 -24.09 8.90 31.96
N THR G 6 -24.41 10.14 31.56
CA THR G 6 -24.74 10.46 30.19
C THR G 6 -23.48 11.01 29.49
N ARG G 7 -23.47 10.96 28.14
CA ARG G 7 -22.36 11.44 27.31
C ARG G 7 -22.13 12.93 27.49
N GLU G 8 -23.22 13.70 27.65
CA GLU G 8 -23.19 15.15 27.88
C GLU G 8 -22.48 15.41 29.21
N ALA G 9 -22.94 14.74 30.29
CA ALA G 9 -22.37 14.82 31.62
C ALA G 9 -20.88 14.45 31.63
N MET G 10 -20.48 13.41 30.87
CA MET G 10 -19.09 12.97 30.73
C MET G 10 -18.26 14.04 30.01
N ARG G 11 -18.81 14.63 28.93
CA ARG G 11 -18.16 15.68 28.13
C ARG G 11 -17.82 16.88 29.00
N ASN G 12 -18.77 17.27 29.88
CA ASN G 12 -18.60 18.38 30.81
C ASN G 12 -17.49 18.08 31.82
N TYR G 13 -17.51 16.86 32.40
CA TYR G 13 -16.47 16.45 33.35
C TYR G 13 -15.06 16.47 32.73
N LEU G 14 -14.92 15.93 31.50
CA LEU G 14 -13.63 15.86 30.82
C LEU G 14 -13.03 17.24 30.52
N LYS G 15 -13.90 18.28 30.39
CA LYS G 15 -13.52 19.68 30.14
C LYS G 15 -13.10 20.39 31.44
N GLU G 16 -13.85 20.15 32.56
CA GLU G 16 -13.62 20.79 33.86
C GLU G 16 -12.60 20.08 34.72
N ARG G 17 -12.82 18.79 35.00
CA ARG G 17 -12.02 17.90 35.84
C ARG G 17 -11.99 18.39 37.30
N GLY G 18 -13.17 18.64 37.86
CA GLY G 18 -13.31 19.07 39.26
C GLY G 18 -13.29 17.88 40.18
N ASP G 19 -12.20 17.12 40.17
CA ASP G 19 -12.03 15.90 40.97
C ASP G 19 -11.80 16.13 42.46
N GLN G 20 -12.19 15.15 43.27
CA GLN G 20 -11.96 15.11 44.70
C GLN G 20 -10.93 14.00 44.91
N THR G 21 -9.72 14.37 45.36
CA THR G 21 -8.65 13.43 45.61
C THR G 21 -8.36 13.29 47.12
N VAL G 22 -8.06 12.06 47.55
CA VAL G 22 -7.69 11.70 48.92
C VAL G 22 -6.33 11.01 48.84
N LEU G 23 -5.33 11.57 49.53
CA LEU G 23 -3.95 11.09 49.58
C LEU G 23 -3.61 10.58 50.95
N ILE G 24 -3.02 9.37 51.01
CA ILE G 24 -2.55 8.78 52.25
C ILE G 24 -1.05 8.54 52.11
N LEU G 25 -0.26 9.31 52.86
CA LEU G 25 1.22 9.23 52.85
C LEU G 25 1.68 8.59 54.14
N HIS G 26 2.41 7.47 54.04
CA HIS G 26 2.82 6.69 55.19
C HIS G 26 4.12 5.92 54.93
N ALA G 27 4.65 5.29 55.97
CA ALA G 27 5.84 4.44 55.91
C ALA G 27 5.43 3.02 55.51
N LYS G 28 6.32 2.33 54.80
CA LYS G 28 6.11 0.95 54.33
C LYS G 28 6.20 -0.09 55.46
N VAL G 29 6.80 0.27 56.60
CA VAL G 29 6.92 -0.62 57.76
C VAL G 29 6.47 0.05 59.07
N ALA G 30 6.16 -0.77 60.09
CA ALA G 30 5.75 -0.33 61.42
C ALA G 30 6.32 -1.26 62.48
N GLN G 31 6.91 -0.70 63.53
CA GLN G 31 7.49 -1.49 64.62
C GLN G 31 6.42 -1.90 65.62
N LYS G 32 6.44 -3.19 65.99
CA LYS G 32 5.50 -3.77 66.95
C LYS G 32 5.70 -3.19 68.34
N SER G 33 4.59 -3.02 69.06
CA SER G 33 4.57 -2.58 70.45
C SER G 33 4.33 -3.81 71.30
N TYR G 34 5.20 -4.05 72.28
CA TYR G 34 5.11 -5.19 73.20
C TYR G 34 4.50 -4.73 74.53
N GLY G 35 3.92 -5.67 75.27
CA GLY G 35 3.27 -5.41 76.55
C GLY G 35 2.21 -4.33 76.46
N ASN G 36 2.28 -3.34 77.36
CA ASN G 36 1.36 -2.20 77.37
C ASN G 36 2.01 -0.93 76.79
N GLU G 37 3.20 -1.08 76.18
CA GLU G 37 3.91 0.05 75.57
C GLU G 37 3.23 0.49 74.27
N LYS G 38 3.39 1.78 73.93
CA LYS G 38 2.80 2.37 72.73
C LYS G 38 3.93 2.96 71.88
N ARG G 39 4.34 2.23 70.82
CA ARG G 39 5.38 2.67 69.89
C ARG G 39 4.69 3.25 68.66
N PHE G 40 4.54 4.59 68.64
CA PHE G 40 3.84 5.32 67.57
C PHE G 40 4.50 5.27 66.22
N PHE G 41 3.69 5.18 65.17
CA PHE G 41 4.13 5.13 63.79
C PHE G 41 4.86 6.42 63.45
N CYS G 42 6.10 6.27 63.00
CA CYS G 42 6.99 7.37 62.63
C CYS G 42 7.56 7.19 61.21
N PRO G 43 7.42 8.17 60.29
CA PRO G 43 6.77 9.48 60.44
C PRO G 43 5.25 9.35 60.57
N PRO G 44 4.54 10.35 61.15
CA PRO G 44 3.09 10.20 61.33
C PRO G 44 2.32 10.14 60.01
N PRO G 45 1.47 9.09 59.81
CA PRO G 45 0.68 9.01 58.57
C PRO G 45 -0.10 10.30 58.30
N CYS G 46 -0.07 10.75 57.05
CA CYS G 46 -0.67 12.00 56.62
C CYS G 46 -1.80 11.79 55.63
N VAL G 47 -2.90 12.55 55.81
CA VAL G 47 -4.08 12.51 54.94
C VAL G 47 -4.23 13.89 54.31
N TYR G 48 -4.12 13.96 52.96
CA TYR G 48 -4.23 15.20 52.16
C TYR G 48 -5.48 15.15 51.29
N LEU G 49 -6.18 16.28 51.19
CA LEU G 49 -7.33 16.43 50.31
C LEU G 49 -6.92 17.36 49.17
N MET G 50 -6.87 16.82 47.95
CA MET G 50 -6.49 17.55 46.74
C MET G 50 -7.67 17.66 45.79
N GLY G 51 -7.61 18.63 44.86
CA GLY G 51 -8.62 18.82 43.84
C GLY G 51 -9.65 19.90 44.10
N SER G 52 -10.16 20.50 43.00
CA SER G 52 -11.17 21.57 43.04
C SER G 52 -12.60 21.05 43.34
N GLY G 53 -12.76 19.74 43.38
CA GLY G 53 -14.02 19.10 43.70
C GLY G 53 -14.50 19.39 45.10
N TRP G 54 -13.58 19.41 46.09
CA TRP G 54 -13.90 19.69 47.50
C TRP G 54 -14.63 21.03 47.66
N LYS G 55 -14.10 22.11 47.06
CA LYS G 55 -14.71 23.45 47.08
C LYS G 55 -16.08 23.42 46.36
N LYS G 56 -16.17 22.68 45.25
CA LYS G 56 -17.39 22.55 44.45
C LYS G 56 -18.48 21.89 45.27
N LYS G 57 -18.11 20.81 46.01
CA LYS G 57 -18.99 20.04 46.91
C LYS G 57 -19.46 20.87 48.09
N LYS G 58 -18.56 21.70 48.66
CA LYS G 58 -18.86 22.58 49.79
C LYS G 58 -19.92 23.57 49.37
N GLU G 59 -19.72 24.22 48.20
CA GLU G 59 -20.61 25.22 47.62
C GLU G 59 -21.95 24.64 47.25
N GLN G 60 -21.98 23.39 46.78
CA GLN G 60 -23.21 22.69 46.44
C GLN G 60 -24.03 22.39 47.71
N MET G 61 -23.36 21.86 48.75
CA MET G 61 -23.96 21.54 50.05
C MET G 61 -24.50 22.78 50.74
N GLU G 62 -23.77 23.90 50.65
CA GLU G 62 -24.19 25.16 51.27
C GLU G 62 -25.36 25.80 50.54
N ARG G 63 -25.60 25.42 49.27
CA ARG G 63 -26.76 25.85 48.50
C ARG G 63 -27.98 25.01 48.94
N ASP G 64 -27.72 23.88 49.64
CA ASP G 64 -28.74 22.97 50.17
C ASP G 64 -29.08 23.33 51.61
N GLY G 65 -28.39 24.34 52.15
CA GLY G 65 -28.65 24.86 53.48
C GLY G 65 -27.63 24.50 54.54
N CYS G 66 -26.53 23.81 54.16
CA CYS G 66 -25.48 23.39 55.08
C CYS G 66 -24.71 24.54 55.66
N SER G 67 -24.35 24.41 56.93
CA SER G 67 -23.49 25.36 57.60
C SER G 67 -22.05 24.95 57.21
N GLU G 68 -21.04 25.77 57.58
CA GLU G 68 -19.65 25.43 57.29
C GLU G 68 -19.22 24.15 58.03
N GLN G 69 -19.76 23.92 59.25
CA GLN G 69 -19.47 22.70 60.03
C GLN G 69 -20.07 21.46 59.35
N GLU G 70 -21.31 21.58 58.82
CA GLU G 70 -22.03 20.50 58.12
C GLU G 70 -21.38 20.12 56.80
N SER G 71 -20.83 21.11 56.07
CA SER G 71 -20.19 20.89 54.77
C SER G 71 -18.72 20.47 54.89
N GLN G 72 -18.12 20.61 56.07
CA GLN G 72 -16.72 20.31 56.36
C GLN G 72 -16.40 18.82 56.30
N PRO G 73 -15.46 18.38 55.44
CA PRO G 73 -15.07 16.96 55.45
C PRO G 73 -14.37 16.60 56.76
N CYS G 74 -14.77 15.47 57.35
CA CYS G 74 -14.25 14.91 58.60
C CYS G 74 -13.60 13.60 58.28
N ALA G 75 -12.55 13.23 59.02
CA ALA G 75 -11.85 11.97 58.81
C ALA G 75 -11.37 11.33 60.12
N PHE G 76 -11.40 10.00 60.16
CA PHE G 76 -10.93 9.17 61.26
C PHE G 76 -9.96 8.16 60.70
N ILE G 77 -8.94 7.78 61.49
CA ILE G 77 -7.90 6.84 61.08
C ILE G 77 -7.63 5.78 62.14
N GLY G 78 -7.33 4.59 61.67
CA GLY G 78 -6.98 3.44 62.50
C GLY G 78 -6.39 2.35 61.65
N ILE G 79 -5.93 1.28 62.31
CA ILE G 79 -5.38 0.09 61.67
C ILE G 79 -6.58 -0.86 61.40
N GLY G 80 -6.43 -1.83 60.50
CA GLY G 80 -7.49 -2.76 60.12
C GLY G 80 -8.10 -3.68 61.17
N ASN G 81 -7.94 -3.35 62.47
CA ASN G 81 -8.47 -4.12 63.60
C ASN G 81 -9.44 -3.29 64.44
N SER G 82 -10.58 -3.89 64.78
CA SER G 82 -11.67 -3.28 65.56
C SER G 82 -11.33 -3.10 67.05
N ASP G 83 -10.40 -3.93 67.58
CA ASP G 83 -9.95 -3.92 68.99
C ASP G 83 -9.33 -2.58 69.39
N GLN G 84 -8.73 -1.86 68.42
CA GLN G 84 -8.13 -0.54 68.62
C GLN G 84 -9.15 0.53 68.20
N GLU G 85 -9.25 1.61 68.97
CA GLU G 85 -10.16 2.71 68.67
C GLU G 85 -9.64 3.62 67.54
N MET G 86 -10.55 4.13 66.68
CA MET G 86 -10.21 5.02 65.56
C MET G 86 -9.99 6.44 66.08
N GLN G 87 -8.92 7.09 65.62
CA GLN G 87 -8.55 8.46 66.03
C GLN G 87 -8.94 9.52 65.00
N GLN G 88 -9.55 10.62 65.49
CA GLN G 88 -10.01 11.75 64.69
C GLN G 88 -8.83 12.58 64.19
N LEU G 89 -8.95 13.05 62.94
CA LEU G 89 -8.00 13.95 62.30
C LEU G 89 -8.71 15.30 62.12
N ASN G 90 -8.03 16.42 62.45
CA ASN G 90 -8.62 17.74 62.30
C ASN G 90 -8.18 18.43 61.02
N LEU G 91 -9.01 18.28 59.97
CA LEU G 91 -8.78 18.87 58.65
C LEU G 91 -9.16 20.35 58.67
N GLU G 92 -10.29 20.70 59.33
CA GLU G 92 -10.87 22.04 59.46
C GLU G 92 -9.84 23.19 59.38
N GLY G 93 -9.84 23.89 58.24
CA GLY G 93 -8.93 25.00 57.96
C GLY G 93 -7.77 24.62 57.06
N LYS G 94 -7.03 23.57 57.47
CA LYS G 94 -5.86 23.04 56.76
C LYS G 94 -6.26 22.09 55.61
N ASN G 95 -5.34 21.88 54.65
CA ASN G 95 -5.58 20.98 53.51
C ASN G 95 -5.21 19.52 53.86
N TYR G 96 -4.56 19.31 55.03
CA TYR G 96 -4.08 18.00 55.50
C TYR G 96 -4.12 17.85 57.03
N CYS G 97 -3.93 16.60 57.48
CA CYS G 97 -3.82 16.23 58.89
C CYS G 97 -2.95 14.98 59.07
N THR G 98 -2.08 15.02 60.09
CA THR G 98 -1.15 13.93 60.44
C THR G 98 -1.63 13.21 61.71
N ALA G 99 -1.58 11.87 61.69
CA ALA G 99 -1.96 11.02 62.81
C ALA G 99 -0.69 10.70 63.61
N LYS G 100 -0.51 11.41 64.74
CA LYS G 100 0.68 11.33 65.61
C LYS G 100 0.67 10.21 66.65
N THR G 101 -0.49 9.59 66.96
CA THR G 101 -0.54 8.59 68.03
C THR G 101 -1.17 7.23 67.59
N LEU G 102 -0.68 6.64 66.49
CA LEU G 102 -1.11 5.33 66.01
C LEU G 102 -0.07 4.27 66.38
N TYR G 103 -0.52 3.05 66.75
CA TYR G 103 0.40 1.97 67.13
C TYR G 103 -0.24 0.60 66.89
N ILE G 104 0.61 -0.44 66.74
CA ILE G 104 0.15 -1.82 66.57
C ILE G 104 0.62 -2.66 67.78
N SER G 105 -0.34 -3.24 68.52
CA SER G 105 -0.09 -4.04 69.72
C SER G 105 0.38 -5.48 69.43
N ASP G 106 0.98 -6.13 70.45
CA ASP G 106 1.48 -7.52 70.42
C ASP G 106 0.32 -8.48 70.19
N SER G 107 -0.87 -8.13 70.70
CA SER G 107 -2.14 -8.86 70.56
C SER G 107 -2.54 -8.99 69.09
N ASP G 108 -2.28 -7.94 68.27
CA ASP G 108 -2.55 -7.95 66.83
C ASP G 108 -1.46 -8.81 66.17
N LYS G 109 -1.81 -10.08 65.84
CA LYS G 109 -0.89 -11.06 65.26
C LYS G 109 -0.74 -10.98 63.72
N ARG G 110 -1.21 -9.89 63.08
CA ARG G 110 -1.07 -9.70 61.63
C ARG G 110 0.37 -9.35 61.25
N LYS G 111 0.87 -9.96 60.16
CA LYS G 111 2.23 -9.73 59.67
C LYS G 111 2.30 -8.49 58.75
N HIS G 112 1.13 -8.08 58.20
CA HIS G 112 0.89 -6.96 57.27
C HIS G 112 -0.49 -6.35 57.54
N PHE G 113 -0.62 -5.00 57.45
CA PHE G 113 -1.89 -4.27 57.63
C PHE G 113 -1.94 -3.04 56.74
N MET G 114 -3.14 -2.46 56.58
CA MET G 114 -3.39 -1.21 55.86
C MET G 114 -4.11 -0.26 56.81
N LEU G 115 -3.80 1.03 56.71
CA LEU G 115 -4.47 2.06 57.49
C LEU G 115 -5.84 2.29 56.85
N SER G 116 -6.86 2.47 57.68
CA SER G 116 -8.23 2.67 57.25
C SER G 116 -8.64 4.10 57.59
N VAL G 117 -8.95 4.91 56.56
CA VAL G 117 -9.36 6.31 56.72
C VAL G 117 -10.85 6.41 56.40
N LYS G 118 -11.68 6.61 57.44
CA LYS G 118 -13.14 6.73 57.29
C LYS G 118 -13.50 8.22 57.18
N MET G 119 -13.97 8.63 55.99
CA MET G 119 -14.32 10.01 55.72
C MET G 119 -15.83 10.21 55.60
N PHE G 120 -16.28 11.39 56.06
CA PHE G 120 -17.69 11.80 56.01
C PHE G 120 -17.78 13.31 56.15
N TYR G 121 -18.91 13.92 55.79
CA TYR G 121 -19.12 15.35 55.96
C TYR G 121 -19.68 15.59 57.36
N GLY G 122 -19.43 16.77 57.91
CA GLY G 122 -19.88 17.15 59.24
C GLY G 122 -21.35 16.94 59.55
N ASN G 123 -22.20 16.85 58.51
CA ASN G 123 -23.65 16.65 58.64
C ASN G 123 -24.01 15.15 58.70
N SER G 124 -22.98 14.28 58.83
CA SER G 124 -22.95 12.82 58.95
C SER G 124 -23.00 12.08 57.59
N ASP G 125 -23.12 12.81 56.45
CA ASP G 125 -23.12 12.18 55.13
C ASP G 125 -21.82 11.45 54.89
N ASP G 126 -21.91 10.17 54.57
CA ASP G 126 -20.73 9.32 54.35
C ASP G 126 -20.10 9.55 52.97
N ILE G 127 -18.76 9.72 52.96
CA ILE G 127 -17.92 9.85 51.77
C ILE G 127 -17.47 8.42 51.48
N GLY G 128 -16.79 7.80 52.45
CA GLY G 128 -16.35 6.42 52.34
C GLY G 128 -15.10 6.05 53.11
N VAL G 129 -14.59 4.83 52.84
CA VAL G 129 -13.39 4.28 53.48
C VAL G 129 -12.24 4.19 52.46
N PHE G 130 -11.10 4.78 52.80
CA PHE G 130 -9.90 4.82 51.96
C PHE G 130 -8.75 4.11 52.67
N LEU G 131 -8.26 3.01 52.10
CA LEU G 131 -7.16 2.26 52.70
C LEU G 131 -5.78 2.75 52.23
N SER G 132 -4.75 2.55 53.04
CA SER G 132 -3.40 2.92 52.65
C SER G 132 -2.81 1.77 51.82
N LYS G 133 -1.52 1.83 51.55
CA LYS G 133 -0.83 0.74 50.90
C LYS G 133 -0.44 -0.25 52.04
N ARG G 134 0.04 -1.44 51.71
CA ARG G 134 0.41 -2.44 52.71
C ARG G 134 1.60 -1.98 53.56
N ILE G 135 1.45 -2.09 54.89
CA ILE G 135 2.46 -1.76 55.88
C ILE G 135 2.85 -3.07 56.52
N LYS G 136 4.15 -3.42 56.46
CA LYS G 136 4.69 -4.65 57.01
C LYS G 136 5.04 -4.42 58.47
N VAL G 137 4.67 -5.36 59.36
CA VAL G 137 4.97 -5.28 60.78
C VAL G 137 6.36 -5.83 60.99
N ILE G 138 7.20 -5.09 61.72
CA ILE G 138 8.55 -5.49 62.09
C ILE G 138 8.70 -5.52 63.61
N SER G 139 9.47 -6.49 64.14
CA SER G 139 9.68 -6.63 65.58
C SER G 139 10.60 -5.51 66.13
N LYS G 140 11.73 -5.27 65.43
CA LYS G 140 12.75 -4.25 65.73
C LYS G 140 13.67 -4.08 64.49
N PRO G 141 14.36 -2.94 64.28
CA PRO G 141 15.26 -2.83 63.10
C PRO G 141 16.46 -3.78 63.20
N SER G 142 16.76 -4.51 62.10
CA SER G 142 17.81 -5.53 62.03
C SER G 142 19.21 -5.02 62.39
N LYS G 143 19.63 -5.35 63.64
CA LYS G 143 20.89 -4.94 64.28
C LYS G 143 22.13 -5.68 63.76
N LYS G 144 21.95 -6.66 62.85
CA LYS G 144 23.06 -7.43 62.27
C LYS G 144 23.13 -7.28 60.73
N LYS G 145 23.68 -8.30 60.04
CA LYS G 145 23.85 -8.34 58.59
C LYS G 145 22.52 -8.47 57.84
N GLN G 146 22.31 -7.60 56.84
CA GLN G 146 21.12 -7.57 55.98
C GLN G 146 21.45 -8.18 54.60
N SER G 147 20.42 -8.61 53.86
CA SER G 147 20.59 -9.23 52.53
C SER G 147 19.46 -8.83 51.58
N LEU G 148 19.71 -8.95 50.25
CA LEU G 148 18.74 -8.67 49.19
C LEU G 148 17.54 -9.64 49.22
N LYS G 149 17.67 -10.79 49.93
CA LYS G 149 16.63 -11.81 50.13
C LYS G 149 15.48 -11.25 50.98
N ASN G 150 15.80 -10.29 51.87
CA ASN G 150 14.85 -9.58 52.74
C ASN G 150 14.58 -8.20 52.12
N ALA G 151 14.35 -8.18 50.78
CA ALA G 151 14.07 -7.01 49.92
C ALA G 151 13.01 -6.08 50.48
N ASP G 152 12.04 -6.63 51.21
CA ASP G 152 10.96 -5.87 51.84
C ASP G 152 11.53 -4.91 52.88
N LEU G 153 12.61 -5.31 53.57
CA LEU G 153 13.26 -4.50 54.60
C LEU G 153 14.44 -3.67 54.09
N CYS G 154 14.86 -3.91 52.83
CA CYS G 154 15.96 -3.19 52.19
C CYS G 154 15.47 -1.92 51.48
N ILE G 155 16.41 -0.99 51.15
CA ILE G 155 16.11 0.26 50.45
C ILE G 155 16.80 0.27 49.08
N ALA G 156 16.02 0.43 48.00
CA ALA G 156 16.52 0.44 46.62
C ALA G 156 16.74 1.85 46.07
N SER G 157 17.69 1.99 45.11
CA SER G 157 18.02 3.25 44.44
C SER G 157 16.82 3.77 43.63
N GLY G 158 16.48 5.03 43.85
CA GLY G 158 15.36 5.69 43.18
C GLY G 158 14.03 5.62 43.91
N THR G 159 13.99 4.96 45.09
CA THR G 159 12.79 4.81 45.91
C THR G 159 12.67 5.93 46.95
N LYS G 160 11.43 6.23 47.40
CA LYS G 160 11.19 7.29 48.39
C LYS G 160 11.44 6.81 49.81
N VAL G 161 12.10 7.68 50.60
CA VAL G 161 12.42 7.48 52.02
C VAL G 161 12.09 8.74 52.85
N ALA G 162 11.84 8.56 54.14
CA ALA G 162 11.59 9.64 55.07
C ALA G 162 12.77 9.65 56.06
N LEU G 163 13.27 10.84 56.40
CA LEU G 163 14.36 10.99 57.33
C LEU G 163 13.91 11.76 58.56
N PHE G 164 13.88 11.06 59.70
CA PHE G 164 13.50 11.69 60.97
C PHE G 164 14.64 11.63 61.98
N ASN G 165 14.60 12.50 62.98
CA ASN G 165 15.61 12.60 64.02
C ASN G 165 14.96 12.55 65.37
N ARG G 166 15.41 11.61 66.22
CA ARG G 166 14.95 11.48 67.59
C ARG G 166 15.87 12.33 68.50
N LEU G 167 15.27 13.26 69.24
CA LEU G 167 15.96 14.20 70.12
C LEU G 167 15.33 14.12 71.53
N ARG G 168 15.84 13.18 72.36
CA ARG G 168 15.34 12.92 73.72
C ARG G 168 15.48 14.10 74.68
N SER G 169 16.64 14.80 74.62
CA SER G 169 16.96 15.95 75.48
C SER G 169 16.25 17.25 75.08
N GLN G 170 15.81 17.35 73.80
CA GLN G 170 15.13 18.52 73.24
C GLN G 170 13.60 18.53 73.44
N THR G 171 13.01 19.76 73.51
CA THR G 171 11.57 20.03 73.67
C THR G 171 10.73 19.30 72.62
N VAL G 172 11.16 19.37 71.34
CA VAL G 172 10.53 18.68 70.21
C VAL G 172 11.25 17.32 70.12
N SER G 173 10.63 16.29 70.71
CA SER G 173 11.16 14.93 70.83
C SER G 173 11.60 14.28 69.50
N THR G 174 10.98 14.69 68.37
CA THR G 174 11.29 14.16 67.04
C THR G 174 11.05 15.19 65.93
N ARG G 175 12.08 15.39 65.08
CA ARG G 175 12.05 16.33 63.94
C ARG G 175 12.19 15.56 62.62
N TYR G 176 11.64 16.11 61.54
CA TYR G 176 11.59 15.45 60.24
C TYR G 176 12.21 16.31 59.16
N LEU G 177 12.97 15.69 58.23
CA LEU G 177 13.55 16.39 57.10
C LEU G 177 12.43 16.75 56.13
N HIS G 178 12.32 18.05 55.82
CA HIS G 178 11.27 18.61 54.98
C HIS G 178 11.84 19.78 54.17
N VAL G 179 11.19 20.12 53.06
CA VAL G 179 11.58 21.26 52.21
C VAL G 179 10.42 22.26 52.18
N GLU G 180 10.69 23.48 52.68
CA GLU G 180 9.72 24.57 52.71
C GLU G 180 10.39 25.84 52.21
N GLY G 181 9.77 26.46 51.20
CA GLY G 181 10.25 27.67 50.57
C GLY G 181 11.60 27.50 49.90
N GLY G 182 11.77 26.38 49.21
CA GLY G 182 12.99 26.01 48.49
C GLY G 182 14.21 25.86 49.38
N ASN G 183 14.00 25.45 50.64
CA ASN G 183 15.07 25.25 51.62
C ASN G 183 14.83 24.04 52.52
N PHE G 184 15.90 23.32 52.83
CA PHE G 184 15.87 22.14 53.70
C PHE G 184 15.84 22.58 55.17
N HIS G 185 14.96 21.93 55.96
CA HIS G 185 14.80 22.22 57.38
C HIS G 185 14.31 20.99 58.16
N ALA G 186 14.43 21.02 59.49
CA ALA G 186 14.00 19.95 60.38
C ALA G 186 12.65 20.33 61.01
N SER G 187 11.57 20.02 60.28
CA SER G 187 10.19 20.32 60.69
C SER G 187 9.69 19.44 61.83
N SER G 188 8.88 20.01 62.72
CA SER G 188 8.29 19.31 63.85
C SER G 188 6.92 18.74 63.47
N GLN G 189 6.27 19.35 62.45
CA GLN G 189 4.93 19.00 61.98
C GLN G 189 4.92 18.24 60.65
N GLN G 190 5.73 18.68 59.67
CA GLN G 190 5.77 18.09 58.32
C GLN G 190 6.99 17.23 58.04
N TRP G 191 6.83 16.28 57.09
CA TRP G 191 7.91 15.42 56.65
C TRP G 191 7.84 15.20 55.15
N GLY G 192 9.02 15.18 54.54
CA GLY G 192 9.17 14.98 53.11
C GLY G 192 9.55 13.57 52.72
N ALA G 193 9.20 13.22 51.49
CA ALA G 193 9.52 11.94 50.88
C ALA G 193 10.67 12.24 49.91
N PHE G 194 11.79 11.55 50.10
CA PHE G 194 12.98 11.80 49.29
C PHE G 194 13.42 10.59 48.52
N TYR G 195 13.65 10.76 47.20
CA TYR G 195 14.16 9.71 46.33
C TYR G 195 15.62 9.55 46.70
N ILE G 196 16.01 8.37 47.17
CA ILE G 196 17.39 8.11 47.54
C ILE G 196 18.09 7.47 46.32
N HIS G 197 18.83 8.29 45.55
CA HIS G 197 19.51 7.82 44.36
C HIS G 197 20.95 7.43 44.64
N LEU G 198 21.37 6.27 44.13
CA LEU G 198 22.73 5.77 44.27
C LEU G 198 23.55 6.24 43.08
N LEU G 199 24.78 6.69 43.32
CA LEU G 199 25.70 7.13 42.27
C LEU G 199 27.07 6.47 42.37
N ASP G 200 27.79 6.42 41.24
CA ASP G 200 29.14 5.85 41.15
C ASP G 200 30.12 6.67 41.98
N ASP G 201 31.09 5.98 42.62
CA ASP G 201 32.10 6.58 43.50
C ASP G 201 32.94 7.70 42.84
N ASP G 202 32.95 7.76 41.49
CA ASP G 202 33.70 8.75 40.71
C ASP G 202 32.84 9.93 40.22
N GLU G 203 31.51 9.89 40.48
CA GLU G 203 30.56 10.95 40.09
C GLU G 203 30.83 12.23 40.85
N SER G 204 31.21 13.30 40.12
CA SER G 204 31.50 14.61 40.69
C SER G 204 30.22 15.37 41.04
N GLU G 205 30.34 16.37 41.95
CA GLU G 205 29.25 17.22 42.43
C GLU G 205 28.70 18.09 41.30
N GLY G 206 27.38 18.17 41.22
CA GLY G 206 26.71 18.97 40.21
C GLY G 206 25.21 18.79 40.13
N GLU G 207 24.53 19.72 39.41
CA GLU G 207 23.09 19.73 39.19
C GLU G 207 22.61 18.52 38.37
N GLU G 208 23.46 18.04 37.43
CA GLU G 208 23.21 16.86 36.58
C GLU G 208 24.08 15.71 37.08
N PHE G 209 23.45 14.56 37.40
CA PHE G 209 24.14 13.37 37.91
C PHE G 209 23.57 12.07 37.38
N THR G 210 24.45 11.09 37.10
CA THR G 210 24.03 9.77 36.60
C THR G 210 23.73 8.84 37.78
N VAL G 211 22.50 8.29 37.82
CA VAL G 211 22.02 7.41 38.90
C VAL G 211 22.15 5.91 38.53
N ARG G 212 22.88 5.16 39.36
CA ARG G 212 23.11 3.72 39.23
C ARG G 212 22.01 2.95 40.01
N ASP G 213 21.59 1.77 39.51
CA ASP G 213 20.54 0.96 40.14
C ASP G 213 21.09 -0.05 41.13
N GLY G 214 20.25 -0.47 42.07
CA GLY G 214 20.59 -1.44 43.10
C GLY G 214 20.20 -1.02 44.50
N TYR G 215 20.44 -1.90 45.49
CA TYR G 215 20.10 -1.61 46.88
C TYR G 215 21.19 -0.76 47.53
N ILE G 216 20.78 0.21 48.37
CA ILE G 216 21.71 1.12 49.04
C ILE G 216 22.39 0.42 50.21
N HIS G 217 23.74 0.46 50.20
CA HIS G 217 24.62 -0.10 51.21
C HIS G 217 25.33 1.06 51.91
N TYR G 218 25.87 0.83 53.10
CA TYR G 218 26.60 1.87 53.83
C TYR G 218 27.95 2.12 53.16
N GLY G 219 28.39 3.37 53.19
CA GLY G 219 29.63 3.81 52.57
C GLY G 219 29.45 4.31 51.16
N GLN G 220 28.29 4.02 50.54
CA GLN G 220 27.96 4.43 49.18
C GLN G 220 27.59 5.91 49.09
N THR G 221 27.80 6.52 47.90
CA THR G 221 27.46 7.92 47.65
C THR G 221 26.02 8.03 47.16
N VAL G 222 25.21 8.83 47.86
CA VAL G 222 23.80 9.03 47.54
C VAL G 222 23.40 10.50 47.38
N LYS G 223 22.36 10.75 46.56
CA LYS G 223 21.73 12.05 46.34
C LYS G 223 20.26 11.92 46.76
N LEU G 224 19.84 12.72 47.76
CA LEU G 224 18.47 12.77 48.28
C LEU G 224 17.71 13.89 47.58
N VAL G 225 16.80 13.52 46.66
CA VAL G 225 16.00 14.46 45.88
C VAL G 225 14.56 14.48 46.39
N CYS G 226 14.05 15.68 46.70
CA CYS G 226 12.69 15.91 47.18
C CYS G 226 11.67 15.59 46.10
N SER G 227 10.77 14.62 46.38
CA SER G 227 9.73 14.16 45.47
C SER G 227 8.70 15.23 45.09
N VAL G 228 8.62 16.33 45.88
CA VAL G 228 7.68 17.41 45.64
C VAL G 228 8.34 18.59 44.90
N THR G 229 9.41 19.17 45.47
CA THR G 229 10.10 20.34 44.93
C THR G 229 11.21 20.05 43.93
N GLY G 230 11.77 18.83 43.98
CA GLY G 230 12.87 18.46 43.11
C GLY G 230 14.23 18.94 43.60
N MET G 231 14.24 19.51 44.82
CA MET G 231 15.45 20.02 45.48
C MET G 231 16.30 18.86 46.00
N ALA G 232 17.62 18.93 45.79
CA ALA G 232 18.55 17.90 46.23
C ALA G 232 19.64 18.42 47.15
N LEU G 233 20.03 17.59 48.11
CA LEU G 233 21.12 17.92 49.04
C LEU G 233 22.45 17.58 48.34
N PRO G 234 23.59 18.20 48.69
CA PRO G 234 24.86 17.84 48.02
C PRO G 234 25.25 16.39 48.30
N ARG G 235 26.03 15.76 47.38
CA ARG G 235 26.50 14.37 47.48
C ARG G 235 26.85 13.99 48.92
N LEU G 236 26.17 12.95 49.45
CA LEU G 236 26.39 12.47 50.80
C LEU G 236 26.82 11.01 50.79
N ILE G 237 27.49 10.57 51.86
CA ILE G 237 27.94 9.21 52.07
C ILE G 237 27.15 8.69 53.27
N ILE G 238 26.23 7.75 53.03
CA ILE G 238 25.38 7.17 54.07
C ILE G 238 26.21 6.21 54.96
N ARG G 239 26.31 6.53 56.27
CA ARG G 239 27.07 5.76 57.24
C ARG G 239 26.24 5.30 58.44
N LYS G 240 26.58 4.11 58.99
CA LYS G 240 25.91 3.51 60.14
C LYS G 240 26.31 4.19 61.45
N VAL G 241 25.29 4.61 62.24
CA VAL G 241 25.50 5.29 63.53
C VAL G 241 25.28 4.32 64.70
N ASP G 242 26.30 4.17 65.56
CA ASP G 242 26.26 3.29 66.73
C ASP G 242 26.30 4.14 68.01
N LYS G 243 25.17 4.15 68.76
CA LYS G 243 24.94 4.91 70.00
C LYS G 243 25.06 6.43 69.78
N GLN G 244 26.30 6.95 69.63
CA GLN G 244 26.61 8.36 69.35
C GLN G 244 27.91 8.49 68.53
N THR G 245 28.18 7.48 67.68
CA THR G 245 29.38 7.43 66.84
C THR G 245 29.12 6.88 65.45
N ALA G 246 29.55 7.64 64.41
CA ALA G 246 29.40 7.24 63.01
C ALA G 246 30.61 6.38 62.60
N LEU G 247 30.35 5.16 62.08
CA LEU G 247 31.43 4.26 61.66
C LEU G 247 31.59 4.19 60.14
N LEU G 248 32.80 4.54 59.69
CA LEU G 248 33.29 4.61 58.32
C LEU G 248 33.48 3.23 57.69
N ASP G 249 33.75 2.21 58.53
CA ASP G 249 33.99 0.83 58.12
C ASP G 249 32.71 -0.03 58.03
N ALA G 250 31.70 0.47 57.32
CA ALA G 250 30.42 -0.24 57.15
C ALA G 250 30.09 -0.37 55.66
N ASP G 251 29.78 -1.60 55.21
CA ASP G 251 29.43 -1.93 53.82
C ASP G 251 28.06 -2.63 53.70
N ASP G 252 27.46 -2.99 54.86
CA ASP G 252 26.18 -3.67 55.01
C ASP G 252 25.02 -2.94 54.29
N PRO G 253 23.99 -3.68 53.80
CA PRO G 253 22.86 -3.00 53.14
C PRO G 253 22.03 -2.21 54.16
N VAL G 254 21.61 -0.99 53.78
CA VAL G 254 20.83 -0.09 54.63
C VAL G 254 19.40 -0.62 54.74
N SER G 255 18.93 -0.82 55.98
CA SER G 255 17.61 -1.35 56.27
C SER G 255 16.68 -0.35 56.96
N GLN G 256 15.38 -0.73 57.08
CA GLN G 256 14.31 0.06 57.67
C GLN G 256 14.55 0.37 59.14
N LEU G 257 14.24 1.62 59.55
CA LEU G 257 14.37 2.17 60.91
C LEU G 257 15.81 2.08 61.49
N HIS G 258 16.83 2.13 60.63
CA HIS G 258 18.25 2.10 61.01
C HIS G 258 18.75 3.49 61.39
N LYS G 259 19.69 3.58 62.36
CA LYS G 259 20.30 4.85 62.77
C LYS G 259 21.34 5.23 61.72
N CYS G 260 21.15 6.40 61.11
CA CYS G 260 21.93 6.95 60.01
C CYS G 260 22.80 8.16 60.37
N ALA G 261 23.78 8.40 59.50
CA ALA G 261 24.71 9.52 59.53
C ALA G 261 24.96 9.87 58.07
N PHE G 262 24.91 11.16 57.73
CA PHE G 262 25.13 11.59 56.35
C PHE G 262 26.31 12.55 56.22
N TYR G 263 27.51 11.96 56.00
CA TYR G 263 28.76 12.69 55.79
C TYR G 263 28.72 13.36 54.41
N LEU G 264 29.03 14.66 54.34
CA LEU G 264 29.07 15.42 53.09
C LEU G 264 30.29 14.97 52.27
N LYS G 265 30.07 14.52 51.02
CA LYS G 265 31.16 14.03 50.16
C LYS G 265 32.23 15.08 49.91
N ASP G 266 33.50 14.66 50.11
CA ASP G 266 34.73 15.46 49.95
C ASP G 266 34.75 16.72 50.85
N THR G 267 34.66 16.49 52.17
CA THR G 267 34.67 17.54 53.20
C THR G 267 35.50 17.10 54.43
N GLU G 268 35.89 18.08 55.27
CA GLU G 268 36.69 17.80 56.47
C GLU G 268 35.82 17.30 57.62
N ARG G 269 35.46 15.99 57.56
CA ARG G 269 34.64 15.25 58.52
C ARG G 269 33.31 15.98 58.89
N MET G 270 32.67 16.62 57.90
CA MET G 270 31.39 17.34 58.09
C MET G 270 30.19 16.43 57.79
N TYR G 271 29.17 16.43 58.67
CA TYR G 271 27.97 15.61 58.53
C TYR G 271 26.67 16.42 58.66
N LEU G 272 25.56 15.89 58.07
CA LEU G 272 24.21 16.48 58.09
C LEU G 272 23.68 16.48 59.53
N CYS G 273 23.44 17.68 60.08
CA CYS G 273 23.01 17.90 61.47
C CYS G 273 21.78 18.80 61.59
N LEU G 274 21.22 18.94 62.81
CA LEU G 274 20.05 19.76 63.11
C LEU G 274 20.24 20.64 64.36
N SER G 275 19.89 21.95 64.24
CA SER G 275 19.93 22.91 65.35
C SER G 275 18.53 23.54 65.37
N GLN G 276 17.64 22.97 66.19
CA GLN G 276 16.21 23.32 66.29
C GLN G 276 15.54 23.05 64.94
N GLU G 277 14.78 24.02 64.37
CA GLU G 277 14.10 23.87 63.08
C GLU G 277 15.03 23.90 61.86
N ARG G 278 16.27 24.41 62.03
CA ARG G 278 17.24 24.54 60.95
C ARG G 278 18.23 23.40 60.84
N ILE G 279 18.58 23.01 59.61
CA ILE G 279 19.58 21.98 59.35
C ILE G 279 20.94 22.62 59.02
N ILE G 280 22.02 22.17 59.68
CA ILE G 280 23.36 22.70 59.49
C ILE G 280 24.41 21.57 59.45
N GLN G 281 25.69 21.94 59.29
CA GLN G 281 26.81 21.00 59.24
C GLN G 281 27.33 20.71 60.68
N PHE G 282 28.08 19.61 60.86
CA PHE G 282 28.69 19.25 62.15
C PHE G 282 30.07 18.64 61.98
N GLN G 283 31.06 19.22 62.70
CA GLN G 283 32.47 18.81 62.74
C GLN G 283 32.57 17.56 63.61
N ALA G 284 33.04 16.44 63.03
CA ALA G 284 33.18 15.18 63.74
C ALA G 284 34.59 15.02 64.33
N THR G 285 34.65 14.61 65.61
CA THR G 285 35.91 14.38 66.32
C THR G 285 36.25 12.89 66.19
N PRO G 286 37.39 12.51 65.55
CA PRO G 286 37.72 11.09 65.42
C PRO G 286 38.22 10.50 66.74
N CYS G 287 37.77 9.28 67.05
CA CYS G 287 38.16 8.57 68.27
C CYS G 287 39.64 8.17 68.24
N PRO G 288 40.43 8.44 69.31
CA PRO G 288 41.85 8.06 69.30
C PRO G 288 42.09 6.55 69.41
N LYS G 289 41.08 5.80 69.91
CA LYS G 289 41.13 4.34 70.06
C LYS G 289 40.87 3.65 68.71
N GLU G 290 39.82 4.07 67.98
CA GLU G 290 39.44 3.50 66.68
C GLU G 290 39.43 4.56 65.57
N GLN G 291 40.29 4.36 64.55
CA GLN G 291 40.43 5.25 63.39
C GLN G 291 39.26 5.13 62.39
N ASN G 292 38.41 4.09 62.58
CA ASN G 292 37.25 3.80 61.74
C ASN G 292 35.93 4.41 62.29
N LYS G 293 35.98 4.99 63.52
CA LYS G 293 34.84 5.62 64.19
C LYS G 293 35.04 7.10 64.41
N GLU G 294 33.96 7.89 64.29
CA GLU G 294 33.94 9.35 64.48
C GLU G 294 32.79 9.77 65.40
N MET G 295 33.07 10.64 66.39
CA MET G 295 32.06 11.12 67.34
C MET G 295 31.08 12.11 66.70
N ILE G 296 29.77 11.81 66.80
CA ILE G 296 28.68 12.62 66.24
C ILE G 296 27.51 12.74 67.24
N ASN G 297 27.02 13.96 67.46
CA ASN G 297 25.90 14.25 68.37
C ASN G 297 24.54 13.71 67.91
N ASP G 298 23.51 13.79 68.78
CA ASP G 298 22.13 13.34 68.54
C ASP G 298 21.50 13.96 67.28
N GLY G 299 21.84 15.23 67.02
CA GLY G 299 21.34 15.99 65.87
C GLY G 299 21.85 15.51 64.53
N ALA G 300 22.98 14.77 64.52
CA ALA G 300 23.63 14.20 63.34
C ALA G 300 23.15 12.77 63.09
N SER G 301 22.48 12.17 64.10
CA SER G 301 21.92 10.81 64.06
C SER G 301 20.47 10.84 63.55
N TRP G 302 20.28 10.39 62.29
CA TRP G 302 19.00 10.34 61.58
C TRP G 302 18.44 8.91 61.55
N THR G 303 17.19 8.74 61.08
CA THR G 303 16.55 7.44 60.96
C THR G 303 15.88 7.35 59.60
N ILE G 304 16.26 6.33 58.83
CA ILE G 304 15.75 6.07 57.49
C ILE G 304 14.59 5.07 57.51
N ILE G 305 13.58 5.32 56.68
CA ILE G 305 12.38 4.49 56.54
C ILE G 305 11.74 4.72 55.17
N SER G 306 11.48 3.62 54.43
CA SER G 306 10.86 3.68 53.11
C SER G 306 9.41 4.14 53.23
N THR G 307 8.98 5.04 52.34
CA THR G 307 7.61 5.55 52.35
C THR G 307 6.80 5.17 51.11
N ASP G 308 5.45 5.14 51.27
CA ASP G 308 4.49 4.86 50.22
C ASP G 308 3.41 5.96 50.13
N LYS G 309 2.56 5.89 49.08
CA LYS G 309 1.48 6.85 48.81
C LYS G 309 0.24 6.15 48.24
N ALA G 310 -0.92 6.32 48.90
CA ALA G 310 -2.21 5.81 48.42
C ALA G 310 -2.98 7.04 47.88
N GLU G 311 -3.48 6.96 46.65
CA GLU G 311 -4.19 8.04 45.99
C GLU G 311 -5.54 7.56 45.46
N TYR G 312 -6.60 8.33 45.72
CA TYR G 312 -7.95 7.99 45.28
C TYR G 312 -8.62 9.23 44.76
N THR G 313 -9.07 9.20 43.51
CA THR G 313 -9.71 10.31 42.85
C THR G 313 -11.12 9.94 42.40
N PHE G 314 -12.10 10.77 42.75
CA PHE G 314 -13.50 10.55 42.38
C PHE G 314 -14.22 11.87 42.06
N TYR G 315 -15.38 11.75 41.39
CA TYR G 315 -16.26 12.86 41.01
C TYR G 315 -17.70 12.38 40.84
N GLU G 316 -18.67 13.14 41.40
CA GLU G 316 -20.10 12.84 41.29
C GLU G 316 -20.56 13.41 39.94
N GLY G 317 -20.40 12.59 38.89
CA GLY G 317 -20.73 12.93 37.52
C GLY G 317 -22.18 13.23 37.23
N MET G 318 -23.11 12.58 37.98
CA MET G 318 -24.55 12.79 37.81
C MET G 318 -25.16 13.39 39.08
N GLY G 319 -24.37 14.18 39.80
CA GLY G 319 -24.80 14.83 41.03
C GLY G 319 -24.63 13.98 42.28
N PRO G 320 -25.16 14.44 43.43
CA PRO G 320 -24.98 13.65 44.67
C PRO G 320 -25.55 12.23 44.62
N VAL G 321 -24.81 11.30 45.23
CA VAL G 321 -25.16 9.87 45.28
C VAL G 321 -25.45 9.43 46.72
N LEU G 322 -26.40 8.49 46.89
CA LEU G 322 -26.78 7.96 48.20
C LEU G 322 -25.65 7.08 48.77
N ALA G 323 -25.16 6.12 47.97
CA ALA G 323 -24.08 5.19 48.33
C ALA G 323 -22.71 5.87 48.45
N PRO G 324 -21.81 5.43 49.37
CA PRO G 324 -20.48 6.05 49.43
C PRO G 324 -19.69 5.84 48.13
N VAL G 325 -18.76 6.77 47.82
CA VAL G 325 -17.95 6.72 46.58
C VAL G 325 -16.89 5.62 46.60
N THR G 326 -16.70 4.97 47.75
CA THR G 326 -15.68 3.93 47.95
C THR G 326 -16.24 2.50 47.82
N PRO G 327 -15.40 1.46 47.60
CA PRO G 327 -13.93 1.49 47.37
C PRO G 327 -13.59 2.12 46.03
N VAL G 328 -12.71 3.14 46.04
CA VAL G 328 -12.32 3.87 44.82
C VAL G 328 -11.33 3.03 44.01
N PRO G 329 -11.69 2.68 42.75
CA PRO G 329 -10.77 1.86 41.92
C PRO G 329 -9.49 2.60 41.53
N VAL G 330 -8.41 1.84 41.40
CA VAL G 330 -7.08 2.35 41.03
C VAL G 330 -6.57 1.50 39.88
N VAL G 331 -6.17 2.14 38.77
CA VAL G 331 -5.67 1.41 37.62
C VAL G 331 -4.14 1.48 37.58
N GLU G 332 -3.51 0.33 37.82
CA GLU G 332 -2.06 0.18 37.85
C GLU G 332 -1.49 0.12 36.44
N SER G 333 -2.06 -0.77 35.59
CA SER G 333 -1.59 -0.98 34.23
C SER G 333 -2.68 -1.37 33.24
N LEU G 334 -2.31 -1.35 31.94
CA LEU G 334 -3.13 -1.73 30.81
C LEU G 334 -2.34 -2.67 29.92
N GLN G 335 -3.07 -3.48 29.14
CA GLN G 335 -2.52 -4.39 28.15
C GLN G 335 -3.60 -4.71 27.13
N LEU G 336 -3.23 -4.64 25.84
CA LEU G 336 -4.15 -4.94 24.74
C LEU G 336 -4.11 -6.44 24.46
N ASN G 337 -5.17 -6.99 23.87
CA ASN G 337 -5.22 -8.42 23.57
C ASN G 337 -5.77 -8.67 22.17
N GLY G 338 -4.96 -9.37 21.38
CA GLY G 338 -5.26 -9.74 20.00
C GLY G 338 -5.52 -11.22 19.81
N GLY G 339 -5.54 -11.96 20.92
CA GLY G 339 -5.77 -13.40 20.93
C GLY G 339 -7.20 -13.84 20.65
N GLY G 340 -8.15 -12.89 20.79
CA GLY G 340 -9.56 -13.15 20.60
C GLY G 340 -10.16 -12.59 19.31
N ASP G 341 -11.50 -12.70 19.20
CA ASP G 341 -12.30 -12.27 18.05
C ASP G 341 -12.24 -10.77 17.83
N VAL G 342 -12.43 -9.99 18.90
CA VAL G 342 -12.41 -8.53 18.88
C VAL G 342 -11.28 -8.08 19.82
N ALA G 343 -10.72 -6.87 19.58
CA ALA G 343 -9.67 -6.24 20.38
C ALA G 343 -10.18 -5.91 21.79
N MET G 344 -9.45 -6.40 22.80
CA MET G 344 -9.78 -6.25 24.22
C MET G 344 -8.69 -5.49 24.96
N LEU G 345 -9.10 -4.67 25.94
CA LEU G 345 -8.21 -3.92 26.82
C LEU G 345 -8.35 -4.51 28.22
N GLU G 346 -7.24 -5.04 28.76
CA GLU G 346 -7.20 -5.65 30.10
C GLU G 346 -6.63 -4.66 31.11
N LEU G 347 -7.45 -4.32 32.11
CA LEU G 347 -7.11 -3.39 33.19
C LEU G 347 -6.70 -4.16 34.44
N THR G 348 -5.55 -3.79 35.00
CA THR G 348 -4.99 -4.35 36.23
C THR G 348 -4.94 -3.23 37.25
N GLY G 349 -5.35 -3.54 38.47
CA GLY G 349 -5.36 -2.59 39.56
C GLY G 349 -5.98 -3.11 40.83
N GLN G 350 -6.74 -2.24 41.50
CA GLN G 350 -7.44 -2.55 42.74
C GLN G 350 -8.80 -1.90 42.84
N ASN G 351 -9.66 -2.50 43.68
CA ASN G 351 -11.01 -2.05 44.06
C ASN G 351 -12.00 -2.06 42.90
N PHE G 352 -11.79 -2.94 41.91
CA PHE G 352 -12.73 -3.05 40.80
C PHE G 352 -14.02 -3.72 41.30
N THR G 353 -15.18 -3.30 40.76
CA THR G 353 -16.50 -3.83 41.14
C THR G 353 -17.33 -4.11 39.88
N PRO G 354 -18.28 -5.09 39.91
CA PRO G 354 -19.09 -5.37 38.71
C PRO G 354 -19.85 -4.18 38.13
N ASN G 355 -20.18 -3.19 38.99
CA ASN G 355 -20.91 -1.97 38.62
C ASN G 355 -20.02 -0.86 38.01
N LEU G 356 -18.89 -1.23 37.37
CA LEU G 356 -18.02 -0.26 36.68
C LEU G 356 -18.05 -0.50 35.17
N ARG G 357 -17.77 0.55 34.42
CA ARG G 357 -17.65 0.49 32.96
C ARG G 357 -16.47 1.34 32.56
N VAL G 358 -15.66 0.85 31.62
CA VAL G 358 -14.53 1.62 31.10
C VAL G 358 -15.07 2.54 30.02
N TRP G 359 -14.65 3.82 30.05
CA TRP G 359 -15.05 4.81 29.06
C TRP G 359 -13.80 5.32 28.32
N PHE G 360 -13.89 5.39 27.00
CA PHE G 360 -12.86 5.91 26.10
C PHE G 360 -13.46 7.24 25.64
N GLY G 361 -13.03 8.33 26.27
CA GLY G 361 -13.61 9.65 26.05
C GLY G 361 -15.03 9.66 26.59
N ASP G 362 -16.02 9.96 25.72
CA ASP G 362 -17.44 9.98 26.03
C ASP G 362 -18.11 8.70 25.47
N VAL G 363 -17.29 7.65 25.21
CA VAL G 363 -17.77 6.40 24.65
C VAL G 363 -17.68 5.28 25.69
N GLU G 364 -18.85 4.86 26.19
CA GLU G 364 -19.00 3.78 27.18
C GLU G 364 -18.66 2.45 26.51
N ALA G 365 -17.75 1.67 27.10
CA ALA G 365 -17.35 0.39 26.53
C ALA G 365 -18.03 -0.80 27.23
N GLU G 366 -18.18 -1.93 26.49
CA GLU G 366 -18.74 -3.16 27.04
C GLU G 366 -17.66 -3.69 27.99
N THR G 367 -17.93 -3.62 29.31
CA THR G 367 -17.00 -4.00 30.36
C THR G 367 -17.38 -5.33 31.01
N MET G 368 -16.38 -6.20 31.20
CA MET G 368 -16.48 -7.51 31.82
C MET G 368 -15.67 -7.52 33.12
N TYR G 369 -16.32 -7.77 34.25
CA TYR G 369 -15.67 -7.86 35.56
C TYR G 369 -15.18 -9.30 35.80
N ARG G 370 -13.96 -9.45 36.30
CA ARG G 370 -13.41 -10.78 36.61
C ARG G 370 -13.20 -10.86 38.13
N CYS G 371 -12.39 -9.94 38.68
CA CYS G 371 -12.13 -9.79 40.11
C CYS G 371 -11.74 -8.33 40.40
N GLY G 372 -11.59 -7.98 41.69
CA GLY G 372 -11.25 -6.62 42.12
C GLY G 372 -9.94 -6.08 41.58
N GLU G 373 -9.11 -6.95 41.01
CA GLU G 373 -7.80 -6.62 40.44
C GLU G 373 -7.76 -6.74 38.91
N SER G 374 -8.79 -7.36 38.30
CA SER G 374 -8.84 -7.56 36.85
C SER G 374 -10.20 -7.30 36.23
N MET G 375 -10.22 -6.41 35.23
CA MET G 375 -11.38 -6.05 34.44
C MET G 375 -10.97 -6.01 32.98
N LEU G 376 -11.89 -6.39 32.11
CA LEU G 376 -11.75 -6.43 30.66
C LEU G 376 -12.80 -5.55 30.03
N CYS G 377 -12.49 -4.97 28.86
CA CYS G 377 -13.45 -4.15 28.11
C CYS G 377 -13.23 -4.27 26.61
N VAL G 378 -14.31 -4.13 25.82
CA VAL G 378 -14.24 -4.21 24.36
C VAL G 378 -13.87 -2.83 23.85
N VAL G 379 -12.65 -2.73 23.26
CA VAL G 379 -12.13 -1.48 22.70
C VAL G 379 -13.14 -0.98 21.62
N PRO G 380 -13.69 0.25 21.78
CA PRO G 380 -14.66 0.74 20.78
C PRO G 380 -14.06 0.86 19.38
N ASP G 381 -14.88 0.72 18.34
CA ASP G 381 -14.41 0.92 16.98
C ASP G 381 -14.12 2.43 16.79
N ILE G 382 -13.11 2.77 15.96
CA ILE G 382 -12.71 4.15 15.63
C ILE G 382 -13.91 5.01 15.15
N SER G 383 -14.93 4.40 14.51
CA SER G 383 -16.14 5.06 14.02
C SER G 383 -16.91 5.78 15.15
N ALA G 384 -16.78 5.30 16.40
CA ALA G 384 -17.39 5.90 17.59
C ALA G 384 -16.85 7.32 17.86
N PHE G 385 -15.68 7.64 17.27
CA PHE G 385 -14.97 8.92 17.38
C PHE G 385 -14.91 9.66 16.04
N ARG G 386 -15.83 9.36 15.11
CA ARG G 386 -15.89 10.00 13.78
C ARG G 386 -17.34 10.47 13.50
N GLU G 387 -18.15 10.65 14.59
CA GLU G 387 -19.58 10.94 14.57
C GLU G 387 -20.00 12.29 14.00
N GLY G 388 -19.21 13.34 14.20
CA GLY G 388 -19.63 14.67 13.74
C GLY G 388 -18.81 15.24 12.62
N TRP G 389 -18.09 16.32 12.92
N TRP G 389 -18.10 16.33 12.93
CA TRP G 389 -17.20 17.06 12.04
CA TRP G 389 -17.20 17.07 12.04
C TRP G 389 -15.81 16.40 12.04
C TRP G 389 -15.84 16.35 11.99
N ARG G 390 -15.57 15.51 13.01
CA ARG G 390 -14.33 14.74 13.17
C ARG G 390 -14.34 13.39 12.39
N TRP G 391 -15.01 13.38 11.21
CA TRP G 391 -15.18 12.22 10.35
C TRP G 391 -13.94 11.85 9.53
N VAL G 392 -13.01 12.81 9.35
CA VAL G 392 -11.78 12.63 8.57
C VAL G 392 -10.88 11.58 9.26
N ARG G 393 -10.27 10.68 8.46
CA ARG G 393 -9.33 9.65 8.94
C ARG G 393 -8.07 10.36 9.45
N GLN G 394 -7.94 10.46 10.77
CA GLN G 394 -6.85 11.16 11.45
C GLN G 394 -6.58 10.50 12.81
N PRO G 395 -5.40 10.70 13.46
CA PRO G 395 -5.18 10.12 14.80
C PRO G 395 -6.15 10.70 15.84
N VAL G 396 -6.62 9.85 16.79
CA VAL G 396 -7.58 10.18 17.86
C VAL G 396 -7.00 9.75 19.21
N GLN G 397 -6.92 10.69 20.18
CA GLN G 397 -6.45 10.43 21.54
C GLN G 397 -7.58 10.74 22.50
N VAL G 398 -7.91 9.79 23.39
CA VAL G 398 -9.01 9.92 24.35
C VAL G 398 -8.59 9.45 25.76
N PRO G 399 -9.13 10.05 26.86
CA PRO G 399 -8.78 9.52 28.19
C PRO G 399 -9.49 8.20 28.48
N VAL G 400 -8.92 7.42 29.41
CA VAL G 400 -9.49 6.15 29.89
C VAL G 400 -10.03 6.47 31.27
N THR G 401 -11.31 6.16 31.52
CA THR G 401 -12.00 6.52 32.76
C THR G 401 -12.94 5.39 33.22
N LEU G 402 -13.00 5.15 34.54
CA LEU G 402 -13.90 4.15 35.12
C LEU G 402 -15.12 4.85 35.64
N VAL G 403 -16.32 4.32 35.34
CA VAL G 403 -17.56 4.94 35.76
C VAL G 403 -18.48 3.95 36.45
N ARG G 404 -19.03 4.34 37.61
CA ARG G 404 -19.97 3.53 38.39
C ARG G 404 -21.40 3.77 37.89
N ASN G 405 -22.29 2.78 38.05
CA ASN G 405 -23.69 2.80 37.62
C ASN G 405 -24.53 3.99 38.16
N ASP G 406 -24.08 4.62 39.24
CA ASP G 406 -24.75 5.76 39.85
C ASP G 406 -24.15 7.11 39.38
N GLY G 407 -23.29 7.07 38.38
CA GLY G 407 -22.67 8.24 37.78
C GLY G 407 -21.35 8.71 38.37
N VAL G 408 -20.81 8.00 39.39
CA VAL G 408 -19.52 8.37 40.00
C VAL G 408 -18.38 8.09 39.01
N ILE G 409 -17.58 9.12 38.73
CA ILE G 409 -16.48 9.09 37.78
C ILE G 409 -15.16 8.92 38.50
N TYR G 410 -14.42 7.88 38.12
CA TYR G 410 -13.09 7.56 38.63
C TYR G 410 -12.07 7.79 37.53
N SER G 411 -11.42 8.95 37.63
CA SER G 411 -10.37 9.47 36.77
C SER G 411 -9.19 8.50 36.72
N THR G 412 -8.46 8.55 35.62
CA THR G 412 -7.28 7.74 35.38
C THR G 412 -6.21 8.66 34.74
N SER G 413 -4.92 8.36 34.91
CA SER G 413 -3.86 9.16 34.29
C SER G 413 -3.51 8.60 32.88
N LEU G 414 -4.28 7.59 32.42
CA LEU G 414 -4.07 6.90 31.15
C LEU G 414 -4.95 7.40 30.00
N THR G 415 -4.35 7.47 28.82
CA THR G 415 -5.01 7.84 27.58
C THR G 415 -4.94 6.65 26.62
N PHE G 416 -5.83 6.64 25.61
CA PHE G 416 -5.91 5.62 24.57
C PHE G 416 -5.81 6.34 23.23
N THR G 417 -5.11 5.74 22.27
CA THR G 417 -4.87 6.33 20.95
C THR G 417 -5.20 5.38 19.80
N TYR G 418 -5.93 5.91 18.81
CA TYR G 418 -6.27 5.22 17.56
C TYR G 418 -5.44 5.92 16.51
N THR G 419 -4.50 5.20 15.89
CA THR G 419 -3.62 5.77 14.87
C THR G 419 -3.85 5.10 13.51
N PRO G 420 -4.47 5.82 12.54
CA PRO G 420 -4.65 5.24 11.19
C PRO G 420 -3.31 4.92 10.54
N GLU G 421 -3.26 3.81 9.80
CA GLU G 421 -2.05 3.36 9.10
C GLU G 421 -2.31 3.11 7.61
N PRO G 422 -1.36 3.48 6.70
CA PRO G 422 -1.58 3.23 5.27
C PRO G 422 -1.56 1.75 4.90
N GLU H 2 33.40 -21.91 41.53
CA GLU H 2 34.73 -22.49 41.66
C GLU H 2 35.83 -21.49 41.29
N GLU H 3 36.97 -21.54 42.02
CA GLU H 3 38.12 -20.68 41.77
C GLU H 3 39.31 -21.51 41.28
N GLY H 4 40.14 -20.90 40.43
CA GLY H 4 41.32 -21.53 39.85
C GLY H 4 41.08 -22.26 38.55
N LYS H 5 39.85 -22.27 38.05
CA LYS H 5 39.49 -22.89 36.78
C LYS H 5 38.36 -22.14 36.08
N LEU H 6 38.42 -22.10 34.75
CA LEU H 6 37.42 -21.41 33.94
C LEU H 6 36.41 -22.37 33.33
N VAL H 7 35.12 -22.09 33.53
CA VAL H 7 34.01 -22.84 32.95
C VAL H 7 33.38 -21.93 31.91
N ILE H 8 33.34 -22.40 30.66
CA ILE H 8 32.82 -21.64 29.52
C ILE H 8 31.62 -22.33 28.87
N TRP H 9 30.55 -21.56 28.61
CA TRP H 9 29.35 -22.03 27.92
C TRP H 9 29.27 -21.38 26.54
N ILE H 10 29.12 -22.20 25.50
CA ILE H 10 29.02 -21.79 24.09
C ILE H 10 28.00 -22.72 23.39
N ASN H 11 27.23 -22.21 22.41
CA ASN H 11 26.23 -23.01 21.70
C ASN H 11 26.88 -24.12 20.86
N GLY H 12 26.21 -25.28 20.81
CA GLY H 12 26.66 -26.46 20.09
C GLY H 12 26.91 -26.29 18.60
N ASP H 13 26.27 -25.29 17.96
CA ASP H 13 26.46 -25.01 16.54
C ASP H 13 27.71 -24.14 16.24
N LYS H 14 28.46 -23.76 17.31
CA LYS H 14 29.67 -22.94 17.24
C LYS H 14 30.94 -23.81 17.37
N GLY H 15 32.11 -23.20 17.13
CA GLY H 15 33.41 -23.87 17.19
C GLY H 15 33.91 -24.08 18.60
N TYR H 16 33.26 -24.98 19.36
CA TYR H 16 33.62 -25.30 20.74
C TYR H 16 34.94 -26.07 20.86
N ASN H 17 35.25 -27.00 19.92
CA ASN H 17 36.51 -27.74 19.94
C ASN H 17 37.68 -26.80 19.64
N GLY H 18 37.45 -25.82 18.77
CA GLY H 18 38.42 -24.79 18.41
C GLY H 18 38.71 -23.90 19.60
N LEU H 19 37.65 -23.57 20.36
CA LEU H 19 37.71 -22.77 21.60
C LEU H 19 38.42 -23.59 22.69
N ALA H 20 38.26 -24.92 22.67
CA ALA H 20 38.90 -25.84 23.62
C ALA H 20 40.42 -25.88 23.41
N GLU H 21 40.88 -25.69 22.14
CA GLU H 21 42.30 -25.61 21.76
C GLU H 21 42.92 -24.36 22.40
N VAL H 22 42.14 -23.25 22.43
CA VAL H 22 42.51 -21.96 23.05
C VAL H 22 42.64 -22.18 24.57
N GLY H 23 41.77 -23.01 25.14
CA GLY H 23 41.77 -23.37 26.55
C GLY H 23 42.98 -24.20 26.96
N LYS H 24 43.48 -25.07 26.03
CA LYS H 24 44.66 -25.92 26.23
C LYS H 24 45.95 -25.08 26.14
N LYS H 25 45.90 -23.96 25.40
CA LYS H 25 47.02 -23.02 25.27
C LYS H 25 47.14 -22.20 26.55
N PHE H 26 45.99 -21.75 27.10
CA PHE H 26 45.89 -20.98 28.34
C PHE H 26 46.35 -21.81 29.54
N GLU H 27 46.02 -23.12 29.54
CA GLU H 27 46.39 -24.10 30.56
C GLU H 27 47.90 -24.37 30.56
N LYS H 28 48.54 -24.39 29.37
CA LYS H 28 49.98 -24.61 29.21
C LYS H 28 50.82 -23.36 29.51
N ASP H 29 50.18 -22.18 29.50
CA ASP H 29 50.83 -20.89 29.74
C ASP H 29 50.70 -20.40 31.19
N THR H 30 49.48 -20.47 31.77
CA THR H 30 49.20 -19.98 33.13
C THR H 30 49.02 -21.08 34.18
N GLY H 31 48.62 -22.28 33.75
CA GLY H 31 48.39 -23.41 34.64
C GLY H 31 46.95 -23.54 35.10
N ILE H 32 46.06 -22.70 34.54
CA ILE H 32 44.64 -22.66 34.88
C ILE H 32 43.85 -23.53 33.89
N LYS H 33 43.19 -24.58 34.41
CA LYS H 33 42.38 -25.51 33.62
C LYS H 33 41.14 -24.83 33.05
N VAL H 34 40.84 -25.08 31.77
CA VAL H 34 39.70 -24.49 31.06
C VAL H 34 38.76 -25.60 30.55
N THR H 35 37.46 -25.50 30.91
CA THR H 35 36.43 -26.45 30.52
C THR H 35 35.39 -25.77 29.61
N VAL H 36 35.32 -26.22 28.35
CA VAL H 36 34.41 -25.70 27.35
C VAL H 36 33.20 -26.65 27.27
N GLU H 37 31.99 -26.12 27.54
CA GLU H 37 30.75 -26.89 27.52
C GLU H 37 29.72 -26.29 26.58
N HIS H 38 28.87 -27.15 25.99
CA HIS H 38 27.80 -26.75 25.08
C HIS H 38 26.45 -27.36 25.50
N PRO H 39 25.85 -26.90 26.63
CA PRO H 39 24.57 -27.47 27.06
C PRO H 39 23.38 -27.00 26.21
N ASP H 40 22.35 -27.84 26.08
CA ASP H 40 21.15 -27.51 25.33
C ASP H 40 20.37 -26.40 26.02
N LYS H 41 19.83 -25.44 25.23
CA LYS H 41 19.04 -24.29 25.69
C LYS H 41 19.79 -23.47 26.76
N LEU H 42 21.09 -23.18 26.52
CA LEU H 42 21.93 -22.42 27.47
C LEU H 42 21.50 -20.95 27.62
N GLU H 43 20.77 -20.39 26.64
CA GLU H 43 20.25 -19.02 26.69
C GLU H 43 19.14 -18.92 27.78
N GLU H 44 18.44 -20.04 28.02
CA GLU H 44 17.39 -20.20 29.03
C GLU H 44 18.01 -20.68 30.33
N LYS H 45 19.01 -21.61 30.25
CA LYS H 45 19.70 -22.20 31.38
C LYS H 45 20.48 -21.16 32.19
N PHE H 46 21.40 -20.42 31.55
CA PHE H 46 22.25 -19.39 32.18
C PHE H 46 21.49 -18.47 33.15
N PRO H 47 20.40 -17.72 32.78
CA PRO H 47 19.74 -16.85 33.76
C PRO H 47 19.16 -17.56 34.98
N GLN H 48 18.88 -18.86 34.89
CA GLN H 48 18.36 -19.66 36.00
C GLN H 48 19.50 -19.98 36.99
N VAL H 49 20.61 -20.57 36.49
CA VAL H 49 21.79 -20.92 37.29
C VAL H 49 22.52 -19.69 37.83
N ALA H 50 22.65 -18.64 37.01
CA ALA H 50 23.34 -17.40 37.41
C ALA H 50 22.63 -16.64 38.52
N ALA H 51 21.27 -16.71 38.57
CA ALA H 51 20.44 -16.05 39.58
C ALA H 51 20.77 -16.54 40.98
N THR H 52 20.93 -17.88 41.14
CA THR H 52 21.28 -18.53 42.41
C THR H 52 22.76 -18.24 42.79
N GLY H 53 23.57 -17.90 41.79
CA GLY H 53 24.99 -17.58 41.95
C GLY H 53 25.91 -18.65 41.39
N ASP H 54 25.36 -19.57 40.57
CA ASP H 54 26.09 -20.68 39.95
C ASP H 54 26.19 -20.49 38.43
N GLY H 55 26.47 -21.57 37.70
CA GLY H 55 26.62 -21.57 36.24
C GLY H 55 28.05 -21.44 35.76
N PRO H 56 28.29 -20.90 34.54
CA PRO H 56 29.68 -20.78 34.06
C PRO H 56 30.34 -19.47 34.51
N ASP H 57 31.63 -19.30 34.18
CA ASP H 57 32.40 -18.09 34.47
C ASP H 57 32.25 -17.15 33.28
N ILE H 58 32.28 -17.72 32.04
CA ILE H 58 32.13 -17.02 30.77
C ILE H 58 30.98 -17.64 29.97
N ILE H 59 30.07 -16.78 29.47
CA ILE H 59 28.91 -17.14 28.64
C ILE H 59 29.03 -16.60 27.21
N PHE H 60 28.89 -17.47 26.19
CA PHE H 60 28.95 -17.12 24.77
C PHE H 60 27.57 -17.21 24.14
N TRP H 61 27.06 -16.08 23.66
CA TRP H 61 25.77 -15.96 22.96
C TRP H 61 25.77 -14.66 22.16
N ALA H 62 24.81 -14.49 21.24
CA ALA H 62 24.65 -13.25 20.49
C ALA H 62 24.25 -12.15 21.48
N HIS H 63 24.68 -10.91 21.22
CA HIS H 63 24.48 -9.73 22.07
C HIS H 63 23.04 -9.46 22.54
N ASP H 64 22.02 -9.94 21.77
CA ASP H 64 20.60 -9.69 22.03
C ASP H 64 20.08 -10.17 23.37
N ARG H 65 20.68 -11.23 23.96
CA ARG H 65 20.23 -11.78 25.24
C ARG H 65 20.89 -11.14 26.46
N PHE H 66 22.06 -10.52 26.25
CA PHE H 66 22.94 -9.92 27.27
C PHE H 66 22.34 -8.72 28.01
N GLY H 67 21.47 -7.95 27.36
CA GLY H 67 20.82 -6.80 27.98
C GLY H 67 19.93 -7.16 29.15
N GLY H 68 19.23 -8.29 29.03
CA GLY H 68 18.38 -8.82 30.07
C GLY H 68 19.21 -9.40 31.19
N TYR H 69 20.34 -10.07 30.82
CA TYR H 69 21.29 -10.67 31.76
C TYR H 69 21.94 -9.59 32.64
N ALA H 70 22.22 -8.40 32.03
CA ALA H 70 22.80 -7.24 32.68
C ALA H 70 21.79 -6.62 33.64
N GLN H 71 20.53 -6.48 33.18
CA GLN H 71 19.40 -5.94 33.97
C GLN H 71 19.16 -6.79 35.24
N SER H 72 19.26 -8.12 35.11
CA SER H 72 19.08 -9.08 36.19
C SER H 72 20.29 -9.13 37.14
N GLY H 73 21.41 -8.53 36.73
CA GLY H 73 22.63 -8.47 37.51
C GLY H 73 23.43 -9.76 37.53
N LEU H 74 23.46 -10.46 36.39
CA LEU H 74 24.18 -11.72 36.22
C LEU H 74 25.52 -11.47 35.54
N LEU H 75 25.70 -10.27 34.97
CA LEU H 75 26.94 -9.95 34.27
C LEU H 75 27.82 -8.97 35.01
N ALA H 76 29.14 -9.18 34.89
CA ALA H 76 30.18 -8.32 35.43
C ALA H 76 30.45 -7.22 34.40
N GLU H 77 30.74 -6.00 34.86
CA GLU H 77 31.06 -4.89 33.96
C GLU H 77 32.47 -5.09 33.41
N ILE H 78 32.58 -5.18 32.09
CA ILE H 78 33.88 -5.35 31.48
C ILE H 78 34.46 -3.95 31.26
N THR H 79 35.71 -3.76 31.66
CA THR H 79 36.42 -2.48 31.60
C THR H 79 37.77 -2.62 30.89
N PRO H 80 37.79 -2.75 29.54
CA PRO H 80 39.08 -2.90 28.85
C PRO H 80 39.81 -1.58 28.63
N ASP H 81 41.12 -1.68 28.39
CA ASP H 81 41.98 -0.51 28.13
C ASP H 81 41.73 0.00 26.71
N LYS H 82 42.03 1.29 26.48
CA LYS H 82 41.89 2.00 25.20
C LYS H 82 42.62 1.25 24.08
N ALA H 83 43.87 0.77 24.36
CA ALA H 83 44.70 -0.01 23.44
C ALA H 83 43.98 -1.28 22.99
N PHE H 84 43.22 -1.91 23.91
CA PHE H 84 42.45 -3.11 23.57
C PHE H 84 41.17 -2.76 22.80
N GLN H 85 40.43 -1.70 23.23
CA GLN H 85 39.18 -1.25 22.59
C GLN H 85 39.34 -0.85 21.14
N ASP H 86 40.53 -0.32 20.79
CA ASP H 86 40.88 0.10 19.44
C ASP H 86 41.13 -1.10 18.50
N LYS H 87 41.51 -2.28 19.06
CA LYS H 87 41.76 -3.50 18.30
C LYS H 87 40.46 -4.11 17.71
N LEU H 88 39.30 -3.69 18.25
CA LEU H 88 37.96 -4.15 17.88
C LEU H 88 37.12 -3.01 17.27
N TYR H 89 36.22 -3.34 16.30
CA TYR H 89 35.36 -2.34 15.63
C TYR H 89 34.41 -1.60 16.58
N PRO H 90 34.28 -0.25 16.47
CA PRO H 90 33.40 0.49 17.38
C PRO H 90 31.95 -0.01 17.42
N PHE H 91 31.39 -0.42 16.27
CA PHE H 91 30.00 -0.91 16.22
C PHE H 91 29.83 -2.24 16.96
N THR H 92 30.91 -3.03 17.07
CA THR H 92 30.87 -4.30 17.81
C THR H 92 30.78 -4.00 19.32
N TRP H 93 31.44 -2.91 19.76
CA TRP H 93 31.40 -2.46 21.16
C TRP H 93 30.04 -1.84 21.48
N ASP H 94 29.37 -1.25 20.48
CA ASP H 94 28.05 -0.63 20.62
C ASP H 94 26.97 -1.69 20.92
N ALA H 95 27.12 -2.90 20.33
CA ALA H 95 26.20 -4.02 20.52
C ALA H 95 26.27 -4.58 21.96
N VAL H 96 27.46 -4.49 22.59
CA VAL H 96 27.72 -4.99 23.95
C VAL H 96 27.59 -3.88 25.01
N ARG H 97 27.03 -2.72 24.63
CA ARG H 97 26.85 -1.62 25.58
C ARG H 97 25.41 -1.56 26.08
N TYR H 98 25.23 -1.56 27.40
CA TYR H 98 23.93 -1.48 28.06
C TYR H 98 24.03 -0.48 29.21
N ASN H 99 23.24 0.62 29.10
CA ASN H 99 23.18 1.73 30.05
C ASN H 99 24.57 2.36 30.31
N GLY H 100 25.28 2.63 29.22
CA GLY H 100 26.60 3.24 29.23
C GLY H 100 27.70 2.39 29.87
N LYS H 101 27.48 1.06 29.88
CA LYS H 101 28.43 0.09 30.44
C LYS H 101 28.60 -1.07 29.48
N LEU H 102 29.85 -1.52 29.31
CA LEU H 102 30.19 -2.66 28.47
C LEU H 102 29.96 -3.93 29.32
N ILE H 103 29.06 -4.80 28.85
CA ILE H 103 28.62 -5.99 29.59
C ILE H 103 29.18 -7.31 29.05
N ALA H 104 29.83 -7.27 27.87
CA ALA H 104 30.43 -8.43 27.22
C ALA H 104 31.53 -8.02 26.25
N TYR H 105 32.28 -9.00 25.73
CA TYR H 105 33.34 -8.79 24.76
C TYR H 105 32.78 -9.25 23.41
N PRO H 106 32.69 -8.38 22.39
CA PRO H 106 32.24 -8.86 21.08
C PRO H 106 33.31 -9.73 20.43
N ILE H 107 32.90 -10.76 19.68
CA ILE H 107 33.80 -11.71 19.01
C ILE H 107 33.62 -11.67 17.50
N ALA H 108 32.36 -11.87 17.01
CA ALA H 108 32.08 -11.93 15.57
C ALA H 108 30.67 -11.51 15.18
N VAL H 109 30.55 -10.83 14.03
CA VAL H 109 29.30 -10.36 13.44
C VAL H 109 28.81 -11.47 12.50
N GLU H 110 27.58 -11.94 12.74
CA GLU H 110 26.96 -13.03 12.00
C GLU H 110 25.58 -12.70 11.48
N ALA H 111 25.32 -13.08 10.24
CA ALA H 111 24.06 -12.86 9.54
C ALA H 111 23.75 -14.07 8.67
N LEU H 112 22.45 -14.32 8.43
CA LEU H 112 22.00 -15.43 7.59
C LEU H 112 22.19 -15.07 6.12
N SER H 113 22.52 -16.05 5.31
CA SER H 113 22.71 -15.87 3.88
C SER H 113 22.05 -17.03 3.17
N LEU H 114 21.85 -16.90 1.84
CA LEU H 114 21.30 -17.98 1.05
C LEU H 114 22.47 -18.86 0.64
N ILE H 115 22.42 -20.12 1.06
CA ILE H 115 23.43 -21.11 0.72
C ILE H 115 22.81 -22.01 -0.35
N TYR H 116 23.35 -21.97 -1.58
CA TYR H 116 22.84 -22.74 -2.71
C TYR H 116 23.83 -23.75 -3.27
N ASN H 117 23.32 -24.80 -3.92
CA ASN H 117 24.09 -25.87 -4.56
C ASN H 117 24.28 -25.46 -6.01
N LYS H 118 25.55 -25.17 -6.39
CA LYS H 118 25.92 -24.70 -7.73
C LYS H 118 25.66 -25.72 -8.86
N ASP H 119 25.77 -27.02 -8.55
CA ASP H 119 25.55 -28.09 -9.54
C ASP H 119 24.06 -28.19 -9.88
N LEU H 120 23.21 -28.21 -8.84
CA LEU H 120 21.76 -28.31 -8.96
C LEU H 120 21.14 -27.01 -9.44
N LEU H 121 21.71 -25.86 -9.03
CA LEU H 121 21.20 -24.52 -9.32
C LEU H 121 22.39 -23.52 -9.53
N PRO H 122 22.85 -23.30 -10.79
CA PRO H 122 23.99 -22.39 -11.02
C PRO H 122 23.67 -20.92 -10.78
N ASN H 123 22.43 -20.50 -11.12
CA ASN H 123 21.95 -19.14 -10.92
C ASN H 123 20.88 -19.14 -9.83
N PRO H 124 21.24 -18.72 -8.59
CA PRO H 124 20.26 -18.74 -7.49
C PRO H 124 19.14 -17.70 -7.68
N PRO H 125 17.91 -17.99 -7.19
CA PRO H 125 16.80 -17.04 -7.36
C PRO H 125 17.02 -15.70 -6.69
N LYS H 126 16.71 -14.63 -7.41
CA LYS H 126 16.84 -13.27 -6.89
C LYS H 126 15.61 -12.91 -6.02
N THR H 127 14.48 -13.63 -6.19
CA THR H 127 13.23 -13.42 -5.46
C THR H 127 12.66 -14.69 -4.78
N TRP H 128 11.85 -14.51 -3.72
CA TRP H 128 11.19 -15.60 -2.99
C TRP H 128 10.05 -16.19 -3.84
N GLU H 129 9.37 -15.32 -4.60
CA GLU H 129 8.24 -15.64 -5.47
C GLU H 129 8.55 -16.64 -6.58
N GLU H 130 9.82 -16.76 -7.00
CA GLU H 130 10.21 -17.67 -8.07
C GLU H 130 10.66 -19.06 -7.56
N ILE H 131 10.74 -19.25 -6.23
CA ILE H 131 11.14 -20.51 -5.59
C ILE H 131 10.12 -21.65 -5.89
N PRO H 132 8.77 -21.47 -5.80
CA PRO H 132 7.84 -22.57 -6.14
C PRO H 132 8.00 -23.11 -7.55
N ALA H 133 8.35 -22.24 -8.53
CA ALA H 133 8.60 -22.62 -9.92
C ALA H 133 9.88 -23.47 -10.00
N LEU H 134 10.91 -23.12 -9.20
CA LEU H 134 12.17 -23.89 -9.13
C LEU H 134 11.91 -25.24 -8.47
N ASP H 135 10.96 -25.28 -7.51
CA ASP H 135 10.56 -26.50 -6.81
C ASP H 135 9.97 -27.52 -7.77
N LYS H 136 9.08 -27.09 -8.71
CA LYS H 136 8.48 -27.98 -9.72
C LYS H 136 9.55 -28.68 -10.55
N GLU H 137 10.53 -27.89 -11.06
CA GLU H 137 11.67 -28.36 -11.85
C GLU H 137 12.50 -29.38 -11.07
N LEU H 138 12.87 -29.05 -9.82
CA LEU H 138 13.68 -29.90 -8.93
C LEU H 138 12.96 -31.17 -8.50
N LYS H 139 11.63 -31.09 -8.21
CA LYS H 139 10.81 -32.24 -7.80
C LYS H 139 10.80 -33.35 -8.86
N ALA H 140 10.84 -32.95 -10.15
CA ALA H 140 10.91 -33.84 -11.32
C ALA H 140 12.25 -34.62 -11.30
N LYS H 141 13.33 -33.97 -10.83
CA LYS H 141 14.68 -34.55 -10.69
C LYS H 141 14.85 -35.27 -9.33
N GLY H 142 13.75 -35.44 -8.60
CA GLY H 142 13.70 -36.10 -7.30
C GLY H 142 14.34 -35.31 -6.17
N LYS H 143 14.41 -33.99 -6.32
CA LYS H 143 15.02 -33.07 -5.36
C LYS H 143 14.01 -31.98 -4.95
N SER H 144 14.42 -31.03 -4.07
CA SER H 144 13.58 -29.92 -3.63
C SER H 144 14.35 -28.59 -3.74
N ALA H 145 13.63 -27.45 -3.77
CA ALA H 145 14.25 -26.15 -3.91
C ALA H 145 14.87 -25.59 -2.62
N LEU H 146 14.06 -25.48 -1.55
CA LEU H 146 14.49 -24.88 -0.29
C LEU H 146 14.17 -25.73 0.95
N MET H 147 15.07 -25.66 1.94
CA MET H 147 14.96 -26.35 3.21
C MET H 147 15.77 -25.60 4.26
N PHE H 148 15.09 -25.06 5.29
CA PHE H 148 15.73 -24.34 6.40
C PHE H 148 14.96 -24.56 7.71
N ASN H 149 15.62 -24.21 8.85
CA ASN H 149 15.05 -24.35 10.19
C ASN H 149 13.76 -23.54 10.36
N LEU H 150 12.64 -24.25 10.55
CA LEU H 150 11.32 -23.62 10.73
C LEU H 150 10.86 -23.65 12.20
N GLN H 151 11.75 -24.11 13.11
CA GLN H 151 11.46 -24.19 14.55
C GLN H 151 12.02 -22.98 15.30
N GLU H 152 12.94 -22.23 14.65
CA GLU H 152 13.58 -21.05 15.22
C GLU H 152 13.26 -19.78 14.43
N PRO H 153 12.58 -18.79 15.06
CA PRO H 153 12.16 -17.56 14.35
C PRO H 153 13.26 -16.75 13.66
N TYR H 154 14.52 -16.89 14.12
CA TYR H 154 15.70 -16.23 13.57
C TYR H 154 15.82 -16.39 12.05
N PHE H 155 15.49 -17.59 11.55
CA PHE H 155 15.56 -18.01 10.15
C PHE H 155 14.40 -17.51 9.29
N THR H 156 13.23 -17.30 9.90
CA THR H 156 12.00 -16.86 9.22
C THR H 156 11.83 -15.33 9.31
N TRP H 157 12.57 -14.69 10.25
CA TRP H 157 12.55 -13.25 10.46
C TRP H 157 12.97 -12.45 9.20
N PRO H 158 14.01 -12.86 8.41
CA PRO H 158 14.35 -12.09 7.20
C PRO H 158 13.16 -11.87 6.25
N LEU H 159 12.25 -12.88 6.15
CA LEU H 159 11.05 -12.83 5.31
C LEU H 159 9.94 -11.97 5.94
N ILE H 160 9.79 -12.05 7.27
CA ILE H 160 8.82 -11.28 8.05
C ILE H 160 9.16 -9.77 8.00
N ALA H 161 10.48 -9.43 8.07
CA ALA H 161 10.99 -8.06 8.06
C ALA H 161 11.04 -7.38 6.70
N ALA H 162 11.25 -8.15 5.62
CA ALA H 162 11.36 -7.71 4.23
C ALA H 162 10.33 -6.65 3.78
N ASP H 163 9.00 -6.94 3.87
CA ASP H 163 7.93 -6.02 3.44
C ASP H 163 7.56 -4.96 4.51
N GLY H 164 8.02 -5.11 5.75
CA GLY H 164 7.72 -4.10 6.76
C GLY H 164 7.67 -4.50 8.22
N GLY H 165 7.92 -5.77 8.51
CA GLY H 165 7.91 -6.28 9.88
C GLY H 165 9.11 -5.77 10.65
N TYR H 166 8.93 -5.55 11.95
CA TYR H 166 10.00 -5.08 12.82
C TYR H 166 9.77 -5.46 14.29
N ALA H 167 10.87 -5.62 15.03
CA ALA H 167 10.82 -5.94 16.44
C ALA H 167 10.44 -4.65 17.20
N PHE H 168 11.41 -3.74 17.45
CA PHE H 168 11.18 -2.46 18.13
C PHE H 168 11.70 -1.33 17.28
N LYS H 169 10.93 -0.23 17.17
CA LYS H 169 11.31 0.95 16.41
C LYS H 169 12.41 1.70 17.13
N TYR H 170 13.36 2.26 16.37
CA TYR H 170 14.44 3.05 16.95
C TYR H 170 14.11 4.54 16.79
N GLU H 171 13.61 5.15 17.88
CA GLU H 171 13.24 6.55 17.92
C GLU H 171 14.25 7.34 18.76
N ASN H 172 14.78 8.45 18.18
CA ASN H 172 15.82 9.33 18.73
C ASN H 172 17.13 8.56 18.92
N GLY H 173 17.51 8.29 20.18
CA GLY H 173 18.71 7.52 20.50
C GLY H 173 18.40 6.31 21.33
N LYS H 174 17.16 5.79 21.22
CA LYS H 174 16.67 4.65 21.98
C LYS H 174 15.63 3.81 21.19
N TYR H 175 15.29 2.64 21.74
CA TYR H 175 14.28 1.77 21.17
C TYR H 175 12.97 2.06 21.89
N ASP H 176 11.88 2.20 21.13
CA ASP H 176 10.56 2.44 21.71
C ASP H 176 9.97 1.07 22.05
N ILE H 177 10.08 0.70 23.33
CA ILE H 177 9.66 -0.59 23.89
C ILE H 177 8.12 -0.78 23.87
N LYS H 178 7.41 0.17 23.23
CA LYS H 178 5.97 0.18 23.03
C LYS H 178 5.65 0.05 21.53
N ASP H 179 6.64 0.35 20.66
CA ASP H 179 6.48 0.29 19.20
C ASP H 179 6.97 -1.04 18.58
N VAL H 180 6.04 -2.02 18.49
CA VAL H 180 6.29 -3.36 17.96
C VAL H 180 5.56 -3.53 16.60
N GLY H 181 6.31 -3.96 15.58
CA GLY H 181 5.79 -4.15 14.23
C GLY H 181 5.72 -5.60 13.79
N VAL H 182 5.18 -6.44 14.69
CA VAL H 182 4.99 -7.89 14.49
C VAL H 182 3.62 -8.18 13.80
N ASP H 183 2.62 -7.27 13.88
CA ASP H 183 1.33 -7.49 13.22
C ASP H 183 1.00 -6.44 12.13
N ASN H 184 2.05 -5.85 11.51
CA ASN H 184 1.81 -4.90 10.42
C ASN H 184 1.65 -5.67 9.10
N ALA H 185 1.23 -4.97 8.03
CA ALA H 185 1.02 -5.58 6.72
C ALA H 185 2.26 -6.34 6.22
N GLY H 186 3.44 -5.75 6.41
CA GLY H 186 4.71 -6.32 6.02
C GLY H 186 5.00 -7.68 6.63
N ALA H 187 4.81 -7.79 7.96
CA ALA H 187 5.00 -9.03 8.74
C ALA H 187 3.99 -10.11 8.30
N LYS H 188 2.76 -9.67 8.01
CA LYS H 188 1.64 -10.52 7.59
C LYS H 188 1.89 -11.13 6.23
N ALA H 189 2.40 -10.33 5.27
CA ALA H 189 2.71 -10.75 3.91
C ALA H 189 3.84 -11.78 3.88
N GLY H 190 4.83 -11.59 4.75
CA GLY H 190 5.99 -12.46 4.89
C GLY H 190 5.61 -13.81 5.44
N LEU H 191 4.89 -13.82 6.58
CA LEU H 191 4.45 -15.08 7.20
C LEU H 191 3.42 -15.81 6.33
N THR H 192 2.54 -15.07 5.61
CA THR H 192 1.56 -15.67 4.69
C THR H 192 2.30 -16.43 3.60
N PHE H 193 3.41 -15.84 3.07
CA PHE H 193 4.23 -16.47 2.03
C PHE H 193 4.86 -17.76 2.51
N LEU H 194 5.39 -17.78 3.75
CA LEU H 194 6.02 -18.96 4.34
C LEU H 194 4.98 -20.07 4.53
N VAL H 195 3.78 -19.69 5.04
CA VAL H 195 2.65 -20.60 5.26
C VAL H 195 2.16 -21.17 3.92
N ASP H 196 2.20 -20.35 2.84
CA ASP H 196 1.81 -20.77 1.50
C ASP H 196 2.80 -21.78 0.93
N LEU H 197 4.10 -21.62 1.24
CA LEU H 197 5.15 -22.57 0.81
C LEU H 197 4.92 -23.91 1.49
N ILE H 198 4.46 -23.88 2.76
CA ILE H 198 4.17 -25.08 3.56
C ILE H 198 2.85 -25.76 3.07
N LYS H 199 1.77 -24.97 2.92
CA LYS H 199 0.47 -25.43 2.46
C LYS H 199 0.54 -26.07 1.07
N ASN H 200 1.45 -25.54 0.20
CA ASN H 200 1.62 -26.03 -1.17
C ASN H 200 2.76 -27.07 -1.29
N LYS H 201 3.16 -27.68 -0.15
CA LYS H 201 4.15 -28.77 -0.03
C LYS H 201 5.58 -28.45 -0.56
N HIS H 202 5.94 -27.16 -0.64
CA HIS H 202 7.29 -26.75 -1.06
C HIS H 202 8.27 -26.86 0.12
N MET H 203 7.74 -26.79 1.35
CA MET H 203 8.46 -26.88 2.61
C MET H 203 7.61 -27.65 3.64
N ASN H 204 8.25 -28.24 4.67
CA ASN H 204 7.55 -28.99 5.71
C ASN H 204 7.68 -28.28 7.05
N ALA H 205 6.54 -28.03 7.73
CA ALA H 205 6.46 -27.36 9.03
C ALA H 205 7.31 -28.01 10.12
N ASP H 206 7.54 -29.34 10.02
CA ASP H 206 8.33 -30.12 10.98
C ASP H 206 9.86 -30.02 10.77
N THR H 207 10.31 -29.28 9.75
CA THR H 207 11.75 -29.12 9.44
C THR H 207 12.46 -28.26 10.50
N ASP H 208 13.53 -28.83 11.08
CA ASP H 208 14.38 -28.15 12.06
C ASP H 208 15.81 -27.94 11.47
N TYR H 209 16.79 -27.55 12.31
CA TYR H 209 18.17 -27.31 11.90
C TYR H 209 18.84 -28.56 11.30
N SER H 210 18.86 -29.69 12.04
CA SER H 210 19.49 -30.94 11.61
C SER H 210 18.88 -31.55 10.35
N ILE H 211 17.53 -31.55 10.21
CA ILE H 211 16.81 -32.08 9.04
C ILE H 211 17.25 -31.34 7.76
N ALA H 212 17.23 -30.00 7.77
CA ALA H 212 17.62 -29.14 6.65
C ALA H 212 19.11 -29.26 6.31
N GLU H 213 19.98 -29.37 7.35
CA GLU H 213 21.43 -29.49 7.20
C GLU H 213 21.76 -30.80 6.49
N ALA H 214 21.08 -31.90 6.89
CA ALA H 214 21.26 -33.23 6.29
C ALA H 214 20.87 -33.19 4.81
N ALA H 215 19.68 -32.66 4.49
CA ALA H 215 19.17 -32.53 3.13
C ALA H 215 20.08 -31.72 2.20
N PHE H 216 20.64 -30.60 2.69
CA PHE H 216 21.54 -29.79 1.86
C PHE H 216 22.87 -30.50 1.62
N ASN H 217 23.55 -30.92 2.70
CA ASN H 217 24.84 -31.60 2.65
C ASN H 217 24.80 -32.94 1.90
N LYS H 218 23.61 -33.60 1.86
CA LYS H 218 23.42 -34.85 1.12
C LYS H 218 23.04 -34.58 -0.35
N GLY H 219 22.84 -33.31 -0.70
CA GLY H 219 22.49 -32.88 -2.05
C GLY H 219 21.04 -33.06 -2.44
N GLU H 220 20.17 -33.34 -1.45
CA GLU H 220 18.73 -33.54 -1.63
C GLU H 220 17.98 -32.22 -1.90
N THR H 221 18.40 -31.12 -1.26
CA THR H 221 17.79 -29.81 -1.46
C THR H 221 18.78 -28.84 -2.14
N ALA H 222 18.26 -27.97 -3.03
CA ALA H 222 19.06 -27.02 -3.80
C ALA H 222 19.56 -25.82 -3.00
N MET H 223 18.78 -25.38 -1.99
CA MET H 223 19.09 -24.21 -1.17
C MET H 223 18.79 -24.41 0.32
N THR H 224 19.49 -23.61 1.14
CA THR H 224 19.31 -23.53 2.60
C THR H 224 19.60 -22.11 3.10
N ILE H 225 19.01 -21.76 4.24
CA ILE H 225 19.25 -20.47 4.88
C ILE H 225 19.97 -20.79 6.17
N ASN H 226 21.23 -20.30 6.29
CA ASN H 226 22.06 -20.52 7.46
C ASN H 226 23.14 -19.47 7.61
N GLY H 227 23.85 -19.49 8.74
CA GLY H 227 24.91 -18.57 9.06
C GLY H 227 26.30 -19.12 8.80
N PRO H 228 27.36 -18.33 9.07
CA PRO H 228 28.73 -18.78 8.81
C PRO H 228 29.17 -20.08 9.47
N TRP H 229 28.64 -20.36 10.67
CA TRP H 229 28.94 -21.57 11.45
C TRP H 229 28.65 -22.88 10.71
N ALA H 230 27.68 -22.85 9.77
CA ALA H 230 27.27 -24.01 8.98
C ALA H 230 28.18 -24.39 7.82
N TRP H 231 29.12 -23.50 7.42
CA TRP H 231 30.01 -23.69 6.26
C TRP H 231 30.96 -24.89 6.36
N SER H 232 31.47 -25.19 7.58
CA SER H 232 32.42 -26.29 7.84
C SER H 232 31.89 -27.68 7.49
N ASN H 233 30.63 -27.97 7.81
CA ASN H 233 29.98 -29.25 7.53
C ASN H 233 29.70 -29.41 6.03
N ILE H 234 29.38 -28.29 5.33
CA ILE H 234 29.15 -28.28 3.89
C ILE H 234 30.48 -28.53 3.16
N ASP H 235 31.59 -28.05 3.77
CA ASP H 235 32.93 -28.26 3.23
C ASP H 235 33.30 -29.74 3.23
N THR H 236 33.05 -30.45 4.36
CA THR H 236 33.34 -31.88 4.51
C THR H 236 32.47 -32.73 3.57
N SER H 237 31.26 -32.25 3.25
CA SER H 237 30.35 -32.92 2.32
C SER H 237 30.79 -32.64 0.86
N LYS H 238 30.36 -33.45 -0.11
CA LYS H 238 30.78 -33.28 -1.51
C LYS H 238 29.89 -32.27 -2.29
N VAL H 239 29.62 -31.11 -1.67
CA VAL H 239 28.75 -30.07 -2.24
C VAL H 239 29.56 -28.85 -2.72
N ASN H 240 29.36 -28.47 -4.02
CA ASN H 240 29.91 -27.27 -4.66
C ASN H 240 28.87 -26.19 -4.33
N TYR H 241 29.03 -25.55 -3.17
CA TYR H 241 28.08 -24.57 -2.67
C TYR H 241 28.50 -23.12 -2.92
N GLY H 242 27.50 -22.25 -2.83
CA GLY H 242 27.64 -20.81 -2.96
C GLY H 242 26.92 -20.12 -1.82
N VAL H 243 27.50 -19.02 -1.34
CA VAL H 243 26.90 -18.20 -0.27
C VAL H 243 26.57 -16.87 -0.92
N THR H 244 25.29 -16.52 -0.95
CA THR H 244 24.85 -15.29 -1.61
C THR H 244 23.78 -14.52 -0.82
N VAL H 245 23.30 -13.41 -1.41
CA VAL H 245 22.26 -12.53 -0.89
C VAL H 245 20.96 -13.33 -0.76
N LEU H 246 20.20 -13.11 0.32
CA LEU H 246 18.90 -13.75 0.50
C LEU H 246 17.95 -13.20 -0.60
N PRO H 247 16.98 -14.01 -1.12
CA PRO H 247 16.12 -13.49 -2.18
C PRO H 247 15.19 -12.36 -1.72
N THR H 248 14.76 -11.50 -2.63
CA THR H 248 13.90 -10.37 -2.29
C THR H 248 12.43 -10.79 -2.15
N PHE H 249 11.68 -10.13 -1.25
CA PHE H 249 10.25 -10.36 -1.10
C PHE H 249 9.50 -9.10 -1.47
N LYS H 250 8.51 -9.21 -2.38
CA LYS H 250 7.71 -8.08 -2.88
C LYS H 250 8.61 -6.94 -3.41
N GLY H 251 9.72 -7.33 -4.02
CA GLY H 251 10.73 -6.42 -4.58
C GLY H 251 11.67 -5.77 -3.57
N GLN H 252 11.45 -6.03 -2.26
N GLN H 252 11.44 -6.02 -2.26
CA GLN H 252 12.23 -5.48 -1.14
CA GLN H 252 12.22 -5.47 -1.14
C GLN H 252 13.24 -6.50 -0.59
C GLN H 252 13.23 -6.50 -0.58
N PRO H 253 14.44 -6.08 -0.10
CA PRO H 253 15.40 -7.06 0.43
C PRO H 253 14.96 -7.76 1.70
N SER H 254 15.33 -9.05 1.84
CA SER H 254 15.10 -9.82 3.05
C SER H 254 16.02 -9.19 4.10
N LYS H 255 15.47 -8.85 5.27
CA LYS H 255 16.21 -8.17 6.33
C LYS H 255 16.54 -9.14 7.48
N PRO H 256 17.68 -9.88 7.43
CA PRO H 256 17.99 -10.78 8.55
C PRO H 256 18.39 -10.02 9.81
N PHE H 257 18.23 -10.64 10.98
CA PHE H 257 18.62 -9.98 12.22
C PHE H 257 20.11 -10.22 12.44
N VAL H 258 20.87 -9.12 12.57
CA VAL H 258 22.32 -9.19 12.72
C VAL H 258 22.70 -9.44 14.18
N GLY H 259 23.44 -10.52 14.38
CA GLY H 259 23.91 -10.93 15.69
C GLY H 259 25.41 -10.76 15.87
N VAL H 260 25.81 -10.39 17.10
CA VAL H 260 27.21 -10.19 17.46
C VAL H 260 27.52 -11.19 18.57
N LEU H 261 28.24 -12.29 18.21
CA LEU H 261 28.62 -13.33 19.18
C LEU H 261 29.47 -12.66 20.25
N SER H 262 28.96 -12.66 21.48
CA SER H 262 29.58 -11.97 22.60
C SER H 262 29.91 -12.88 23.76
N ALA H 263 30.95 -12.52 24.53
CA ALA H 263 31.36 -13.27 25.71
C ALA H 263 31.27 -12.39 26.95
N GLY H 264 30.34 -12.74 27.82
CA GLY H 264 30.11 -12.04 29.06
C GLY H 264 30.73 -12.77 30.21
N ILE H 265 30.99 -12.07 31.31
CA ILE H 265 31.59 -12.68 32.49
C ILE H 265 30.52 -12.68 33.61
N ASN H 266 30.28 -13.85 34.22
CA ASN H 266 29.31 -14.02 35.31
C ASN H 266 29.71 -13.17 36.51
N ALA H 267 28.75 -12.37 37.03
CA ALA H 267 28.94 -11.48 38.17
C ALA H 267 29.32 -12.25 39.45
N ALA H 268 28.84 -13.50 39.56
CA ALA H 268 29.09 -14.42 40.68
C ALA H 268 30.44 -15.12 40.59
N SER H 269 31.09 -15.09 39.42
CA SER H 269 32.39 -15.74 39.15
C SER H 269 33.57 -15.15 39.93
N PRO H 270 34.37 -16.00 40.61
CA PRO H 270 35.53 -15.47 41.35
C PRO H 270 36.81 -15.36 40.51
N ASN H 271 36.74 -15.75 39.21
CA ASN H 271 37.87 -15.73 38.28
C ASN H 271 37.70 -14.63 37.21
N LYS H 272 37.17 -13.45 37.61
CA LYS H 272 36.92 -12.29 36.73
C LYS H 272 38.17 -11.76 36.01
N GLU H 273 39.34 -11.82 36.68
CA GLU H 273 40.62 -11.42 36.11
C GLU H 273 41.18 -12.49 35.17
N LEU H 274 40.99 -13.77 35.53
CA LEU H 274 41.42 -14.92 34.73
C LEU H 274 40.60 -15.00 33.44
N ALA H 275 39.31 -14.61 33.52
CA ALA H 275 38.39 -14.53 32.38
C ALA H 275 38.81 -13.40 31.44
N LYS H 276 39.16 -12.21 32.00
CA LYS H 276 39.62 -11.04 31.25
C LYS H 276 40.92 -11.37 30.51
N GLU H 277 41.85 -12.08 31.20
CA GLU H 277 43.15 -12.52 30.67
C GLU H 277 42.99 -13.43 29.45
N PHE H 278 42.14 -14.48 29.58
CA PHE H 278 41.86 -15.46 28.54
C PHE H 278 41.16 -14.82 27.33
N LEU H 279 40.16 -13.96 27.57
CA LEU H 279 39.39 -13.33 26.51
C LEU H 279 40.17 -12.29 25.71
N GLU H 280 40.91 -11.39 26.40
CA GLU H 280 41.68 -10.33 25.77
C GLU H 280 42.99 -10.78 25.11
N ASN H 281 43.83 -11.54 25.83
CA ASN H 281 45.16 -11.92 25.38
C ASN H 281 45.27 -13.30 24.72
N TYR H 282 44.21 -14.12 24.79
CA TYR H 282 44.26 -15.45 24.19
C TYR H 282 43.20 -15.64 23.10
N LEU H 283 41.91 -15.41 23.40
CA LEU H 283 40.86 -15.58 22.40
C LEU H 283 40.83 -14.45 21.36
N LEU H 284 40.76 -13.18 21.82
CA LEU H 284 40.70 -12.04 20.90
C LEU H 284 42.09 -11.66 20.37
N THR H 285 42.70 -12.62 19.65
CA THR H 285 44.00 -12.54 18.97
C THR H 285 43.83 -13.21 17.60
N ASP H 286 44.74 -12.94 16.64
CA ASP H 286 44.70 -13.53 15.31
C ASP H 286 44.79 -15.06 15.41
N GLU H 287 45.69 -15.57 16.27
CA GLU H 287 45.90 -16.99 16.53
C GLU H 287 44.72 -17.62 17.27
N GLY H 288 44.20 -16.91 18.27
CA GLY H 288 43.06 -17.33 19.09
C GLY H 288 41.78 -17.46 18.29
N LEU H 289 41.43 -16.43 17.50
CA LEU H 289 40.23 -16.43 16.67
C LEU H 289 40.35 -17.40 15.49
N GLU H 290 41.58 -17.69 15.03
CA GLU H 290 41.85 -18.62 13.94
C GLU H 290 41.44 -20.04 14.34
N ALA H 291 41.76 -20.45 15.58
CA ALA H 291 41.46 -21.76 16.15
C ALA H 291 39.96 -22.06 16.15
N VAL H 292 39.13 -21.08 16.57
CA VAL H 292 37.67 -21.20 16.62
C VAL H 292 37.10 -21.25 15.20
N ASN H 293 37.57 -20.33 14.33
CA ASN H 293 37.14 -20.22 12.93
C ASN H 293 37.46 -21.48 12.13
N LYS H 294 38.62 -22.12 12.41
CA LYS H 294 39.08 -23.36 11.78
C LYS H 294 38.07 -24.49 12.04
N ASP H 295 37.48 -24.56 13.26
CA ASP H 295 36.48 -25.57 13.59
C ASP H 295 35.19 -25.21 12.85
N LYS H 296 34.55 -24.08 13.22
CA LYS H 296 33.31 -23.58 12.62
C LYS H 296 33.44 -22.06 12.37
N PRO H 297 33.30 -21.58 11.11
CA PRO H 297 33.48 -20.13 10.84
C PRO H 297 32.64 -19.20 11.70
N LEU H 298 33.28 -18.14 12.19
CA LEU H 298 32.69 -17.13 13.08
C LEU H 298 31.93 -16.04 12.34
N GLY H 299 32.34 -15.74 11.11
CA GLY H 299 31.78 -14.69 10.29
C GLY H 299 32.77 -13.55 10.18
N ALA H 300 32.28 -12.32 10.35
CA ALA H 300 33.14 -11.13 10.34
C ALA H 300 33.56 -10.84 11.77
N VAL H 301 34.78 -11.25 12.14
CA VAL H 301 35.32 -11.11 13.49
C VAL H 301 35.46 -9.62 13.90
N ALA H 302 35.26 -9.34 15.20
CA ALA H 302 35.34 -8.01 15.79
C ALA H 302 36.76 -7.45 15.80
N LEU H 303 37.77 -8.33 15.90
CA LEU H 303 39.19 -7.96 15.90
C LEU H 303 39.60 -7.49 14.50
N LYS H 304 39.88 -6.18 14.38
CA LYS H 304 40.25 -5.47 13.15
C LYS H 304 41.35 -6.16 12.33
N SER H 305 42.42 -6.66 13.00
CA SER H 305 43.57 -7.33 12.39
C SER H 305 43.22 -8.65 11.68
N TYR H 306 42.37 -9.49 12.30
CA TYR H 306 41.96 -10.77 11.71
C TYR H 306 40.87 -10.61 10.65
N GLU H 307 39.96 -9.62 10.84
CA GLU H 307 38.87 -9.31 9.91
C GLU H 307 39.43 -8.92 8.55
N GLU H 308 40.50 -8.10 8.54
CA GLU H 308 41.16 -7.64 7.32
C GLU H 308 41.66 -8.82 6.46
N GLU H 309 42.23 -9.85 7.11
CA GLU H 309 42.73 -11.07 6.46
C GLU H 309 41.60 -11.97 5.94
N LEU H 310 40.41 -11.93 6.59
CA LEU H 310 39.25 -12.74 6.21
C LEU H 310 38.27 -12.03 5.25
N ALA H 311 38.37 -10.70 5.11
CA ALA H 311 37.49 -9.87 4.26
C ALA H 311 37.46 -10.28 2.79
N LYS H 312 38.58 -10.79 2.26
CA LYS H 312 38.74 -11.25 0.87
C LYS H 312 37.85 -12.48 0.51
N ASP H 313 37.33 -13.20 1.54
CA ASP H 313 36.48 -14.39 1.38
C ASP H 313 35.12 -14.00 0.82
N PRO H 314 34.70 -14.57 -0.35
CA PRO H 314 33.38 -14.21 -0.92
C PRO H 314 32.20 -14.56 -0.01
N ARG H 315 32.33 -15.60 0.84
CA ARG H 315 31.28 -16.05 1.76
C ARG H 315 31.07 -15.03 2.87
N ILE H 316 32.16 -14.43 3.38
CA ILE H 316 32.11 -13.39 4.42
C ILE H 316 31.61 -12.07 3.79
N ALA H 317 32.00 -11.84 2.52
CA ALA H 317 31.57 -10.68 1.73
C ALA H 317 30.07 -10.74 1.49
N ALA H 318 29.51 -11.95 1.35
CA ALA H 318 28.08 -12.21 1.17
C ALA H 318 27.32 -12.00 2.48
N THR H 319 27.92 -12.45 3.62
CA THR H 319 27.37 -12.31 4.97
C THR H 319 27.21 -10.82 5.32
N MET H 320 28.23 -9.99 4.98
CA MET H 320 28.22 -8.55 5.23
C MET H 320 27.16 -7.81 4.41
N GLU H 321 26.94 -8.23 3.15
CA GLU H 321 25.92 -7.66 2.27
C GLU H 321 24.53 -7.91 2.87
N ASN H 322 24.30 -9.14 3.35
CA ASN H 322 23.05 -9.52 4.01
C ASN H 322 22.91 -8.80 5.35
N ALA H 323 24.05 -8.56 6.07
CA ALA H 323 24.07 -7.83 7.34
C ALA H 323 23.72 -6.35 7.15
N GLN H 324 24.21 -5.75 6.04
CA GLN H 324 23.95 -4.36 5.67
C GLN H 324 22.49 -4.13 5.32
N LYS H 325 21.87 -5.10 4.62
CA LYS H 325 20.46 -5.03 4.23
C LYS H 325 19.53 -5.32 5.43
N GLY H 326 20.07 -6.03 6.42
CA GLY H 326 19.36 -6.37 7.66
C GLY H 326 19.50 -5.27 8.70
N GLU H 327 19.55 -5.66 9.98
CA GLU H 327 19.63 -4.75 11.13
C GLU H 327 20.25 -5.41 12.35
N ILE H 328 21.11 -4.68 13.08
CA ILE H 328 21.71 -5.17 14.34
C ILE H 328 20.56 -5.31 15.35
N MET H 329 20.45 -6.47 16.00
CA MET H 329 19.40 -6.74 16.98
C MET H 329 19.49 -5.78 18.18
N PRO H 330 18.35 -5.39 18.79
CA PRO H 330 18.45 -4.60 20.02
C PRO H 330 18.98 -5.51 21.13
N ASN H 331 19.77 -4.97 22.09
CA ASN H 331 20.27 -5.79 23.20
C ASN H 331 19.36 -5.63 24.42
N ILE H 332 18.30 -4.82 24.29
CA ILE H 332 17.32 -4.48 25.33
C ILE H 332 16.73 -5.73 26.03
N PRO H 333 16.30 -5.61 27.31
CA PRO H 333 15.77 -6.79 28.03
C PRO H 333 14.50 -7.41 27.46
N GLN H 334 13.71 -6.64 26.68
CA GLN H 334 12.44 -7.05 26.06
C GLN H 334 12.59 -8.10 24.96
N MET H 335 13.82 -8.26 24.44
CA MET H 335 14.17 -9.17 23.33
C MET H 335 13.79 -10.63 23.54
N SER H 336 13.93 -11.14 24.76
CA SER H 336 13.60 -12.51 25.12
C SER H 336 12.10 -12.78 24.91
N ALA H 337 11.23 -11.88 25.44
CA ALA H 337 9.77 -11.94 25.34
C ALA H 337 9.33 -11.83 23.86
N PHE H 338 10.04 -10.97 23.08
CA PHE H 338 9.80 -10.77 21.66
C PHE H 338 10.01 -12.09 20.92
N TRP H 339 11.18 -12.72 21.12
CA TRP H 339 11.54 -13.98 20.47
C TRP H 339 10.59 -15.12 20.75
N TYR H 340 10.12 -15.26 22.00
CA TYR H 340 9.16 -16.30 22.41
C TYR H 340 7.82 -16.13 21.69
N ALA H 341 7.39 -14.87 21.51
CA ALA H 341 6.14 -14.50 20.85
C ALA H 341 6.18 -14.83 19.35
N VAL H 342 7.32 -14.55 18.70
CA VAL H 342 7.48 -14.78 17.26
C VAL H 342 7.64 -16.29 16.98
N ARG H 343 8.33 -17.03 17.88
CA ARG H 343 8.49 -18.49 17.81
C ARG H 343 7.11 -19.18 17.79
N THR H 344 6.23 -18.75 18.72
CA THR H 344 4.87 -19.28 18.88
C THR H 344 4.04 -19.01 17.62
N ALA H 345 4.08 -17.76 17.13
CA ALA H 345 3.34 -17.32 15.94
C ALA H 345 3.73 -18.12 14.71
N VAL H 346 5.06 -18.23 14.43
CA VAL H 346 5.61 -18.95 13.28
C VAL H 346 5.18 -20.42 13.32
N ILE H 347 5.33 -21.10 14.48
CA ILE H 347 4.95 -22.50 14.66
C ILE H 347 3.44 -22.73 14.45
N ASN H 348 2.58 -21.91 15.11
CA ASN H 348 1.12 -22.01 15.04
C ASN H 348 0.54 -21.66 13.66
N ALA H 349 1.21 -20.80 12.89
CA ALA H 349 0.79 -20.43 11.55
C ALA H 349 1.19 -21.54 10.57
N ALA H 350 2.43 -22.09 10.74
CA ALA H 350 3.00 -23.16 9.93
C ALA H 350 2.26 -24.49 10.06
N SER H 351 1.82 -24.82 11.29
CA SER H 351 1.09 -26.05 11.62
C SER H 351 -0.39 -26.01 11.21
N GLY H 352 -0.92 -24.81 11.01
CA GLY H 352 -2.32 -24.60 10.66
C GLY H 352 -3.19 -24.42 11.89
N ARG H 353 -2.57 -24.44 13.09
CA ARG H 353 -3.23 -24.27 14.39
C ARG H 353 -3.93 -22.90 14.49
N GLN H 354 -3.30 -21.86 13.93
CA GLN H 354 -3.84 -20.50 13.91
C GLN H 354 -3.61 -19.89 12.53
N THR H 355 -4.49 -18.96 12.14
CA THR H 355 -4.31 -18.22 10.88
C THR H 355 -3.14 -17.21 11.07
N VAL H 356 -2.55 -16.70 9.96
CA VAL H 356 -1.44 -15.74 10.01
C VAL H 356 -1.84 -14.49 10.83
N ASP H 357 -3.02 -13.91 10.56
CA ASP H 357 -3.55 -12.74 11.26
C ASP H 357 -3.64 -12.96 12.78
N GLU H 358 -4.31 -14.07 13.20
CA GLU H 358 -4.49 -14.43 14.61
C GLU H 358 -3.16 -14.72 15.32
N ALA H 359 -2.20 -15.36 14.62
CA ALA H 359 -0.90 -15.70 15.17
C ALA H 359 -0.07 -14.44 15.43
N LEU H 360 0.01 -13.52 14.44
CA LEU H 360 0.78 -12.27 14.55
C LEU H 360 0.12 -11.23 15.45
N LYS H 361 -1.21 -11.28 15.60
CA LYS H 361 -1.93 -10.38 16.49
C LYS H 361 -1.63 -10.75 17.95
N ASP H 362 -1.63 -12.06 18.27
CA ASP H 362 -1.31 -12.59 19.60
C ASP H 362 0.16 -12.32 19.92
N ALA H 363 1.05 -12.54 18.93
CA ALA H 363 2.48 -12.33 19.05
C ALA H 363 2.80 -10.87 19.33
N GLN H 364 2.05 -9.95 18.69
CA GLN H 364 2.18 -8.51 18.82
C GLN H 364 2.07 -8.06 20.29
N THR H 365 0.98 -8.46 20.95
CA THR H 365 0.70 -8.07 22.34
C THR H 365 1.50 -8.91 23.36
N ASN H 366 2.12 -10.04 22.92
CA ASN H 366 2.94 -10.90 23.78
C ASN H 366 4.40 -10.45 23.82
N ALA H 367 4.84 -9.74 22.78
CA ALA H 367 6.21 -9.31 22.59
C ALA H 367 6.73 -8.25 23.54
N ALA H 368 5.87 -7.33 24.08
CA ALA H 368 6.42 -6.25 24.92
C ALA H 368 5.59 -5.72 26.11
N ALA H 369 4.36 -6.20 26.39
CA ALA H 369 3.53 -5.72 27.55
C ALA H 369 2.99 -4.26 27.47
N GLY H 370 3.71 -3.39 26.79
CA GLY H 370 3.30 -2.00 26.57
C GLY H 370 2.97 -1.74 25.12
N ALA H 371 3.04 -2.80 24.28
CA ALA H 371 2.82 -2.82 22.83
C ALA H 371 1.38 -2.55 22.41
N GLY H 372 1.23 -2.06 21.17
CA GLY H 372 -0.04 -1.78 20.55
C GLY H 372 -0.66 -2.98 19.87
N LEU H 373 -1.75 -2.76 19.14
CA LEU H 373 -2.44 -3.80 18.41
C LEU H 373 -3.10 -3.19 17.20
N ARG H 374 -2.82 -3.75 16.02
CA ARG H 374 -3.40 -3.26 14.77
C ARG H 374 -4.73 -3.97 14.49
N VAL H 375 -5.77 -3.19 14.12
CA VAL H 375 -7.11 -3.69 13.85
C VAL H 375 -7.57 -3.34 12.44
N ASN H 376 -8.31 -4.25 11.81
CA ASN H 376 -8.89 -4.02 10.49
C ASN H 376 -10.25 -3.39 10.71
N THR H 377 -10.45 -2.18 10.14
CA THR H 377 -11.70 -1.41 10.26
C THR H 377 -12.27 -1.10 8.90
N SER H 378 -13.52 -0.63 8.86
CA SER H 378 -14.25 -0.23 7.66
C SER H 378 -13.55 0.95 6.96
N GLU H 379 -12.70 1.70 7.69
CA GLU H 379 -11.93 2.83 7.16
C GLU H 379 -10.47 2.46 6.87
N GLY H 380 -10.05 1.27 7.30
CA GLY H 380 -8.69 0.77 7.09
C GLY H 380 -8.00 0.28 8.34
N VAL H 381 -6.68 0.09 8.26
CA VAL H 381 -5.90 -0.40 9.39
C VAL H 381 -5.66 0.74 10.40
N VAL H 382 -5.98 0.46 11.68
CA VAL H 382 -5.81 1.39 12.80
C VAL H 382 -4.93 0.71 13.86
N LEU H 383 -3.95 1.45 14.41
CA LEU H 383 -3.10 0.98 15.50
C LEU H 383 -3.65 1.47 16.84
N LEU H 384 -4.04 0.52 17.70
CA LEU H 384 -4.57 0.79 19.04
C LEU H 384 -3.39 0.82 19.99
N SER H 385 -3.27 1.90 20.77
CA SER H 385 -2.19 2.07 21.76
C SER H 385 -2.67 2.86 22.96
N TYR H 386 -1.89 2.82 24.06
CA TYR H 386 -2.17 3.50 25.33
C TYR H 386 -0.88 4.07 25.98
N SER H 387 -1.02 5.05 26.92
CA SER H 387 0.08 5.67 27.67
C SER H 387 -0.44 6.39 28.92
N GLY H 388 0.42 6.52 29.94
CA GLY H 388 0.10 7.20 31.21
C GLY H 388 0.61 6.55 32.48
N GLN H 389 1.19 5.33 32.36
CA GLN H 389 1.73 4.56 33.49
C GLN H 389 3.27 4.63 33.53
N LYS H 390 3.85 5.75 33.02
CA LYS H 390 5.28 6.05 32.92
C LYS H 390 6.14 5.56 34.10
N THR H 391 7.02 4.58 33.82
CA THR H 391 7.95 3.98 34.79
C THR H 391 9.27 3.62 34.12
N GLU H 392 10.31 4.42 34.40
CA GLU H 392 11.66 4.24 33.85
C GLU H 392 12.72 4.91 34.74
N GLY H 393 12.69 6.23 34.82
CA GLY H 393 13.66 7.03 35.56
C GLY H 393 14.91 7.16 34.72
N PRO H 394 15.24 8.36 34.20
CA PRO H 394 16.42 8.45 33.31
C PRO H 394 17.75 8.13 33.98
N GLN H 395 18.77 7.80 33.16
CA GLN H 395 20.12 7.51 33.63
C GLN H 395 20.71 8.74 34.34
N ARG H 396 20.41 9.96 33.84
CA ARG H 396 20.85 11.23 34.41
C ARG H 396 19.67 11.99 35.04
N ILE H 397 19.89 12.56 36.23
CA ILE H 397 18.88 13.33 36.97
C ILE H 397 19.36 14.78 37.15
N SER H 398 18.46 15.74 36.86
CA SER H 398 18.70 17.16 37.01
C SER H 398 18.00 17.65 38.29
N ALA H 399 18.80 18.12 39.26
CA ALA H 399 18.28 18.62 40.54
C ALA H 399 19.15 19.75 41.10
N LYS H 400 18.50 20.87 41.48
CA LYS H 400 19.16 22.05 42.04
C LYS H 400 19.69 21.75 43.45
N ILE H 401 20.98 22.01 43.67
CA ILE H 401 21.67 21.77 44.95
C ILE H 401 21.32 22.84 45.99
N SER H 402 20.90 22.39 47.17
CA SER H 402 20.61 23.24 48.32
C SER H 402 21.86 23.23 49.18
N GLN H 403 22.16 24.37 49.82
CA GLN H 403 23.32 24.51 50.68
C GLN H 403 23.07 24.02 52.09
N ILE H 404 24.01 23.24 52.64
CA ILE H 404 23.95 22.86 54.06
C ILE H 404 24.87 23.89 54.74
N PRO H 405 24.31 24.84 55.53
CA PRO H 405 25.15 25.88 56.13
C PRO H 405 26.20 25.37 57.11
N PRO H 406 27.44 25.93 57.09
CA PRO H 406 28.49 25.47 58.04
C PRO H 406 28.18 25.86 59.49
C1 GLC I . -12.01 26.05 -18.93
C2 GLC I . -10.73 25.37 -19.39
C3 GLC I . -11.03 24.09 -20.17
C4 GLC I . -11.90 23.18 -19.31
C5 GLC I . -13.17 23.92 -18.89
C6 GLC I . -14.06 23.11 -17.97
O1 GLC I . -12.73 26.57 -20.01
O2 GLC I . -9.93 26.25 -20.18
O3 GLC I . -9.81 23.42 -20.49
O4 GLC I . -12.25 22.02 -20.07
O5 GLC I . -12.81 25.12 -18.17
O6 GLC I . -15.37 23.66 -17.93
C1 GLC I . -11.63 20.80 -19.75
C2 GLC I . -11.28 20.08 -21.04
C3 GLC I . -12.57 19.67 -21.76
C4 GLC I . -13.40 18.78 -20.84
C5 GLC I . -13.68 19.50 -19.51
C6 GLC I . -14.34 18.60 -18.49
O2 GLC I . -10.53 20.93 -21.89
O3 GLC I . -12.24 19.02 -22.97
O4 GLC I . -14.64 18.43 -21.45
O5 GLC I . -12.46 19.98 -18.93
O6 GLC I . -14.67 19.31 -17.30
C1 GLC J . 22.65 -19.27 16.07
C2 GLC J . 22.86 -17.76 16.16
C3 GLC J . 21.91 -17.14 17.17
C4 GLC J . 20.48 -17.51 16.82
C5 GLC J . 20.33 -19.02 16.77
C6 GLC J . 18.96 -19.50 16.37
O1 GLC J . 23.13 -19.92 17.22
O2 GLC J . 24.20 -17.48 16.55
O3 GLC J . 22.11 -15.74 17.25
O4 GLC J . 19.66 -17.01 17.88
O5 GLC J . 21.26 -19.58 15.82
O6 GLC J . 18.88 -20.92 16.33
C1 GLC J . 18.92 -15.83 17.65
C2 GLC J . 19.04 -14.97 18.90
C3 GLC J . 18.39 -15.70 20.08
C4 GLC J . 16.95 -16.08 19.76
C5 GLC J . 16.88 -16.85 18.43
C6 GLC J . 15.47 -17.08 17.94
O2 GLC J . 20.42 -14.74 19.17
O3 GLC J . 18.45 -14.88 21.24
O4 GLC J . 16.43 -16.93 20.79
O5 GLC J . 17.56 -16.12 17.39
O6 GLC J . 15.47 -18.04 16.89
#